data_2N1H
#
_entry.id   2N1H
#
_cell.length_a   1.000
_cell.length_b   1.000
_cell.length_c   1.000
_cell.angle_alpha   90.00
_cell.angle_beta   90.00
_cell.angle_gamma   90.00
#
_symmetry.space_group_name_H-M   'P 1'
#
_entity_poly.entity_id   1
_entity_poly.type   'polypeptide(L)'
_entity_poly.pdbx_seq_one_letter_code
;YRAIKGMETKREIGGYTYKVVFYENVFQDSILLGNFASQEGNVLKYENGQSCANGPHRSAIVTVECGVENEIVSVLEAQK
CEYLIKMKSPAACS
;
_entity_poly.pdbx_strand_id   A
#
# COMPACT_ATOMS: atom_id res chain seq x y z
N TYR A 1 14.53 -3.14 -16.52
CA TYR A 1 13.51 -2.21 -17.02
C TYR A 1 12.11 -2.61 -16.54
N ARG A 2 11.97 -3.81 -16.02
CA ARG A 2 10.68 -4.32 -15.59
C ARG A 2 10.63 -4.34 -14.07
N ALA A 3 9.56 -3.83 -13.52
CA ALA A 3 9.41 -3.81 -12.08
C ALA A 3 9.07 -5.20 -11.57
N ILE A 4 9.64 -5.55 -10.45
CA ILE A 4 9.41 -6.84 -9.86
C ILE A 4 8.30 -6.73 -8.84
N LYS A 5 7.35 -7.62 -8.90
CA LYS A 5 6.26 -7.56 -7.99
C LYS A 5 6.46 -8.47 -6.82
N GLY A 6 5.80 -8.15 -5.74
CA GLY A 6 5.90 -8.94 -4.56
C GLY A 6 4.97 -10.12 -4.58
N MET A 7 4.11 -10.18 -3.62
CA MET A 7 3.19 -11.30 -3.49
C MET A 7 1.77 -10.95 -3.90
N GLU A 8 1.51 -9.65 -4.05
CA GLU A 8 0.17 -9.13 -4.38
C GLU A 8 -0.85 -9.46 -3.28
N THR A 9 -1.01 -8.56 -2.37
CA THR A 9 -2.00 -8.75 -1.36
C THR A 9 -3.20 -7.92 -1.76
N LYS A 10 -4.36 -8.51 -1.76
CA LYS A 10 -5.54 -7.82 -2.19
C LYS A 10 -6.66 -8.05 -1.23
N ARG A 11 -7.37 -7.00 -0.92
CA ARG A 11 -8.42 -7.08 0.06
C ARG A 11 -9.47 -6.03 -0.29
N GLU A 12 -10.70 -6.30 0.02
CA GLU A 12 -11.76 -5.37 -0.24
C GLU A 12 -12.03 -4.52 0.98
N ILE A 13 -11.70 -3.26 0.88
CA ILE A 13 -12.03 -2.30 1.92
C ILE A 13 -12.88 -1.20 1.29
N GLY A 14 -13.99 -0.86 1.93
CA GLY A 14 -14.86 0.21 1.45
C GLY A 14 -15.50 -0.04 0.08
N GLY A 15 -15.56 -1.28 -0.33
CA GLY A 15 -16.21 -1.63 -1.58
C GLY A 15 -15.24 -1.80 -2.72
N TYR A 16 -14.03 -1.34 -2.52
CA TYR A 16 -13.01 -1.41 -3.53
C TYR A 16 -11.88 -2.33 -3.13
N THR A 17 -11.21 -2.84 -4.12
CA THR A 17 -10.20 -3.81 -3.91
C THR A 17 -8.85 -3.14 -3.82
N TYR A 18 -8.27 -3.21 -2.68
CA TYR A 18 -6.96 -2.71 -2.46
C TYR A 18 -5.96 -3.76 -2.83
N LYS A 19 -5.04 -3.40 -3.69
CA LYS A 19 -4.03 -4.33 -4.12
C LYS A 19 -2.69 -3.76 -3.74
N VAL A 20 -1.94 -4.52 -3.00
CA VAL A 20 -0.61 -4.12 -2.62
C VAL A 20 0.37 -4.99 -3.35
N VAL A 21 1.05 -4.43 -4.33
CA VAL A 21 2.01 -5.18 -5.09
C VAL A 21 3.35 -5.21 -4.33
N PHE A 22 3.42 -4.33 -3.32
CA PHE A 22 4.50 -4.23 -2.34
C PHE A 22 5.77 -3.58 -2.94
N TYR A 23 6.27 -4.12 -4.02
CA TYR A 23 7.47 -3.57 -4.64
C TYR A 23 7.15 -2.74 -5.85
N GLU A 24 5.87 -2.54 -6.07
CA GLU A 24 5.41 -1.73 -7.17
C GLU A 24 4.55 -0.57 -6.72
N ASN A 25 3.35 -0.88 -6.28
CA ASN A 25 2.37 0.13 -5.91
C ASN A 25 1.14 -0.48 -5.29
N VAL A 26 0.18 0.39 -4.96
CA VAL A 26 -1.07 -0.02 -4.36
C VAL A 26 -2.23 0.62 -5.10
N PHE A 27 -3.25 -0.17 -5.36
CA PHE A 27 -4.41 0.32 -6.08
C PHE A 27 -5.66 0.06 -5.28
N GLN A 28 -6.70 0.76 -5.64
CA GLN A 28 -8.03 0.48 -5.20
C GLN A 28 -8.88 0.32 -6.43
N ASP A 29 -9.12 -0.93 -6.78
CA ASP A 29 -9.80 -1.36 -7.99
C ASP A 29 -8.94 -1.09 -9.20
N SER A 30 -8.94 0.14 -9.63
CA SER A 30 -8.12 0.56 -10.73
C SER A 30 -7.54 1.95 -10.45
N ILE A 31 -7.88 2.50 -9.28
CA ILE A 31 -7.39 3.81 -8.88
C ILE A 31 -6.09 3.65 -8.11
N LEU A 32 -5.05 4.16 -8.67
CA LEU A 32 -3.72 4.08 -8.11
C LEU A 32 -3.54 5.01 -6.91
N LEU A 33 -3.36 4.42 -5.73
CA LEU A 33 -3.08 5.21 -4.54
C LEU A 33 -1.70 5.87 -4.64
N GLY A 34 -0.67 5.07 -4.60
CA GLY A 34 0.66 5.61 -4.66
C GLY A 34 1.61 4.63 -5.24
N ASN A 35 2.86 5.02 -5.41
CA ASN A 35 3.87 4.15 -6.03
C ASN A 35 5.02 3.98 -5.19
N PHE A 36 5.58 2.82 -5.25
CA PHE A 36 6.70 2.48 -4.36
C PHE A 36 7.90 3.35 -4.64
N ALA A 37 8.25 4.14 -3.66
CA ALA A 37 9.35 5.05 -3.80
C ALA A 37 10.47 4.68 -2.87
N SER A 38 10.12 4.40 -1.63
CA SER A 38 11.11 4.10 -0.64
C SER A 38 10.57 3.17 0.43
N GLN A 39 11.46 2.43 1.02
CA GLN A 39 11.14 1.60 2.14
C GLN A 39 11.79 2.22 3.35
N GLU A 40 11.00 2.61 4.29
CA GLU A 40 11.47 3.26 5.48
C GLU A 40 11.24 2.36 6.66
N GLY A 41 12.29 1.73 7.11
CA GLY A 41 12.19 0.75 8.14
C GLY A 41 11.53 -0.49 7.57
N ASN A 42 10.46 -0.92 8.16
CA ASN A 42 9.71 -2.04 7.63
C ASN A 42 8.40 -1.51 7.02
N VAL A 43 8.33 -0.19 6.90
CA VAL A 43 7.19 0.50 6.33
C VAL A 43 7.51 0.93 4.91
N LEU A 44 6.65 0.59 4.00
CA LEU A 44 6.85 0.97 2.62
C LEU A 44 5.99 2.15 2.24
N LYS A 45 6.59 3.12 1.62
CA LYS A 45 5.91 4.33 1.23
C LYS A 45 5.70 4.44 -0.29
N TYR A 46 4.44 4.62 -0.66
CA TYR A 46 4.03 4.73 -2.02
C TYR A 46 3.39 6.13 -2.25
N GLU A 47 3.93 6.92 -3.15
CA GLU A 47 3.30 8.22 -3.48
C GLU A 47 3.34 8.50 -4.98
N ASN A 48 2.89 9.70 -5.37
CA ASN A 48 2.84 10.15 -6.79
C ASN A 48 1.85 9.34 -7.60
N GLY A 49 0.83 8.81 -6.93
CA GLY A 49 -0.14 7.99 -7.60
C GLY A 49 -1.16 8.80 -8.38
N GLN A 50 -2.37 8.38 -8.30
CA GLN A 50 -3.46 9.00 -9.02
C GLN A 50 -3.91 10.20 -8.16
N SER A 51 -4.35 11.26 -8.79
CA SER A 51 -4.81 12.44 -8.08
C SER A 51 -5.95 12.14 -7.09
N CYS A 52 -6.02 12.92 -6.05
CA CYS A 52 -7.02 12.76 -5.01
C CYS A 52 -8.21 13.68 -5.29
N ALA A 53 -7.95 14.73 -6.10
CA ALA A 53 -8.95 15.74 -6.54
C ALA A 53 -9.40 16.66 -5.38
N ASN A 54 -9.49 16.10 -4.21
CA ASN A 54 -9.91 16.82 -3.02
C ASN A 54 -8.69 17.16 -2.18
N GLY A 55 -7.54 16.93 -2.75
CA GLY A 55 -6.31 17.18 -2.06
C GLY A 55 -5.15 17.03 -3.00
N PRO A 56 -3.97 16.70 -2.50
CA PRO A 56 -2.79 16.50 -3.33
C PRO A 56 -2.80 15.09 -3.95
N HIS A 57 -1.65 14.66 -4.41
CA HIS A 57 -1.48 13.32 -4.92
C HIS A 57 -1.86 12.28 -3.86
N ARG A 58 -2.47 11.20 -4.27
CA ARG A 58 -2.75 10.15 -3.34
C ARG A 58 -1.44 9.47 -2.96
N SER A 59 -1.42 8.86 -1.83
CA SER A 59 -0.28 8.18 -1.32
C SER A 59 -0.75 6.98 -0.50
N ALA A 60 0.10 6.02 -0.33
CA ALA A 60 -0.21 4.85 0.43
C ALA A 60 0.98 4.51 1.28
N ILE A 61 0.75 4.24 2.52
CA ILE A 61 1.82 3.90 3.41
C ILE A 61 1.54 2.56 4.09
N VAL A 62 2.29 1.56 3.73
CA VAL A 62 2.06 0.23 4.25
C VAL A 62 2.92 -0.01 5.47
N THR A 63 2.26 -0.16 6.58
CA THR A 63 2.89 -0.39 7.82
C THR A 63 2.88 -1.88 8.08
N VAL A 64 4.04 -2.48 8.11
CA VAL A 64 4.14 -3.89 8.27
C VAL A 64 4.78 -4.21 9.60
N GLU A 65 4.13 -5.04 10.37
CA GLU A 65 4.63 -5.44 11.69
C GLU A 65 5.14 -6.88 11.65
N CYS A 66 5.06 -7.47 10.46
CA CYS A 66 5.41 -8.88 10.21
C CYS A 66 4.36 -9.81 10.86
N GLY A 67 4.25 -11.01 10.35
CA GLY A 67 3.28 -11.94 10.86
C GLY A 67 3.46 -13.31 10.28
N VAL A 68 2.42 -14.10 10.29
CA VAL A 68 2.48 -15.46 9.77
C VAL A 68 2.17 -15.48 8.27
N GLU A 69 1.30 -14.60 7.85
CA GLU A 69 0.90 -14.54 6.46
C GLU A 69 0.67 -13.08 6.11
N ASN A 70 0.69 -12.77 4.83
CA ASN A 70 0.45 -11.42 4.39
C ASN A 70 -1.04 -11.21 4.23
N GLU A 71 -1.53 -10.13 4.77
CA GLU A 71 -2.93 -9.82 4.70
C GLU A 71 -3.14 -8.36 4.99
N ILE A 72 -4.05 -7.76 4.28
CA ILE A 72 -4.43 -6.40 4.51
C ILE A 72 -5.45 -6.36 5.63
N VAL A 73 -5.04 -5.83 6.75
CA VAL A 73 -5.90 -5.77 7.90
C VAL A 73 -6.90 -4.62 7.74
N SER A 74 -6.39 -3.44 7.48
CA SER A 74 -7.21 -2.25 7.32
C SER A 74 -6.46 -1.20 6.51
N VAL A 75 -7.22 -0.26 5.97
CA VAL A 75 -6.67 0.87 5.24
C VAL A 75 -7.47 2.10 5.63
N LEU A 76 -6.80 3.15 6.01
CA LEU A 76 -7.48 4.35 6.46
C LEU A 76 -6.89 5.62 5.85
N GLU A 77 -7.74 6.43 5.29
CA GLU A 77 -7.34 7.74 4.80
C GLU A 77 -7.29 8.67 6.00
N ALA A 78 -6.15 8.72 6.64
CA ALA A 78 -6.00 9.55 7.82
C ALA A 78 -5.13 10.73 7.51
N GLN A 79 -4.19 10.54 6.62
CA GLN A 79 -3.30 11.60 6.24
C GLN A 79 -3.73 12.15 4.91
N LYS A 80 -3.17 13.28 4.55
CA LYS A 80 -3.43 14.02 3.30
C LYS A 80 -3.52 13.17 2.00
N CYS A 81 -4.71 12.58 1.79
CA CYS A 81 -4.95 11.67 0.66
C CYS A 81 -3.94 10.52 0.69
N GLU A 82 -3.45 10.25 1.87
CA GLU A 82 -2.48 9.25 2.10
C GLU A 82 -3.11 8.16 2.92
N TYR A 83 -3.12 6.99 2.36
CA TYR A 83 -3.81 5.87 2.88
C TYR A 83 -2.92 4.99 3.70
N LEU A 84 -3.28 4.85 4.96
CA LEU A 84 -2.55 4.03 5.90
C LEU A 84 -2.93 2.59 5.63
N ILE A 85 -1.99 1.79 5.28
CA ILE A 85 -2.25 0.40 5.04
C ILE A 85 -1.63 -0.40 6.16
N LYS A 86 -2.43 -1.18 6.82
CA LYS A 86 -2.00 -1.92 7.97
C LYS A 86 -1.87 -3.39 7.57
N MET A 87 -0.64 -3.93 7.59
CA MET A 87 -0.38 -5.28 7.10
C MET A 87 0.64 -5.99 7.95
N LYS A 88 0.85 -7.21 7.58
CA LYS A 88 1.83 -8.07 8.17
C LYS A 88 2.18 -9.13 7.17
N SER A 89 3.33 -9.74 7.35
CA SER A 89 3.85 -10.75 6.44
C SER A 89 5.12 -11.32 7.06
N PRO A 90 5.36 -12.65 6.94
CA PRO A 90 6.56 -13.29 7.48
C PRO A 90 7.82 -12.83 6.76
N ALA A 91 7.65 -12.44 5.51
CA ALA A 91 8.75 -11.98 4.68
C ALA A 91 9.24 -10.61 5.11
N ALA A 92 8.47 -9.98 5.99
CA ALA A 92 8.82 -8.67 6.50
C ALA A 92 9.79 -8.79 7.67
N CYS A 93 9.77 -9.92 8.33
CA CYS A 93 10.73 -10.20 9.39
C CYS A 93 12.11 -10.35 8.78
N SER A 94 13.07 -9.69 9.36
CA SER A 94 14.41 -9.68 8.90
C SER A 94 15.33 -9.34 10.06
N TYR A 1 8.31 -3.53 -12.42
CA TYR A 1 8.67 -4.50 -11.40
C TYR A 1 10.10 -4.28 -10.98
N ARG A 2 10.25 -3.53 -9.92
CA ARG A 2 11.55 -3.12 -9.46
C ARG A 2 12.16 -4.11 -8.44
N ALA A 3 12.88 -5.09 -8.98
CA ALA A 3 13.60 -6.12 -8.22
C ALA A 3 12.67 -7.06 -7.47
N ILE A 4 12.08 -6.56 -6.42
CA ILE A 4 11.21 -7.36 -5.59
C ILE A 4 9.77 -7.04 -5.94
N LYS A 5 9.07 -8.01 -6.44
CA LYS A 5 7.69 -7.81 -6.75
C LYS A 5 6.86 -8.84 -6.03
N GLY A 6 5.84 -8.40 -5.37
CA GLY A 6 4.99 -9.32 -4.65
C GLY A 6 3.75 -9.65 -5.42
N MET A 7 2.73 -8.83 -5.23
CA MET A 7 1.40 -9.02 -5.86
C MET A 7 0.79 -10.35 -5.44
N GLU A 8 0.20 -10.35 -4.27
CA GLU A 8 -0.43 -11.54 -3.75
C GLU A 8 -1.56 -11.12 -2.81
N THR A 9 -1.33 -10.07 -2.04
CA THR A 9 -2.27 -9.77 -1.01
C THR A 9 -3.35 -8.83 -1.51
N LYS A 10 -4.58 -9.26 -1.35
CA LYS A 10 -5.73 -8.50 -1.72
C LYS A 10 -6.68 -8.50 -0.60
N ARG A 11 -7.35 -7.42 -0.44
CA ARG A 11 -8.31 -7.29 0.59
C ARG A 11 -9.32 -6.30 0.09
N GLU A 12 -10.56 -6.59 0.21
CA GLU A 12 -11.53 -5.67 -0.29
C GLU A 12 -12.12 -4.89 0.85
N ILE A 13 -11.82 -3.63 0.86
CA ILE A 13 -12.29 -2.74 1.88
C ILE A 13 -13.48 -1.96 1.36
N GLY A 14 -14.62 -2.11 2.03
CA GLY A 14 -15.84 -1.45 1.63
C GLY A 14 -16.33 -1.90 0.27
N GLY A 15 -15.85 -1.24 -0.75
CA GLY A 15 -16.21 -1.56 -2.10
C GLY A 15 -15.06 -1.36 -3.03
N TYR A 16 -13.89 -1.29 -2.46
CA TYR A 16 -12.68 -1.13 -3.22
C TYR A 16 -11.67 -2.20 -2.88
N THR A 17 -11.14 -2.83 -3.90
CA THR A 17 -10.29 -3.97 -3.73
C THR A 17 -8.83 -3.55 -3.66
N TYR A 18 -8.24 -3.77 -2.54
CA TYR A 18 -6.87 -3.41 -2.31
C TYR A 18 -5.95 -4.49 -2.79
N LYS A 19 -4.98 -4.10 -3.57
CA LYS A 19 -3.98 -5.01 -4.07
C LYS A 19 -2.65 -4.49 -3.64
N VAL A 20 -1.89 -5.29 -2.95
CA VAL A 20 -0.59 -4.86 -2.56
C VAL A 20 0.46 -5.59 -3.34
N VAL A 21 1.15 -4.87 -4.19
CA VAL A 21 2.16 -5.48 -4.99
C VAL A 21 3.48 -5.49 -4.25
N PHE A 22 3.70 -4.51 -3.36
CA PHE A 22 4.99 -4.31 -2.68
C PHE A 22 6.06 -3.87 -3.66
N TYR A 23 6.70 -2.76 -3.34
CA TYR A 23 7.80 -2.16 -4.13
C TYR A 23 7.31 -1.52 -5.41
N GLU A 24 6.31 -2.09 -5.99
CA GLU A 24 5.64 -1.47 -7.10
C GLU A 24 4.72 -0.36 -6.60
N ASN A 25 3.58 -0.77 -6.05
CA ASN A 25 2.55 0.13 -5.55
C ASN A 25 1.36 -0.64 -5.01
N VAL A 26 0.31 0.09 -4.62
CA VAL A 26 -0.90 -0.49 -4.10
C VAL A 26 -2.09 0.16 -4.80
N PHE A 27 -3.07 -0.65 -5.18
CA PHE A 27 -4.24 -0.15 -5.88
C PHE A 27 -5.50 -0.43 -5.09
N GLN A 28 -6.55 0.29 -5.41
CA GLN A 28 -7.85 0.05 -4.88
C GLN A 28 -8.86 -0.04 -6.02
N ASP A 29 -9.22 -1.26 -6.36
CA ASP A 29 -10.12 -1.62 -7.45
C ASP A 29 -9.49 -1.33 -8.80
N SER A 30 -9.47 -0.08 -9.15
CA SER A 30 -8.91 0.38 -10.39
C SER A 30 -8.20 1.72 -10.16
N ILE A 31 -8.28 2.22 -8.93
CA ILE A 31 -7.70 3.49 -8.59
C ILE A 31 -6.35 3.28 -7.92
N LEU A 32 -5.34 3.90 -8.46
CA LEU A 32 -4.01 3.82 -7.93
C LEU A 32 -3.83 4.77 -6.75
N LEU A 33 -3.38 4.22 -5.63
CA LEU A 33 -3.09 5.02 -4.47
C LEU A 33 -1.84 5.86 -4.73
N GLY A 34 -0.70 5.23 -4.65
CA GLY A 34 0.54 5.93 -4.82
C GLY A 34 1.54 5.04 -5.48
N ASN A 35 2.75 5.51 -5.62
CA ASN A 35 3.80 4.75 -6.30
C ASN A 35 5.00 4.75 -5.49
N PHE A 36 5.79 3.75 -5.64
CA PHE A 36 6.98 3.59 -4.77
C PHE A 36 7.86 4.82 -4.79
N ALA A 37 7.95 5.45 -3.66
CA ALA A 37 8.73 6.65 -3.52
C ALA A 37 10.02 6.33 -2.82
N SER A 38 9.90 5.65 -1.71
CA SER A 38 11.03 5.25 -0.91
C SER A 38 10.55 4.30 0.17
N GLN A 39 11.46 3.71 0.87
CA GLN A 39 11.15 2.86 1.97
C GLN A 39 11.82 3.38 3.22
N GLU A 40 11.13 3.33 4.31
CA GLU A 40 11.66 3.81 5.55
C GLU A 40 11.55 2.70 6.58
N GLY A 41 12.65 2.01 6.76
CA GLY A 41 12.68 0.88 7.65
C GLY A 41 11.92 -0.29 7.07
N ASN A 42 10.85 -0.64 7.74
CA ASN A 42 9.99 -1.73 7.30
C ASN A 42 8.78 -1.16 6.55
N VAL A 43 8.65 0.14 6.61
CA VAL A 43 7.52 0.83 6.06
C VAL A 43 7.83 1.34 4.66
N LEU A 44 6.90 1.16 3.76
CA LEU A 44 7.10 1.54 2.37
C LEU A 44 6.19 2.72 2.03
N LYS A 45 6.71 3.72 1.33
CA LYS A 45 5.89 4.85 0.93
C LYS A 45 5.57 4.86 -0.54
N TYR A 46 4.30 5.03 -0.84
CA TYR A 46 3.83 5.12 -2.18
C TYR A 46 3.16 6.47 -2.36
N GLU A 47 3.73 7.31 -3.18
CA GLU A 47 3.23 8.66 -3.41
C GLU A 47 3.33 8.87 -4.92
N ASN A 48 2.86 9.98 -5.45
CA ASN A 48 2.87 10.28 -6.91
C ASN A 48 1.80 9.44 -7.60
N GLY A 49 0.75 9.11 -6.86
CA GLY A 49 -0.29 8.29 -7.39
C GLY A 49 -1.28 9.05 -8.23
N GLN A 50 -2.44 8.49 -8.37
CA GLN A 50 -3.50 9.02 -9.19
C GLN A 50 -4.11 10.19 -8.40
N SER A 51 -4.55 11.22 -9.10
CA SER A 51 -5.13 12.40 -8.49
C SER A 51 -6.27 12.04 -7.53
N CYS A 52 -6.29 12.70 -6.39
CA CYS A 52 -7.30 12.44 -5.39
C CYS A 52 -8.32 13.58 -5.36
N ALA A 53 -7.94 14.73 -5.95
CA ALA A 53 -8.80 15.94 -6.03
C ALA A 53 -9.12 16.48 -4.63
N ASN A 54 -8.27 16.18 -3.68
CA ASN A 54 -8.42 16.62 -2.31
C ASN A 54 -7.14 17.28 -1.83
N GLY A 55 -6.06 16.55 -1.96
CA GLY A 55 -4.76 17.05 -1.63
C GLY A 55 -3.89 17.03 -2.87
N PRO A 56 -2.56 16.97 -2.73
CA PRO A 56 -1.65 16.96 -3.89
C PRO A 56 -1.87 15.76 -4.80
N HIS A 57 -1.53 14.61 -4.30
CA HIS A 57 -1.71 13.35 -4.98
C HIS A 57 -2.07 12.31 -3.97
N ARG A 58 -2.70 11.27 -4.40
CA ARG A 58 -3.02 10.19 -3.52
C ARG A 58 -1.75 9.44 -3.14
N SER A 59 -1.72 8.94 -1.95
CA SER A 59 -0.57 8.33 -1.42
C SER A 59 -0.96 7.14 -0.54
N ALA A 60 -0.01 6.30 -0.23
CA ALA A 60 -0.21 5.13 0.57
C ALA A 60 1.03 4.85 1.39
N ILE A 61 0.84 4.62 2.65
CA ILE A 61 1.92 4.32 3.55
C ILE A 61 1.74 2.87 4.07
N VAL A 62 2.58 1.97 3.61
CA VAL A 62 2.43 0.55 3.95
C VAL A 62 3.26 0.19 5.17
N THR A 63 2.59 -0.10 6.24
CA THR A 63 3.19 -0.50 7.48
C THR A 63 2.99 -1.98 7.66
N VAL A 64 4.07 -2.73 7.71
CA VAL A 64 3.92 -4.11 7.92
C VAL A 64 4.28 -4.40 9.37
N GLU A 65 3.46 -5.16 10.03
CA GLU A 65 3.71 -5.48 11.41
C GLU A 65 4.06 -6.96 11.59
N CYS A 66 4.29 -7.61 10.47
CA CYS A 66 4.69 -9.01 10.37
C CYS A 66 3.63 -9.99 10.93
N GLY A 67 3.63 -11.18 10.41
CA GLY A 67 2.68 -12.17 10.83
C GLY A 67 3.07 -13.52 10.31
N VAL A 68 2.14 -14.42 10.24
CA VAL A 68 2.39 -15.77 9.73
C VAL A 68 1.97 -15.85 8.26
N GLU A 69 1.19 -14.89 7.84
CA GLU A 69 0.65 -14.83 6.52
C GLU A 69 0.58 -13.41 6.12
N ASN A 70 0.52 -13.20 4.85
CA ASN A 70 0.42 -11.89 4.31
C ASN A 70 -1.03 -11.52 4.10
N GLU A 71 -1.47 -10.53 4.81
CA GLU A 71 -2.81 -10.05 4.67
C GLU A 71 -2.85 -8.59 5.00
N ILE A 72 -3.79 -7.92 4.42
CA ILE A 72 -4.01 -6.53 4.70
C ILE A 72 -4.97 -6.44 5.86
N VAL A 73 -4.55 -5.80 6.91
CA VAL A 73 -5.35 -5.70 8.11
C VAL A 73 -6.39 -4.61 7.94
N SER A 74 -5.93 -3.39 7.78
CA SER A 74 -6.80 -2.25 7.65
C SER A 74 -6.12 -1.17 6.83
N VAL A 75 -6.91 -0.26 6.30
CA VAL A 75 -6.43 0.87 5.57
C VAL A 75 -7.31 2.08 5.90
N LEU A 76 -6.69 3.20 6.19
CA LEU A 76 -7.45 4.40 6.51
C LEU A 76 -6.84 5.62 5.84
N GLU A 77 -7.63 6.36 5.08
CA GLU A 77 -7.17 7.63 4.57
C GLU A 77 -7.31 8.67 5.66
N ALA A 78 -6.26 8.83 6.41
CA ALA A 78 -6.24 9.78 7.52
C ALA A 78 -5.34 10.95 7.21
N GLN A 79 -4.36 10.71 6.37
CA GLN A 79 -3.42 11.74 6.00
C GLN A 79 -3.81 12.27 4.62
N LYS A 80 -3.11 13.32 4.17
CA LYS A 80 -3.38 14.01 2.87
C LYS A 80 -3.52 13.07 1.63
N CYS A 81 -4.74 12.54 1.42
CA CYS A 81 -5.03 11.55 0.35
C CYS A 81 -4.15 10.33 0.52
N GLU A 82 -3.66 10.18 1.72
CA GLU A 82 -2.70 9.19 2.02
C GLU A 82 -3.29 8.13 2.92
N TYR A 83 -3.26 6.94 2.42
CA TYR A 83 -3.86 5.79 3.04
C TYR A 83 -2.89 5.03 3.90
N LEU A 84 -3.29 4.85 5.14
CA LEU A 84 -2.52 4.09 6.11
C LEU A 84 -2.77 2.63 5.85
N ILE A 85 -1.82 1.92 5.32
CA ILE A 85 -2.03 0.54 5.01
C ILE A 85 -1.31 -0.32 6.02
N LYS A 86 -2.05 -1.12 6.71
CA LYS A 86 -1.47 -2.06 7.63
C LYS A 86 -1.54 -3.44 7.10
N MET A 87 -0.44 -4.12 7.16
CA MET A 87 -0.33 -5.46 6.68
C MET A 87 0.56 -6.23 7.57
N LYS A 88 0.61 -7.49 7.36
CA LYS A 88 1.51 -8.34 8.05
C LYS A 88 1.92 -9.43 7.09
N SER A 89 3.14 -9.87 7.20
CA SER A 89 3.69 -10.92 6.35
C SER A 89 4.84 -11.57 7.13
N PRO A 90 5.05 -12.89 7.01
CA PRO A 90 6.14 -13.58 7.74
C PRO A 90 7.52 -13.14 7.26
N ALA A 91 7.62 -12.77 5.99
CA ALA A 91 8.90 -12.36 5.42
C ALA A 91 9.33 -11.02 5.98
N ALA A 92 8.39 -10.30 6.55
CA ALA A 92 8.63 -9.00 7.09
C ALA A 92 9.44 -9.07 8.38
N CYS A 93 9.29 -10.15 9.12
CA CYS A 93 10.13 -10.36 10.31
C CYS A 93 11.57 -10.62 9.87
N SER A 94 11.71 -11.37 8.76
CA SER A 94 13.00 -11.69 8.15
C SER A 94 13.88 -12.54 9.08
N TYR A 1 16.34 -5.53 -16.60
CA TYR A 1 15.90 -5.90 -15.26
C TYR A 1 14.71 -5.05 -14.87
N ARG A 2 14.03 -5.45 -13.82
CA ARG A 2 12.85 -4.76 -13.37
C ARG A 2 12.72 -5.04 -11.88
N ALA A 3 12.04 -4.16 -11.16
CA ALA A 3 11.84 -4.35 -9.73
C ALA A 3 11.05 -5.62 -9.47
N ILE A 4 11.32 -6.25 -8.35
CA ILE A 4 10.62 -7.46 -7.99
C ILE A 4 9.28 -7.08 -7.39
N LYS A 5 8.23 -7.46 -8.05
CA LYS A 5 6.91 -7.08 -7.67
C LYS A 5 6.33 -8.05 -6.66
N GLY A 6 5.97 -7.54 -5.50
CA GLY A 6 5.37 -8.37 -4.50
C GLY A 6 3.87 -8.16 -4.42
N MET A 7 3.18 -8.52 -5.49
CA MET A 7 1.71 -8.33 -5.63
C MET A 7 0.94 -9.47 -4.99
N GLU A 8 1.44 -9.95 -3.89
CA GLU A 8 0.94 -11.16 -3.28
C GLU A 8 -0.31 -10.96 -2.42
N THR A 9 -0.59 -9.75 -1.96
CA THR A 9 -1.72 -9.59 -1.09
C THR A 9 -2.74 -8.58 -1.65
N LYS A 10 -4.01 -8.94 -1.59
CA LYS A 10 -5.07 -8.07 -2.03
C LYS A 10 -6.26 -8.27 -1.12
N ARG A 11 -6.99 -7.24 -0.87
CA ARG A 11 -8.12 -7.32 0.00
C ARG A 11 -9.14 -6.31 -0.48
N GLU A 12 -10.37 -6.69 -0.59
CA GLU A 12 -11.35 -5.76 -1.03
C GLU A 12 -11.96 -5.08 0.16
N ILE A 13 -11.66 -3.83 0.29
CA ILE A 13 -12.06 -3.07 1.44
C ILE A 13 -12.98 -1.93 1.03
N GLY A 14 -14.17 -1.92 1.59
CA GLY A 14 -15.17 -0.88 1.31
C GLY A 14 -15.61 -0.85 -0.14
N GLY A 15 -15.55 -1.99 -0.81
CA GLY A 15 -15.99 -2.07 -2.19
C GLY A 15 -14.87 -1.80 -3.19
N TYR A 16 -13.73 -1.40 -2.69
CA TYR A 16 -12.58 -1.17 -3.52
C TYR A 16 -11.42 -2.09 -3.16
N THR A 17 -10.85 -2.68 -4.17
CA THR A 17 -9.86 -3.72 -3.97
C THR A 17 -8.49 -3.15 -3.76
N TYR A 18 -7.98 -3.34 -2.60
CA TYR A 18 -6.67 -2.94 -2.25
C TYR A 18 -5.71 -4.00 -2.64
N LYS A 19 -4.75 -3.65 -3.41
CA LYS A 19 -3.75 -4.59 -3.82
C LYS A 19 -2.43 -4.05 -3.38
N VAL A 20 -1.69 -4.83 -2.65
CA VAL A 20 -0.43 -4.39 -2.20
C VAL A 20 0.65 -5.06 -2.97
N VAL A 21 1.24 -4.32 -3.87
CA VAL A 21 2.32 -4.80 -4.61
C VAL A 21 3.56 -4.21 -4.01
N PHE A 22 4.20 -4.99 -3.17
CA PHE A 22 5.41 -4.58 -2.51
C PHE A 22 6.46 -4.10 -3.46
N TYR A 23 6.97 -2.89 -3.16
CA TYR A 23 8.05 -2.22 -3.89
C TYR A 23 7.59 -1.66 -5.20
N GLU A 24 6.32 -1.75 -5.44
CA GLU A 24 5.72 -1.21 -6.61
C GLU A 24 4.74 -0.13 -6.28
N ASN A 25 3.61 -0.52 -5.72
CA ASN A 25 2.50 0.39 -5.44
C ASN A 25 1.31 -0.34 -4.83
N VAL A 26 0.31 0.44 -4.42
CA VAL A 26 -0.91 -0.10 -3.82
C VAL A 26 -2.10 0.51 -4.55
N PHE A 27 -3.07 -0.30 -4.88
CA PHE A 27 -4.23 0.15 -5.63
C PHE A 27 -5.50 -0.04 -4.83
N GLN A 28 -6.55 0.63 -5.28
CA GLN A 28 -7.90 0.43 -4.81
C GLN A 28 -8.83 0.36 -6.02
N ASP A 29 -9.12 -0.88 -6.43
CA ASP A 29 -9.96 -1.21 -7.61
C ASP A 29 -9.25 -0.85 -8.90
N SER A 30 -9.21 0.41 -9.18
CA SER A 30 -8.58 0.92 -10.35
C SER A 30 -7.77 2.16 -10.00
N ILE A 31 -8.05 2.72 -8.84
CA ILE A 31 -7.38 3.92 -8.41
C ILE A 31 -6.09 3.58 -7.69
N LEU A 32 -5.03 4.04 -8.26
CA LEU A 32 -3.70 3.86 -7.73
C LEU A 32 -3.46 4.86 -6.62
N LEU A 33 -3.23 4.36 -5.41
CA LEU A 33 -2.97 5.20 -4.25
C LEU A 33 -1.69 5.97 -4.44
N GLY A 34 -0.59 5.28 -4.46
CA GLY A 34 0.68 5.92 -4.62
C GLY A 34 1.65 5.00 -5.28
N ASN A 35 2.87 5.44 -5.46
CA ASN A 35 3.90 4.65 -6.15
C ASN A 35 5.15 4.62 -5.39
N PHE A 36 5.88 3.56 -5.58
CA PHE A 36 7.14 3.33 -4.84
C PHE A 36 8.07 4.51 -4.92
N ALA A 37 8.31 5.10 -3.78
CA ALA A 37 9.20 6.20 -3.66
C ALA A 37 10.39 5.82 -2.82
N SER A 38 10.12 5.31 -1.63
CA SER A 38 11.17 5.00 -0.70
C SER A 38 10.80 3.78 0.16
N GLN A 39 11.82 3.12 0.64
CA GLN A 39 11.67 2.07 1.61
C GLN A 39 12.22 2.69 2.89
N GLU A 40 11.40 2.78 3.91
CA GLU A 40 11.78 3.48 5.11
C GLU A 40 11.54 2.60 6.31
N GLY A 41 12.60 2.14 6.91
CA GLY A 41 12.49 1.21 8.00
C GLY A 41 12.13 -0.14 7.45
N ASN A 42 11.07 -0.70 7.92
CA ASN A 42 10.53 -1.94 7.37
C ASN A 42 9.22 -1.59 6.62
N VAL A 43 9.02 -0.30 6.41
CA VAL A 43 7.79 0.23 5.88
C VAL A 43 7.99 0.84 4.47
N LEU A 44 7.09 0.51 3.58
CA LEU A 44 7.15 0.98 2.19
C LEU A 44 6.25 2.20 1.98
N LYS A 45 6.82 3.22 1.35
CA LYS A 45 6.11 4.44 1.05
C LYS A 45 5.85 4.61 -0.45
N TYR A 46 4.57 4.77 -0.78
CA TYR A 46 4.14 4.94 -2.12
C TYR A 46 3.46 6.31 -2.25
N GLU A 47 3.95 7.16 -3.14
CA GLU A 47 3.34 8.50 -3.37
C GLU A 47 3.24 8.79 -4.85
N ASN A 48 2.58 9.91 -5.19
CA ASN A 48 2.39 10.37 -6.59
C ASN A 48 1.40 9.50 -7.33
N GLY A 49 0.35 9.10 -6.65
CA GLY A 49 -0.63 8.27 -7.30
C GLY A 49 -1.73 9.09 -7.94
N GLN A 50 -2.89 8.53 -8.01
CA GLN A 50 -4.06 9.17 -8.59
C GLN A 50 -4.47 10.37 -7.78
N SER A 51 -4.99 11.37 -8.47
CA SER A 51 -5.48 12.58 -7.85
C SER A 51 -6.45 12.23 -6.71
N CYS A 52 -6.29 12.91 -5.61
CA CYS A 52 -7.08 12.67 -4.42
C CYS A 52 -8.41 13.34 -4.55
N ALA A 53 -8.36 14.45 -5.21
CA ALA A 53 -9.47 15.30 -5.45
C ALA A 53 -8.95 16.30 -6.42
N ASN A 54 -9.63 17.38 -6.62
CA ASN A 54 -9.12 18.39 -7.51
C ASN A 54 -8.01 19.18 -6.82
N GLY A 55 -6.82 18.63 -6.85
CA GLY A 55 -5.68 19.26 -6.26
C GLY A 55 -4.53 18.29 -6.08
N PRO A 56 -4.32 17.75 -4.85
CA PRO A 56 -3.23 16.83 -4.59
C PRO A 56 -3.52 15.39 -5.02
N HIS A 57 -2.57 14.54 -4.76
CA HIS A 57 -2.62 13.14 -5.15
C HIS A 57 -2.62 12.28 -3.93
N ARG A 58 -2.96 11.05 -4.11
CA ARG A 58 -2.97 10.09 -3.03
C ARG A 58 -1.59 9.48 -2.82
N SER A 59 -1.45 8.83 -1.69
CA SER A 59 -0.26 8.12 -1.34
C SER A 59 -0.62 7.00 -0.38
N ALA A 60 0.25 6.05 -0.24
CA ALA A 60 0.00 4.90 0.58
C ALA A 60 1.25 4.55 1.34
N ILE A 61 1.08 4.19 2.56
CA ILE A 61 2.17 3.78 3.40
C ILE A 61 1.83 2.38 3.95
N VAL A 62 2.62 1.39 3.65
CA VAL A 62 2.29 0.05 4.09
C VAL A 62 3.06 -0.31 5.38
N THR A 63 2.35 -0.41 6.45
CA THR A 63 2.93 -0.75 7.70
C THR A 63 2.70 -2.23 7.96
N VAL A 64 3.78 -2.96 8.01
CA VAL A 64 3.70 -4.38 8.21
C VAL A 64 4.20 -4.70 9.60
N GLU A 65 3.42 -5.45 10.35
CA GLU A 65 3.77 -5.77 11.74
C GLU A 65 4.20 -7.22 11.90
N CYS A 66 4.50 -7.88 10.79
CA CYS A 66 4.91 -9.29 10.81
C CYS A 66 3.77 -10.24 11.20
N GLY A 67 3.69 -11.32 10.51
CA GLY A 67 2.71 -12.31 10.78
C GLY A 67 3.19 -13.63 10.26
N VAL A 68 2.32 -14.59 10.21
CA VAL A 68 2.68 -15.90 9.70
C VAL A 68 2.23 -16.01 8.24
N GLU A 69 1.30 -15.15 7.88
CA GLU A 69 0.78 -15.08 6.54
C GLU A 69 0.52 -13.63 6.22
N ASN A 70 0.68 -13.28 4.97
CA ASN A 70 0.41 -11.93 4.54
C ASN A 70 -1.06 -11.71 4.28
N GLU A 71 -1.61 -10.75 4.95
CA GLU A 71 -3.00 -10.43 4.83
C GLU A 71 -3.19 -8.96 5.18
N ILE A 72 -4.01 -8.29 4.44
CA ILE A 72 -4.32 -6.90 4.70
C ILE A 72 -5.38 -6.83 5.77
N VAL A 73 -5.01 -6.25 6.89
CA VAL A 73 -5.91 -6.16 8.00
C VAL A 73 -6.91 -5.04 7.78
N SER A 74 -6.40 -3.82 7.68
CA SER A 74 -7.23 -2.65 7.48
C SER A 74 -6.41 -1.54 6.83
N VAL A 75 -7.10 -0.54 6.34
CA VAL A 75 -6.49 0.62 5.71
C VAL A 75 -7.22 1.86 6.19
N LEU A 76 -6.49 2.86 6.62
CA LEU A 76 -7.10 4.07 7.13
C LEU A 76 -6.54 5.32 6.48
N GLU A 77 -7.41 6.19 6.01
CA GLU A 77 -7.00 7.47 5.48
C GLU A 77 -6.96 8.44 6.65
N ALA A 78 -5.82 8.52 7.28
CA ALA A 78 -5.67 9.41 8.42
C ALA A 78 -4.82 10.60 8.05
N GLN A 79 -3.87 10.37 7.18
CA GLN A 79 -2.98 11.41 6.77
C GLN A 79 -3.42 11.96 5.43
N LYS A 80 -2.87 13.10 5.03
CA LYS A 80 -3.22 13.84 3.79
C LYS A 80 -3.35 12.97 2.52
N CYS A 81 -4.54 12.42 2.29
CA CYS A 81 -4.80 11.51 1.15
C CYS A 81 -3.82 10.34 1.18
N GLU A 82 -3.28 10.08 2.35
CA GLU A 82 -2.31 9.08 2.51
C GLU A 82 -2.91 7.98 3.32
N TYR A 83 -2.93 6.83 2.72
CA TYR A 83 -3.59 5.70 3.25
C TYR A 83 -2.64 4.84 4.02
N LEU A 84 -2.98 4.59 5.25
CA LEU A 84 -2.20 3.77 6.12
C LEU A 84 -2.65 2.33 5.92
N ILE A 85 -1.86 1.54 5.26
CA ILE A 85 -2.20 0.16 5.09
C ILE A 85 -1.56 -0.63 6.20
N LYS A 86 -2.34 -1.42 6.86
CA LYS A 86 -1.83 -2.19 7.95
C LYS A 86 -1.85 -3.66 7.55
N MET A 87 -0.69 -4.27 7.56
CA MET A 87 -0.55 -5.64 7.13
C MET A 87 0.39 -6.36 8.04
N LYS A 88 0.51 -7.60 7.79
CA LYS A 88 1.44 -8.44 8.44
C LYS A 88 1.84 -9.51 7.47
N SER A 89 3.09 -9.87 7.48
CA SER A 89 3.61 -10.82 6.54
C SER A 89 4.83 -11.49 7.12
N PRO A 90 5.01 -12.79 6.87
CA PRO A 90 6.18 -13.52 7.32
C PRO A 90 7.44 -13.07 6.58
N ALA A 91 7.26 -12.65 5.35
CA ALA A 91 8.37 -12.28 4.48
C ALA A 91 8.85 -10.85 4.75
N ALA A 92 8.08 -10.11 5.50
CA ALA A 92 8.43 -8.74 5.81
C ALA A 92 8.82 -8.64 7.24
N CYS A 93 8.73 -9.75 7.91
CA CYS A 93 8.99 -9.84 9.32
C CYS A 93 10.47 -9.66 9.61
N SER A 94 11.29 -10.11 8.70
CA SER A 94 12.70 -9.99 8.83
C SER A 94 13.32 -9.83 7.46
N TYR A 1 14.50 -8.81 -14.75
CA TYR A 1 13.53 -7.76 -14.42
C TYR A 1 14.30 -6.48 -14.18
N ARG A 2 13.59 -5.39 -14.01
CA ARG A 2 14.22 -4.15 -13.56
C ARG A 2 13.82 -4.01 -12.12
N ALA A 3 12.52 -4.09 -11.93
CA ALA A 3 11.90 -4.12 -10.64
C ALA A 3 11.05 -5.38 -10.62
N ILE A 4 10.75 -5.89 -9.48
CA ILE A 4 10.03 -7.12 -9.41
C ILE A 4 8.77 -6.98 -8.55
N LYS A 5 7.70 -7.60 -8.99
CA LYS A 5 6.49 -7.61 -8.22
C LYS A 5 6.64 -8.66 -7.11
N GLY A 6 6.52 -8.20 -5.88
CA GLY A 6 6.74 -9.07 -4.76
C GLY A 6 5.56 -9.94 -4.46
N MET A 7 4.50 -9.31 -4.04
CA MET A 7 3.30 -10.00 -3.67
C MET A 7 2.17 -9.33 -4.38
N GLU A 8 0.99 -9.81 -4.20
CA GLU A 8 -0.19 -9.11 -4.59
C GLU A 8 -1.30 -9.47 -3.65
N THR A 9 -1.16 -9.00 -2.45
CA THR A 9 -2.11 -9.22 -1.42
C THR A 9 -3.27 -8.31 -1.69
N LYS A 10 -4.45 -8.84 -1.65
CA LYS A 10 -5.59 -8.06 -1.98
C LYS A 10 -6.63 -8.21 -0.95
N ARG A 11 -7.22 -7.13 -0.60
CA ARG A 11 -8.21 -7.10 0.41
C ARG A 11 -9.19 -6.02 0.04
N GLU A 12 -10.45 -6.28 0.15
CA GLU A 12 -11.42 -5.30 -0.21
C GLU A 12 -11.94 -4.48 0.96
N ILE A 13 -11.56 -3.22 0.96
CA ILE A 13 -12.00 -2.29 1.98
C ILE A 13 -12.87 -1.24 1.33
N GLY A 14 -13.98 -0.90 1.95
CA GLY A 14 -14.88 0.13 1.47
C GLY A 14 -15.51 -0.17 0.12
N GLY A 15 -15.51 -1.41 -0.29
CA GLY A 15 -16.09 -1.78 -1.55
C GLY A 15 -15.09 -1.71 -2.69
N TYR A 16 -13.85 -1.44 -2.37
CA TYR A 16 -12.78 -1.41 -3.34
C TYR A 16 -11.63 -2.31 -2.96
N THR A 17 -11.06 -2.94 -3.94
CA THR A 17 -10.05 -3.95 -3.72
C THR A 17 -8.67 -3.33 -3.64
N TYR A 18 -8.09 -3.40 -2.49
CA TYR A 18 -6.77 -2.92 -2.29
C TYR A 18 -5.79 -4.01 -2.63
N LYS A 19 -4.88 -3.71 -3.52
CA LYS A 19 -3.87 -4.67 -3.92
C LYS A 19 -2.53 -4.12 -3.55
N VAL A 20 -1.78 -4.86 -2.79
CA VAL A 20 -0.46 -4.44 -2.41
C VAL A 20 0.54 -5.31 -3.09
N VAL A 21 1.24 -4.76 -4.06
CA VAL A 21 2.25 -5.51 -4.76
C VAL A 21 3.61 -5.33 -4.05
N PHE A 22 3.61 -4.39 -3.11
CA PHE A 22 4.72 -4.09 -2.19
C PHE A 22 5.88 -3.35 -2.90
N TYR A 23 6.48 -3.96 -3.88
CA TYR A 23 7.63 -3.35 -4.57
C TYR A 23 7.21 -2.61 -5.82
N GLU A 24 5.95 -2.67 -6.13
CA GLU A 24 5.40 -1.99 -7.28
C GLU A 24 4.55 -0.82 -6.86
N ASN A 25 3.39 -1.11 -6.27
CA ASN A 25 2.41 -0.10 -5.86
C ASN A 25 1.21 -0.74 -5.20
N VAL A 26 0.23 0.10 -4.85
CA VAL A 26 -1.00 -0.34 -4.23
C VAL A 26 -2.19 0.28 -4.95
N PHE A 27 -3.16 -0.53 -5.29
CA PHE A 27 -4.34 -0.06 -6.00
C PHE A 27 -5.58 -0.26 -5.15
N GLN A 28 -6.64 0.40 -5.54
CA GLN A 28 -7.97 0.17 -5.03
C GLN A 28 -8.91 0.03 -6.19
N ASP A 29 -9.23 -1.22 -6.48
CA ASP A 29 -10.10 -1.63 -7.58
C ASP A 29 -9.42 -1.40 -8.93
N SER A 30 -9.38 -0.16 -9.34
CA SER A 30 -8.73 0.24 -10.54
C SER A 30 -8.10 1.63 -10.37
N ILE A 31 -8.18 2.14 -9.15
CA ILE A 31 -7.60 3.43 -8.84
C ILE A 31 -6.28 3.24 -8.11
N LEU A 32 -5.26 3.89 -8.57
CA LEU A 32 -3.95 3.77 -8.00
C LEU A 32 -3.74 4.75 -6.87
N LEU A 33 -3.39 4.21 -5.70
CA LEU A 33 -3.10 5.04 -4.53
C LEU A 33 -1.81 5.79 -4.73
N GLY A 34 -0.73 5.05 -4.83
CA GLY A 34 0.58 5.65 -5.01
C GLY A 34 1.52 4.63 -5.57
N ASN A 35 2.77 5.01 -5.77
CA ASN A 35 3.76 4.10 -6.39
C ASN A 35 4.93 3.94 -5.55
N PHE A 36 5.52 2.79 -5.63
CA PHE A 36 6.68 2.51 -4.77
C PHE A 36 7.81 3.48 -5.07
N ALA A 37 8.14 4.28 -4.10
CA ALA A 37 9.15 5.26 -4.27
C ALA A 37 10.34 4.94 -3.40
N SER A 38 10.09 4.76 -2.12
CA SER A 38 11.16 4.52 -1.19
C SER A 38 10.63 3.76 0.01
N GLN A 39 11.53 3.25 0.80
CA GLN A 39 11.18 2.54 2.00
C GLN A 39 11.81 3.23 3.20
N GLU A 40 11.01 3.47 4.20
CA GLU A 40 11.45 4.12 5.39
C GLU A 40 11.39 3.12 6.52
N GLY A 41 12.52 2.54 6.83
CA GLY A 41 12.57 1.48 7.81
C GLY A 41 11.96 0.23 7.21
N ASN A 42 10.93 -0.28 7.81
CA ASN A 42 10.22 -1.44 7.29
C ASN A 42 8.90 -0.96 6.65
N VAL A 43 8.70 0.33 6.68
CA VAL A 43 7.50 0.92 6.16
C VAL A 43 7.74 1.39 4.73
N LEU A 44 6.93 0.95 3.82
CA LEU A 44 7.06 1.30 2.42
C LEU A 44 6.15 2.45 2.03
N LYS A 45 6.69 3.35 1.24
CA LYS A 45 5.97 4.52 0.82
C LYS A 45 5.68 4.52 -0.69
N TYR A 46 4.41 4.75 -1.02
CA TYR A 46 3.94 4.79 -2.36
C TYR A 46 3.45 6.20 -2.65
N GLU A 47 4.12 6.89 -3.56
CA GLU A 47 3.83 8.27 -3.87
C GLU A 47 3.60 8.38 -5.39
N ASN A 48 3.00 9.46 -5.84
CA ASN A 48 2.70 9.69 -7.27
C ASN A 48 1.67 8.75 -7.81
N GLY A 49 0.57 8.66 -7.11
CA GLY A 49 -0.52 7.87 -7.58
C GLY A 49 -1.46 8.70 -8.41
N GLN A 50 -2.72 8.42 -8.31
CA GLN A 50 -3.72 9.22 -8.99
C GLN A 50 -4.05 10.42 -8.18
N SER A 51 -4.38 11.49 -8.82
CA SER A 51 -4.70 12.71 -8.11
C SER A 51 -5.98 12.50 -7.28
N CYS A 52 -6.03 13.12 -6.14
CA CYS A 52 -7.12 12.91 -5.23
C CYS A 52 -8.05 14.10 -5.23
N ALA A 53 -7.49 15.28 -5.56
CA ALA A 53 -8.18 16.58 -5.46
C ALA A 53 -8.38 16.94 -4.01
N ASN A 54 -8.09 18.20 -3.66
CA ASN A 54 -8.14 18.70 -2.26
C ASN A 54 -6.93 18.20 -1.46
N GLY A 55 -6.49 17.00 -1.76
CA GLY A 55 -5.32 16.43 -1.15
C GLY A 55 -4.28 16.19 -2.21
N PRO A 56 -3.24 17.04 -2.27
CA PRO A 56 -2.18 16.95 -3.30
C PRO A 56 -1.47 15.60 -3.28
N HIS A 57 -1.66 14.84 -4.38
CA HIS A 57 -1.14 13.50 -4.57
C HIS A 57 -1.81 12.49 -3.66
N ARG A 58 -2.30 11.43 -4.23
CA ARG A 58 -2.81 10.35 -3.44
C ARG A 58 -1.61 9.50 -3.09
N SER A 59 -1.63 8.88 -1.96
CA SER A 59 -0.49 8.16 -1.50
C SER A 59 -0.90 6.97 -0.66
N ALA A 60 0.04 6.10 -0.40
CA ALA A 60 -0.16 4.93 0.39
C ALA A 60 1.08 4.67 1.20
N ILE A 61 0.91 4.36 2.44
CA ILE A 61 2.01 4.08 3.32
C ILE A 61 1.77 2.70 3.97
N VAL A 62 2.62 1.74 3.69
CA VAL A 62 2.39 0.40 4.20
C VAL A 62 3.23 0.10 5.43
N THR A 63 2.57 -0.05 6.52
CA THR A 63 3.19 -0.40 7.75
C THR A 63 2.97 -1.90 7.97
N VAL A 64 4.03 -2.65 7.97
CA VAL A 64 3.92 -4.07 8.12
C VAL A 64 4.30 -4.45 9.54
N GLU A 65 3.41 -5.13 10.21
CA GLU A 65 3.57 -5.47 11.60
C GLU A 65 3.91 -6.93 11.83
N CYS A 66 4.29 -7.65 10.75
CA CYS A 66 4.71 -9.08 10.83
C CYS A 66 3.57 -10.05 11.16
N GLY A 67 3.55 -11.15 10.44
CA GLY A 67 2.55 -12.17 10.64
C GLY A 67 3.10 -13.48 10.15
N VAL A 68 2.25 -14.46 10.04
CA VAL A 68 2.67 -15.77 9.57
C VAL A 68 2.34 -15.87 8.08
N GLU A 69 1.41 -15.07 7.70
CA GLU A 69 0.88 -15.03 6.38
C GLU A 69 0.88 -13.60 5.87
N ASN A 70 0.78 -13.43 4.57
CA ASN A 70 0.67 -12.12 3.95
C ASN A 70 -0.78 -11.73 3.87
N GLU A 71 -1.18 -10.79 4.66
CA GLU A 71 -2.53 -10.33 4.63
C GLU A 71 -2.60 -8.88 4.99
N ILE A 72 -3.58 -8.23 4.46
CA ILE A 72 -3.83 -6.86 4.75
C ILE A 72 -4.77 -6.79 5.94
N VAL A 73 -4.41 -6.01 6.91
CA VAL A 73 -5.21 -5.87 8.10
C VAL A 73 -6.32 -4.87 7.84
N SER A 74 -5.94 -3.65 7.53
CA SER A 74 -6.90 -2.59 7.23
C SER A 74 -6.17 -1.47 6.51
N VAL A 75 -6.93 -0.59 5.89
CA VAL A 75 -6.39 0.58 5.24
C VAL A 75 -7.21 1.75 5.71
N LEU A 76 -6.58 2.87 6.01
CA LEU A 76 -7.31 4.01 6.52
C LEU A 76 -6.85 5.31 5.85
N GLU A 77 -7.80 6.06 5.35
CA GLU A 77 -7.54 7.38 4.82
C GLU A 77 -7.80 8.37 5.93
N ALA A 78 -6.76 8.93 6.47
CA ALA A 78 -6.92 9.87 7.57
C ALA A 78 -5.88 10.96 7.50
N GLN A 79 -5.09 10.93 6.47
CA GLN A 79 -4.04 11.85 6.34
C GLN A 79 -3.85 12.23 4.90
N LYS A 80 -4.41 13.36 4.52
CA LYS A 80 -4.26 13.97 3.18
C LYS A 80 -4.17 13.02 1.97
N CYS A 81 -5.22 12.23 1.78
CA CYS A 81 -5.34 11.26 0.68
C CYS A 81 -4.24 10.22 0.71
N GLU A 82 -3.57 10.10 1.83
CA GLU A 82 -2.57 9.13 2.00
C GLU A 82 -3.16 8.01 2.83
N TYR A 83 -3.09 6.83 2.30
CA TYR A 83 -3.72 5.69 2.88
C TYR A 83 -2.78 4.92 3.76
N LEU A 84 -3.15 4.83 5.01
CA LEU A 84 -2.41 4.10 5.99
C LEU A 84 -2.74 2.63 5.80
N ILE A 85 -1.79 1.86 5.36
CA ILE A 85 -2.03 0.47 5.10
C ILE A 85 -1.38 -0.39 6.17
N LYS A 86 -2.13 -1.29 6.71
CA LYS A 86 -1.63 -2.25 7.64
C LYS A 86 -1.53 -3.60 7.00
N MET A 87 -0.40 -4.19 7.11
CA MET A 87 -0.18 -5.53 6.64
C MET A 87 0.66 -6.25 7.59
N LYS A 88 0.66 -7.52 7.46
CA LYS A 88 1.50 -8.35 8.19
C LYS A 88 1.92 -9.46 7.29
N SER A 89 3.16 -9.85 7.40
CA SER A 89 3.70 -10.87 6.57
C SER A 89 4.96 -11.41 7.20
N PRO A 90 5.31 -12.67 6.93
CA PRO A 90 6.57 -13.26 7.39
C PRO A 90 7.76 -12.67 6.62
N ALA A 91 7.48 -12.17 5.42
CA ALA A 91 8.49 -11.66 4.51
C ALA A 91 9.07 -10.34 4.99
N ALA A 92 8.29 -9.57 5.72
CA ALA A 92 8.76 -8.30 6.21
C ALA A 92 9.06 -8.42 7.68
N CYS A 93 8.80 -9.59 8.19
CA CYS A 93 9.03 -9.88 9.58
C CYS A 93 10.50 -10.19 9.78
N SER A 94 11.25 -9.18 10.12
CA SER A 94 12.65 -9.29 10.38
C SER A 94 13.04 -8.15 11.32
N TYR A 1 7.40 -12.67 -15.42
CA TYR A 1 7.94 -11.35 -15.08
C TYR A 1 7.08 -10.23 -15.62
N ARG A 2 6.60 -9.42 -14.71
CA ARG A 2 5.91 -8.19 -15.00
C ARG A 2 6.40 -7.17 -14.00
N ALA A 3 7.65 -6.72 -14.24
CA ALA A 3 8.39 -5.85 -13.32
C ALA A 3 8.66 -6.61 -12.02
N ILE A 4 9.21 -5.94 -11.04
CA ILE A 4 9.44 -6.61 -9.79
C ILE A 4 8.23 -6.50 -8.90
N LYS A 5 7.64 -7.62 -8.64
CA LYS A 5 6.51 -7.77 -7.78
C LYS A 5 6.93 -8.56 -6.59
N GLY A 6 6.52 -8.16 -5.43
CA GLY A 6 6.89 -8.90 -4.26
C GLY A 6 5.80 -9.83 -3.87
N MET A 7 4.68 -9.26 -3.62
CA MET A 7 3.50 -9.97 -3.25
C MET A 7 2.38 -9.24 -3.92
N GLU A 8 1.22 -9.79 -3.90
CA GLU A 8 0.07 -9.08 -4.33
C GLU A 8 -1.05 -9.32 -3.37
N THR A 9 -0.94 -8.68 -2.25
CA THR A 9 -1.89 -8.85 -1.22
C THR A 9 -3.12 -8.06 -1.60
N LYS A 10 -4.23 -8.73 -1.70
CA LYS A 10 -5.43 -8.11 -2.15
C LYS A 10 -6.49 -8.32 -1.15
N ARG A 11 -7.18 -7.26 -0.84
CA ARG A 11 -8.21 -7.32 0.13
C ARG A 11 -9.24 -6.28 -0.24
N GLU A 12 -10.48 -6.52 0.03
CA GLU A 12 -11.49 -5.57 -0.29
C GLU A 12 -11.85 -4.73 0.94
N ILE A 13 -11.50 -3.46 0.90
CA ILE A 13 -11.84 -2.54 1.97
C ILE A 13 -12.67 -1.40 1.38
N GLY A 14 -13.78 -1.06 2.03
CA GLY A 14 -14.61 0.05 1.60
C GLY A 14 -15.20 -0.12 0.21
N GLY A 15 -15.43 -1.35 -0.19
CA GLY A 15 -16.02 -1.63 -1.49
C GLY A 15 -15.00 -1.76 -2.60
N TYR A 16 -13.80 -1.31 -2.35
CA TYR A 16 -12.76 -1.37 -3.35
C TYR A 16 -11.61 -2.28 -2.95
N THR A 17 -11.01 -2.88 -3.92
CA THR A 17 -10.00 -3.87 -3.70
C THR A 17 -8.63 -3.25 -3.64
N TYR A 18 -8.02 -3.37 -2.51
CA TYR A 18 -6.70 -2.90 -2.30
C TYR A 18 -5.71 -3.95 -2.71
N LYS A 19 -4.79 -3.57 -3.54
CA LYS A 19 -3.76 -4.46 -3.98
C LYS A 19 -2.43 -3.91 -3.55
N VAL A 20 -1.69 -4.67 -2.82
CA VAL A 20 -0.39 -4.26 -2.37
C VAL A 20 0.66 -5.11 -3.03
N VAL A 21 1.37 -4.53 -3.99
CA VAL A 21 2.42 -5.25 -4.67
C VAL A 21 3.72 -5.10 -3.88
N PHE A 22 3.69 -4.14 -2.96
CA PHE A 22 4.76 -3.84 -2.02
C PHE A 22 5.91 -3.09 -2.70
N TYR A 23 6.46 -3.68 -3.73
CA TYR A 23 7.60 -3.06 -4.43
C TYR A 23 7.15 -2.17 -5.56
N GLU A 24 5.95 -2.42 -6.06
CA GLU A 24 5.41 -1.58 -7.09
C GLU A 24 4.65 -0.42 -6.49
N ASN A 25 3.47 -0.73 -5.96
CA ASN A 25 2.55 0.28 -5.44
C ASN A 25 1.32 -0.40 -4.86
N VAL A 26 0.32 0.43 -4.53
CA VAL A 26 -0.94 -0.06 -4.00
C VAL A 26 -2.09 0.59 -4.75
N PHE A 27 -3.05 -0.21 -5.15
CA PHE A 27 -4.21 0.29 -5.87
C PHE A 27 -5.47 -0.01 -5.09
N GLN A 28 -6.52 0.68 -5.42
CA GLN A 28 -7.86 0.38 -4.99
C GLN A 28 -8.71 0.19 -6.24
N ASP A 29 -8.87 -1.07 -6.61
CA ASP A 29 -9.55 -1.49 -7.84
C ASP A 29 -8.74 -1.12 -9.06
N SER A 30 -8.86 0.13 -9.44
CA SER A 30 -8.16 0.66 -10.57
C SER A 30 -7.63 2.05 -10.25
N ILE A 31 -7.94 2.54 -9.06
CA ILE A 31 -7.47 3.84 -8.63
C ILE A 31 -6.19 3.67 -7.83
N LEU A 32 -5.17 4.28 -8.30
CA LEU A 32 -3.85 4.23 -7.73
C LEU A 32 -3.72 5.14 -6.49
N LEU A 33 -3.41 4.54 -5.35
CA LEU A 33 -3.17 5.30 -4.13
C LEU A 33 -1.86 6.06 -4.24
N GLY A 34 -0.79 5.34 -4.35
CA GLY A 34 0.50 5.93 -4.43
C GLY A 34 1.50 4.97 -5.00
N ASN A 35 2.72 5.42 -5.20
CA ASN A 35 3.76 4.58 -5.80
C ASN A 35 4.92 4.45 -4.93
N PHE A 36 5.61 3.34 -5.06
CA PHE A 36 6.78 3.06 -4.24
C PHE A 36 7.77 4.22 -4.35
N ALA A 37 7.98 4.88 -3.25
CA ALA A 37 8.85 6.02 -3.20
C ALA A 37 10.06 5.76 -2.35
N SER A 38 9.83 5.27 -1.15
CA SER A 38 10.91 5.03 -0.22
C SER A 38 10.61 3.80 0.63
N GLN A 39 11.66 3.12 1.02
CA GLN A 39 11.56 2.01 1.92
C GLN A 39 12.36 2.32 3.16
N GLU A 40 11.72 2.35 4.28
CA GLU A 40 12.37 2.66 5.51
C GLU A 40 12.13 1.50 6.46
N GLY A 41 13.11 0.64 6.57
CA GLY A 41 12.96 -0.52 7.38
C GLY A 41 11.96 -1.49 6.78
N ASN A 42 10.91 -1.76 7.50
CA ASN A 42 9.86 -2.65 7.01
C ASN A 42 8.63 -1.80 6.63
N VAL A 43 8.78 -0.50 6.69
CA VAL A 43 7.70 0.41 6.36
C VAL A 43 7.94 1.04 5.00
N LEU A 44 7.01 0.83 4.13
CA LEU A 44 7.09 1.35 2.79
C LEU A 44 6.09 2.47 2.56
N LYS A 45 6.53 3.46 1.84
CA LYS A 45 5.71 4.61 1.54
C LYS A 45 5.48 4.75 0.02
N TYR A 46 4.20 4.91 -0.35
CA TYR A 46 3.79 5.03 -1.71
C TYR A 46 3.11 6.40 -1.90
N GLU A 47 3.64 7.24 -2.74
CA GLU A 47 3.02 8.54 -3.00
C GLU A 47 3.06 8.90 -4.46
N ASN A 48 2.57 10.11 -4.80
CA ASN A 48 2.53 10.59 -6.20
C ASN A 48 1.64 9.70 -7.05
N GLY A 49 0.61 9.13 -6.42
CA GLY A 49 -0.30 8.26 -7.11
C GLY A 49 -1.33 9.02 -7.91
N GLN A 50 -2.54 8.56 -7.86
CA GLN A 50 -3.61 9.18 -8.60
C GLN A 50 -4.10 10.35 -7.75
N SER A 51 -4.51 11.41 -8.39
CA SER A 51 -4.98 12.60 -7.71
C SER A 51 -6.16 12.31 -6.76
N CYS A 52 -6.14 12.95 -5.63
CA CYS A 52 -7.13 12.79 -4.59
C CYS A 52 -8.41 13.51 -4.96
N ALA A 53 -8.27 14.72 -5.43
CA ALA A 53 -9.36 15.54 -5.90
C ALA A 53 -8.79 16.74 -6.57
N ASN A 54 -9.17 16.95 -7.81
CA ASN A 54 -8.77 18.13 -8.61
C ASN A 54 -7.28 18.11 -9.03
N GLY A 55 -6.39 17.86 -8.09
CA GLY A 55 -4.96 17.87 -8.40
C GLY A 55 -4.10 17.10 -7.40
N PRO A 56 -4.08 17.51 -6.09
CA PRO A 56 -3.22 16.91 -5.04
C PRO A 56 -3.16 15.38 -5.03
N HIS A 57 -2.02 14.89 -4.65
CA HIS A 57 -1.70 13.46 -4.63
C HIS A 57 -2.44 12.64 -3.58
N ARG A 58 -2.73 11.41 -3.92
CA ARG A 58 -3.09 10.41 -2.94
C ARG A 58 -1.81 9.70 -2.51
N SER A 59 -1.87 8.99 -1.43
CA SER A 59 -0.71 8.29 -0.93
C SER A 59 -1.13 7.08 -0.10
N ALA A 60 -0.20 6.19 0.11
CA ALA A 60 -0.41 4.99 0.87
C ALA A 60 0.84 4.70 1.65
N ILE A 61 0.69 4.37 2.87
CA ILE A 61 1.80 4.05 3.72
C ILE A 61 1.55 2.68 4.33
N VAL A 62 2.45 1.76 4.12
CA VAL A 62 2.22 0.43 4.60
C VAL A 62 2.93 0.18 5.91
N THR A 63 2.19 -0.16 6.90
CA THR A 63 2.72 -0.47 8.17
C THR A 63 2.67 -1.98 8.30
N VAL A 64 3.82 -2.59 8.35
CA VAL A 64 3.87 -4.02 8.39
C VAL A 64 4.47 -4.46 9.70
N GLU A 65 3.82 -5.37 10.36
CA GLU A 65 4.26 -5.86 11.65
C GLU A 65 4.84 -7.27 11.52
N CYS A 66 4.75 -7.83 10.30
CA CYS A 66 5.19 -9.19 10.00
C CYS A 66 4.24 -10.24 10.63
N GLY A 67 4.19 -11.41 10.05
CA GLY A 67 3.31 -12.43 10.55
C GLY A 67 3.59 -13.77 9.94
N VAL A 68 2.59 -14.63 9.95
CA VAL A 68 2.73 -15.97 9.39
C VAL A 68 2.13 -16.00 7.99
N GLU A 69 1.30 -15.03 7.70
CA GLU A 69 0.64 -14.94 6.44
C GLU A 69 0.58 -13.49 6.07
N ASN A 70 0.38 -13.20 4.83
CA ASN A 70 0.23 -11.82 4.43
C ASN A 70 -1.24 -11.51 4.25
N GLU A 71 -1.66 -10.38 4.75
CA GLU A 71 -3.02 -9.95 4.60
C GLU A 71 -3.12 -8.50 4.91
N ILE A 72 -4.07 -7.86 4.30
CA ILE A 72 -4.39 -6.49 4.59
C ILE A 72 -5.41 -6.51 5.71
N VAL A 73 -4.99 -6.07 6.86
CA VAL A 73 -5.83 -6.10 8.04
C VAL A 73 -6.82 -4.95 8.01
N SER A 74 -6.31 -3.75 7.80
CA SER A 74 -7.12 -2.57 7.77
C SER A 74 -6.45 -1.50 6.91
N VAL A 75 -7.23 -0.54 6.45
CA VAL A 75 -6.74 0.60 5.72
C VAL A 75 -7.47 1.83 6.23
N LEU A 76 -6.75 2.83 6.65
CA LEU A 76 -7.37 4.00 7.21
C LEU A 76 -6.74 5.28 6.64
N GLU A 77 -7.54 6.10 6.01
CA GLU A 77 -7.07 7.38 5.52
C GLU A 77 -7.09 8.39 6.66
N ALA A 78 -6.03 8.42 7.41
CA ALA A 78 -5.94 9.32 8.54
C ALA A 78 -5.04 10.50 8.22
N GLN A 79 -4.32 10.40 7.12
CA GLN A 79 -3.42 11.45 6.72
C GLN A 79 -3.88 12.03 5.40
N LYS A 80 -3.22 13.11 4.98
CA LYS A 80 -3.54 13.88 3.75
C LYS A 80 -3.75 13.05 2.44
N CYS A 81 -4.97 12.50 2.29
CA CYS A 81 -5.32 11.61 1.16
C CYS A 81 -4.37 10.42 1.15
N GLU A 82 -3.84 10.15 2.33
CA GLU A 82 -2.88 9.14 2.53
C GLU A 82 -3.45 8.04 3.37
N TYR A 83 -3.45 6.88 2.80
CA TYR A 83 -4.06 5.71 3.34
C TYR A 83 -3.06 4.89 4.13
N LEU A 84 -3.37 4.66 5.38
CA LEU A 84 -2.56 3.83 6.25
C LEU A 84 -2.93 2.40 5.95
N ILE A 85 -1.99 1.62 5.54
CA ILE A 85 -2.25 0.24 5.25
C ILE A 85 -1.63 -0.58 6.35
N LYS A 86 -2.44 -1.36 7.01
CA LYS A 86 -2.01 -2.11 8.17
C LYS A 86 -1.91 -3.59 7.73
N MET A 87 -0.69 -4.14 7.73
CA MET A 87 -0.44 -5.47 7.18
C MET A 87 0.58 -6.25 7.96
N LYS A 88 0.83 -7.43 7.47
CA LYS A 88 1.80 -8.34 7.99
C LYS A 88 2.09 -9.37 6.93
N SER A 89 3.24 -10.00 7.03
CA SER A 89 3.66 -11.05 6.10
C SER A 89 4.88 -11.74 6.69
N PRO A 90 5.09 -13.04 6.40
CA PRO A 90 6.28 -13.77 6.85
C PRO A 90 7.54 -13.23 6.19
N ALA A 91 7.36 -12.69 4.99
CA ALA A 91 8.46 -12.15 4.20
C ALA A 91 8.89 -10.77 4.70
N ALA A 92 8.17 -10.25 5.68
CA ALA A 92 8.46 -8.95 6.24
C ALA A 92 9.51 -9.02 7.31
N CYS A 93 9.55 -10.15 8.04
CA CYS A 93 10.58 -10.35 9.07
C CYS A 93 11.97 -10.47 8.48
N SER A 94 12.58 -9.36 8.27
CA SER A 94 13.91 -9.26 7.78
C SER A 94 14.50 -7.97 8.30
N TYR A 1 14.00 -7.40 -14.45
CA TYR A 1 13.21 -6.41 -15.18
C TYR A 1 13.49 -5.03 -14.64
N ARG A 2 12.71 -4.04 -15.09
CA ARG A 2 12.90 -2.63 -14.71
C ARG A 2 12.88 -2.43 -13.19
N ALA A 3 11.82 -2.85 -12.57
CA ALA A 3 11.63 -2.61 -11.17
C ALA A 3 11.62 -3.89 -10.37
N ILE A 4 11.92 -3.77 -9.10
CA ILE A 4 11.89 -4.89 -8.19
C ILE A 4 10.45 -5.09 -7.71
N LYS A 5 10.01 -6.31 -7.66
CA LYS A 5 8.66 -6.60 -7.24
C LYS A 5 8.65 -7.44 -5.99
N GLY A 6 7.64 -7.23 -5.18
CA GLY A 6 7.54 -7.93 -3.96
C GLY A 6 6.29 -8.76 -3.85
N MET A 7 5.78 -8.83 -2.65
CA MET A 7 4.60 -9.62 -2.31
C MET A 7 3.33 -9.07 -2.97
N GLU A 8 2.39 -9.96 -3.19
CA GLU A 8 1.13 -9.67 -3.86
C GLU A 8 0.00 -9.90 -2.84
N THR A 9 -0.50 -8.83 -2.24
CA THR A 9 -1.57 -8.98 -1.28
C THR A 9 -2.77 -8.15 -1.71
N LYS A 10 -3.98 -8.67 -1.55
CA LYS A 10 -5.15 -7.93 -1.90
C LYS A 10 -6.27 -8.24 -0.93
N ARG A 11 -7.02 -7.23 -0.60
CA ARG A 11 -8.08 -7.33 0.37
C ARG A 11 -9.09 -6.27 -0.02
N GLU A 12 -10.35 -6.57 0.03
CA GLU A 12 -11.31 -5.58 -0.32
C GLU A 12 -11.94 -4.88 0.88
N ILE A 13 -11.75 -3.58 0.95
CA ILE A 13 -12.30 -2.78 2.01
C ILE A 13 -13.24 -1.72 1.41
N GLY A 14 -14.43 -1.59 1.99
CA GLY A 14 -15.40 -0.60 1.55
C GLY A 14 -15.90 -0.79 0.12
N GLY A 15 -15.80 -1.99 -0.40
CA GLY A 15 -16.27 -2.27 -1.75
C GLY A 15 -15.16 -2.17 -2.78
N TYR A 16 -14.04 -1.64 -2.38
CA TYR A 16 -12.91 -1.51 -3.27
C TYR A 16 -11.76 -2.38 -2.84
N THR A 17 -11.15 -3.00 -3.80
CA THR A 17 -10.12 -3.94 -3.53
C THR A 17 -8.80 -3.26 -3.45
N TYR A 18 -8.22 -3.34 -2.29
CA TYR A 18 -6.93 -2.81 -2.04
C TYR A 18 -5.92 -3.84 -2.42
N LYS A 19 -5.02 -3.47 -3.26
CA LYS A 19 -3.98 -4.35 -3.65
C LYS A 19 -2.71 -3.75 -3.21
N VAL A 20 -1.96 -4.46 -2.46
CA VAL A 20 -0.73 -3.99 -1.97
C VAL A 20 0.36 -4.83 -2.52
N VAL A 21 1.01 -4.31 -3.51
CA VAL A 21 2.12 -4.97 -4.05
C VAL A 21 3.33 -4.30 -3.53
N PHE A 22 4.06 -5.01 -2.70
CA PHE A 22 5.29 -4.51 -2.19
C PHE A 22 6.21 -4.14 -3.32
N TYR A 23 6.82 -2.96 -3.19
CA TYR A 23 7.83 -2.46 -4.13
C TYR A 23 7.22 -1.90 -5.41
N GLU A 24 5.99 -2.23 -5.68
CA GLU A 24 5.32 -1.67 -6.82
C GLU A 24 4.47 -0.48 -6.43
N ASN A 25 3.24 -0.77 -5.98
CA ASN A 25 2.26 0.25 -5.62
C ASN A 25 0.97 -0.36 -5.12
N VAL A 26 0.09 0.49 -4.61
CA VAL A 26 -1.15 0.05 -4.00
C VAL A 26 -2.34 0.63 -4.74
N PHE A 27 -3.29 -0.21 -5.05
CA PHE A 27 -4.46 0.21 -5.79
C PHE A 27 -5.70 -0.10 -4.99
N GLN A 28 -6.76 0.57 -5.36
CA GLN A 28 -8.08 0.29 -4.88
C GLN A 28 -9.05 0.26 -6.03
N ASP A 29 -9.38 -0.95 -6.45
CA ASP A 29 -10.27 -1.25 -7.59
C ASP A 29 -9.63 -0.83 -8.90
N SER A 30 -9.66 0.45 -9.17
CA SER A 30 -9.10 1.01 -10.37
C SER A 30 -8.36 2.32 -10.04
N ILE A 31 -8.38 2.69 -8.78
CA ILE A 31 -7.75 3.91 -8.35
C ILE A 31 -6.41 3.61 -7.69
N LEU A 32 -5.39 4.27 -8.16
CA LEU A 32 -4.06 4.13 -7.62
C LEU A 32 -3.89 5.02 -6.38
N LEU A 33 -3.52 4.44 -5.28
CA LEU A 33 -3.25 5.22 -4.09
C LEU A 33 -1.94 5.95 -4.23
N GLY A 34 -0.85 5.25 -4.07
CA GLY A 34 0.43 5.86 -4.14
C GLY A 34 1.39 5.01 -4.90
N ASN A 35 2.57 5.52 -5.10
CA ASN A 35 3.59 4.87 -5.91
C ASN A 35 4.86 4.69 -5.16
N PHE A 36 5.47 3.53 -5.30
CA PHE A 36 6.67 3.19 -4.49
C PHE A 36 7.78 4.22 -4.65
N ALA A 37 8.08 4.89 -3.56
CA ALA A 37 9.12 5.88 -3.56
C ALA A 37 10.35 5.34 -2.85
N SER A 38 10.16 4.85 -1.65
CA SER A 38 11.24 4.29 -0.89
C SER A 38 10.71 3.41 0.24
N GLN A 39 11.60 2.62 0.80
CA GLN A 39 11.26 1.80 1.93
C GLN A 39 11.98 2.32 3.16
N GLU A 40 11.30 2.31 4.26
CA GLU A 40 11.84 2.76 5.50
C GLU A 40 11.78 1.59 6.47
N GLY A 41 12.90 0.90 6.60
CA GLY A 41 12.97 -0.27 7.45
C GLY A 41 12.03 -1.37 6.99
N ASN A 42 10.97 -1.55 7.74
CA ASN A 42 9.97 -2.58 7.44
C ASN A 42 8.69 -1.92 6.91
N VAL A 43 8.75 -0.62 6.75
CA VAL A 43 7.63 0.16 6.27
C VAL A 43 7.91 0.64 4.83
N LEU A 44 6.92 0.66 3.99
CA LEU A 44 7.11 1.12 2.61
C LEU A 44 6.18 2.29 2.30
N LYS A 45 6.69 3.29 1.61
CA LYS A 45 5.89 4.44 1.23
C LYS A 45 5.60 4.52 -0.25
N TYR A 46 4.34 4.70 -0.55
CA TYR A 46 3.87 4.87 -1.87
C TYR A 46 3.22 6.24 -1.94
N GLU A 47 3.78 7.16 -2.70
CA GLU A 47 3.27 8.53 -2.75
C GLU A 47 3.21 8.94 -4.24
N ASN A 48 2.58 10.06 -4.55
CA ASN A 48 2.45 10.58 -5.93
C ASN A 48 1.63 9.68 -6.83
N GLY A 49 0.62 9.05 -6.25
CA GLY A 49 -0.22 8.18 -7.02
C GLY A 49 -1.29 8.94 -7.80
N GLN A 50 -2.49 8.44 -7.77
CA GLN A 50 -3.59 9.02 -8.51
C GLN A 50 -4.15 10.20 -7.72
N SER A 51 -4.60 11.21 -8.43
CA SER A 51 -5.05 12.48 -7.87
C SER A 51 -6.08 12.30 -6.73
N CYS A 52 -6.01 13.16 -5.75
CA CYS A 52 -6.98 13.12 -4.69
C CYS A 52 -8.16 14.02 -5.07
N ALA A 53 -7.86 15.12 -5.75
CA ALA A 53 -8.89 16.01 -6.25
C ALA A 53 -8.51 16.47 -7.67
N ASN A 54 -7.75 17.54 -7.77
CA ASN A 54 -7.26 17.97 -9.08
C ASN A 54 -5.82 18.44 -9.02
N GLY A 55 -5.26 18.43 -7.83
CA GLY A 55 -3.89 18.82 -7.66
C GLY A 55 -3.09 17.74 -6.96
N PRO A 56 -3.12 17.70 -5.62
CA PRO A 56 -2.41 16.70 -4.84
C PRO A 56 -2.86 15.28 -5.14
N HIS A 57 -1.99 14.36 -4.85
CA HIS A 57 -2.18 12.98 -5.17
C HIS A 57 -2.50 12.22 -3.92
N ARG A 58 -2.89 10.99 -4.09
CA ARG A 58 -3.08 10.10 -2.99
C ARG A 58 -1.75 9.45 -2.62
N SER A 59 -1.72 8.81 -1.50
CA SER A 59 -0.55 8.18 -0.98
C SER A 59 -0.97 6.99 -0.13
N ALA A 60 -0.04 6.10 0.12
CA ALA A 60 -0.29 4.92 0.89
C ALA A 60 0.94 4.56 1.69
N ILE A 61 0.74 4.30 2.94
CA ILE A 61 1.82 3.96 3.86
C ILE A 61 1.61 2.52 4.37
N VAL A 62 2.51 1.63 4.03
CA VAL A 62 2.33 0.24 4.41
C VAL A 62 3.06 -0.05 5.72
N THR A 63 2.28 -0.30 6.75
CA THR A 63 2.79 -0.63 8.05
C THR A 63 2.72 -2.13 8.21
N VAL A 64 3.85 -2.76 8.37
CA VAL A 64 3.86 -4.19 8.47
C VAL A 64 4.43 -4.59 9.82
N GLU A 65 3.76 -5.48 10.48
CA GLU A 65 4.18 -5.97 11.80
C GLU A 65 4.73 -7.39 11.70
N CYS A 66 4.76 -7.89 10.47
CA CYS A 66 5.22 -9.24 10.15
C CYS A 66 4.22 -10.32 10.62
N GLY A 67 4.19 -11.43 9.92
CA GLY A 67 3.28 -12.50 10.21
C GLY A 67 3.68 -13.78 9.51
N VAL A 68 2.73 -14.65 9.25
CA VAL A 68 3.01 -15.94 8.60
C VAL A 68 2.70 -15.87 7.10
N GLU A 69 1.71 -15.09 6.74
CA GLU A 69 1.28 -14.95 5.37
C GLU A 69 0.97 -13.50 5.12
N ASN A 70 0.94 -13.11 3.85
CA ASN A 70 0.60 -11.75 3.47
C ASN A 70 -0.87 -11.51 3.59
N GLU A 71 -1.24 -10.62 4.47
CA GLU A 71 -2.61 -10.30 4.69
C GLU A 71 -2.76 -8.82 5.04
N ILE A 72 -3.70 -8.19 4.40
CA ILE A 72 -4.06 -6.83 4.72
C ILE A 72 -5.15 -6.89 5.78
N VAL A 73 -4.93 -6.21 6.87
CA VAL A 73 -5.88 -6.23 7.95
C VAL A 73 -6.94 -5.14 7.74
N SER A 74 -6.46 -3.91 7.57
CA SER A 74 -7.32 -2.77 7.36
C SER A 74 -6.52 -1.64 6.73
N VAL A 75 -7.21 -0.68 6.15
CA VAL A 75 -6.61 0.51 5.57
C VAL A 75 -7.46 1.68 6.02
N LEU A 76 -6.85 2.74 6.47
CA LEU A 76 -7.60 3.87 6.96
C LEU A 76 -7.02 5.20 6.48
N GLU A 77 -7.86 6.11 6.03
CA GLU A 77 -7.42 7.46 5.71
C GLU A 77 -7.39 8.26 6.98
N ALA A 78 -6.39 9.10 7.17
CA ALA A 78 -6.32 9.88 8.37
C ALA A 78 -5.40 11.05 8.23
N GLN A 79 -4.76 11.19 7.10
CA GLN A 79 -3.76 12.20 7.01
C GLN A 79 -4.05 13.23 5.91
N LYS A 80 -3.63 12.95 4.71
CA LYS A 80 -3.82 13.85 3.59
C LYS A 80 -3.96 13.11 2.28
N CYS A 81 -5.05 12.36 2.18
CA CYS A 81 -5.30 11.51 1.02
C CYS A 81 -4.27 10.39 1.05
N GLU A 82 -3.89 10.01 2.26
CA GLU A 82 -2.89 9.00 2.46
C GLU A 82 -3.46 7.91 3.30
N TYR A 83 -3.47 6.76 2.74
CA TYR A 83 -4.09 5.64 3.34
C TYR A 83 -3.12 4.80 4.14
N LEU A 84 -3.44 4.66 5.42
CA LEU A 84 -2.65 3.92 6.37
C LEU A 84 -2.96 2.44 6.18
N ILE A 85 -2.00 1.69 5.68
CA ILE A 85 -2.23 0.29 5.44
C ILE A 85 -1.64 -0.51 6.61
N LYS A 86 -2.44 -1.39 7.15
CA LYS A 86 -2.08 -2.18 8.31
C LYS A 86 -1.96 -3.65 7.83
N MET A 87 -0.75 -4.24 7.88
CA MET A 87 -0.52 -5.57 7.30
C MET A 87 0.45 -6.39 8.09
N LYS A 88 0.58 -7.63 7.69
CA LYS A 88 1.56 -8.52 8.19
C LYS A 88 1.93 -9.56 7.15
N SER A 89 3.21 -9.91 7.11
CA SER A 89 3.75 -10.84 6.15
C SER A 89 5.04 -11.47 6.70
N PRO A 90 5.42 -12.68 6.27
CA PRO A 90 6.66 -13.34 6.73
C PRO A 90 7.92 -12.65 6.18
N ALA A 91 7.76 -12.05 5.00
CA ALA A 91 8.87 -11.37 4.32
C ALA A 91 9.23 -10.05 5.01
N ALA A 92 8.37 -9.63 5.92
CA ALA A 92 8.56 -8.41 6.65
C ALA A 92 9.60 -8.58 7.73
N CYS A 93 9.63 -9.76 8.33
CA CYS A 93 10.63 -10.05 9.37
C CYS A 93 12.03 -10.04 8.79
N SER A 94 12.70 -8.95 8.98
CA SER A 94 14.02 -8.77 8.51
C SER A 94 14.71 -7.81 9.47
N TYR A 1 9.08 -2.83 -16.24
CA TYR A 1 9.76 -2.88 -14.95
C TYR A 1 10.60 -1.65 -14.70
N ARG A 2 10.19 -0.87 -13.74
CA ARG A 2 11.01 0.22 -13.23
C ARG A 2 11.54 -0.20 -11.87
N ALA A 3 10.94 -1.25 -11.33
CA ALA A 3 11.32 -1.83 -10.07
C ALA A 3 11.05 -3.32 -10.11
N ILE A 4 11.19 -3.98 -8.99
CA ILE A 4 10.93 -5.41 -8.88
C ILE A 4 9.62 -5.59 -8.13
N LYS A 5 8.71 -6.39 -8.65
CA LYS A 5 7.45 -6.58 -7.94
C LYS A 5 7.59 -7.69 -6.92
N GLY A 6 7.11 -7.45 -5.73
CA GLY A 6 7.15 -8.45 -4.71
C GLY A 6 5.93 -9.35 -4.77
N MET A 7 5.15 -9.30 -3.73
CA MET A 7 3.92 -10.03 -3.66
C MET A 7 2.78 -9.04 -3.80
N GLU A 8 1.65 -9.51 -4.24
CA GLU A 8 0.50 -8.68 -4.36
C GLU A 8 -0.65 -9.19 -3.50
N THR A 9 -0.76 -8.65 -2.33
CA THR A 9 -1.81 -8.99 -1.43
C THR A 9 -3.05 -8.23 -1.88
N LYS A 10 -4.20 -8.84 -1.83
CA LYS A 10 -5.38 -8.17 -2.29
C LYS A 10 -6.52 -8.53 -1.44
N ARG A 11 -7.27 -7.56 -1.04
CA ARG A 11 -8.36 -7.81 -0.17
C ARG A 11 -9.42 -6.77 -0.41
N GLU A 12 -10.65 -7.11 -0.14
CA GLU A 12 -11.75 -6.24 -0.44
C GLU A 12 -12.03 -5.39 0.78
N ILE A 13 -11.72 -4.12 0.71
CA ILE A 13 -12.09 -3.23 1.78
C ILE A 13 -13.27 -2.36 1.34
N GLY A 14 -14.36 -2.45 2.10
CA GLY A 14 -15.59 -1.77 1.75
C GLY A 14 -16.17 -2.30 0.43
N GLY A 15 -15.78 -1.69 -0.66
CA GLY A 15 -16.24 -2.11 -1.96
C GLY A 15 -15.16 -1.96 -3.00
N TYR A 16 -13.97 -1.71 -2.53
CA TYR A 16 -12.83 -1.51 -3.37
C TYR A 16 -11.67 -2.40 -2.94
N THR A 17 -11.15 -3.13 -3.88
CA THR A 17 -10.15 -4.11 -3.58
C THR A 17 -8.78 -3.51 -3.55
N TYR A 18 -8.15 -3.63 -2.45
CA TYR A 18 -6.84 -3.13 -2.25
C TYR A 18 -5.84 -4.14 -2.69
N LYS A 19 -4.95 -3.74 -3.54
CA LYS A 19 -3.90 -4.60 -3.98
C LYS A 19 -2.62 -3.97 -3.55
N VAL A 20 -1.84 -4.67 -2.82
CA VAL A 20 -0.61 -4.15 -2.35
C VAL A 20 0.52 -4.89 -2.98
N VAL A 21 1.13 -4.30 -3.96
CA VAL A 21 2.26 -4.91 -4.57
C VAL A 21 3.48 -4.26 -3.99
N PHE A 22 4.13 -4.97 -3.10
CA PHE A 22 5.34 -4.49 -2.47
C PHE A 22 6.39 -4.10 -3.49
N TYR A 23 6.95 -2.89 -3.28
CA TYR A 23 8.02 -2.31 -4.12
C TYR A 23 7.50 -1.77 -5.44
N GLU A 24 6.23 -1.94 -5.67
CA GLU A 24 5.59 -1.42 -6.85
C GLU A 24 4.63 -0.31 -6.53
N ASN A 25 3.43 -0.68 -6.10
CA ASN A 25 2.37 0.28 -5.80
C ASN A 25 1.11 -0.39 -5.34
N VAL A 26 0.17 0.40 -4.85
CA VAL A 26 -1.06 -0.12 -4.28
C VAL A 26 -2.27 0.44 -5.01
N PHE A 27 -3.25 -0.42 -5.22
CA PHE A 27 -4.44 -0.05 -5.95
C PHE A 27 -5.68 -0.35 -5.13
N GLN A 28 -6.75 0.27 -5.50
CA GLN A 28 -8.07 0.00 -4.98
C GLN A 28 -9.07 -0.09 -6.13
N ASP A 29 -9.36 -1.33 -6.51
CA ASP A 29 -10.23 -1.67 -7.65
C ASP A 29 -9.61 -1.25 -8.97
N SER A 30 -9.75 0.00 -9.27
CA SER A 30 -9.23 0.56 -10.49
C SER A 30 -8.54 1.90 -10.19
N ILE A 31 -8.68 2.36 -8.96
CA ILE A 31 -8.08 3.61 -8.56
C ILE A 31 -6.74 3.34 -7.91
N LEU A 32 -5.73 3.97 -8.41
CA LEU A 32 -4.39 3.84 -7.90
C LEU A 32 -4.18 4.74 -6.67
N LEU A 33 -3.63 4.18 -5.61
CA LEU A 33 -3.29 4.96 -4.45
C LEU A 33 -2.01 5.72 -4.70
N GLY A 34 -0.89 5.09 -4.45
CA GLY A 34 0.39 5.73 -4.62
C GLY A 34 1.35 4.82 -5.32
N ASN A 35 2.59 5.27 -5.48
CA ASN A 35 3.64 4.51 -6.20
C ASN A 35 4.86 4.40 -5.35
N PHE A 36 5.54 3.26 -5.40
CA PHE A 36 6.70 3.05 -4.53
C PHE A 36 7.75 4.11 -4.73
N ALA A 37 7.97 4.88 -3.70
CA ALA A 37 8.94 5.92 -3.73
C ALA A 37 10.13 5.56 -2.89
N SER A 38 9.88 5.15 -1.66
CA SER A 38 10.95 4.83 -0.74
C SER A 38 10.51 3.81 0.30
N GLN A 39 11.49 3.14 0.87
CA GLN A 39 11.29 2.24 1.96
C GLN A 39 12.00 2.80 3.18
N GLU A 40 11.27 3.07 4.22
CA GLU A 40 11.84 3.61 5.42
C GLU A 40 11.71 2.57 6.52
N GLY A 41 12.81 1.93 6.83
CA GLY A 41 12.77 0.84 7.76
C GLY A 41 12.17 -0.36 7.07
N ASN A 42 11.22 -1.00 7.69
CA ASN A 42 10.54 -2.12 7.05
C ASN A 42 9.20 -1.65 6.50
N VAL A 43 9.01 -0.34 6.56
CA VAL A 43 7.79 0.30 6.09
C VAL A 43 7.96 0.83 4.66
N LEU A 44 6.95 0.62 3.84
CA LEU A 44 6.98 1.01 2.44
C LEU A 44 6.03 2.19 2.22
N LYS A 45 6.49 3.22 1.52
CA LYS A 45 5.62 4.37 1.25
C LYS A 45 5.43 4.50 -0.26
N TYR A 46 4.17 4.57 -0.67
CA TYR A 46 3.84 4.69 -2.05
C TYR A 46 3.10 6.01 -2.27
N GLU A 47 3.68 6.95 -3.01
CA GLU A 47 3.00 8.22 -3.28
C GLU A 47 3.10 8.56 -4.74
N ASN A 48 2.55 9.71 -5.14
CA ASN A 48 2.59 10.16 -6.55
C ASN A 48 1.73 9.27 -7.42
N GLY A 49 0.65 8.77 -6.85
CA GLY A 49 -0.26 7.94 -7.58
C GLY A 49 -1.29 8.75 -8.32
N GLN A 50 -2.52 8.30 -8.27
CA GLN A 50 -3.62 8.91 -8.99
C GLN A 50 -3.93 10.25 -8.30
N SER A 51 -3.99 11.32 -9.09
CA SER A 51 -4.22 12.67 -8.59
C SER A 51 -5.47 12.74 -7.71
N CYS A 52 -5.29 13.13 -6.47
CA CYS A 52 -6.37 13.15 -5.51
C CYS A 52 -7.27 14.35 -5.75
N ALA A 53 -6.69 15.43 -6.32
CA ALA A 53 -7.40 16.69 -6.63
C ALA A 53 -7.77 17.48 -5.37
N ASN A 54 -8.26 16.78 -4.36
CA ASN A 54 -8.60 17.37 -3.06
C ASN A 54 -7.33 17.89 -2.40
N GLY A 55 -6.26 17.19 -2.65
CA GLY A 55 -4.96 17.56 -2.14
C GLY A 55 -3.91 17.21 -3.17
N PRO A 56 -2.77 16.65 -2.75
CA PRO A 56 -1.72 16.21 -3.68
C PRO A 56 -2.13 14.90 -4.37
N HIS A 57 -1.18 14.19 -4.94
CA HIS A 57 -1.50 12.89 -5.50
C HIS A 57 -1.77 11.91 -4.39
N ARG A 58 -2.62 10.95 -4.66
CA ARG A 58 -3.02 9.98 -3.68
C ARG A 58 -1.80 9.14 -3.28
N SER A 59 -1.83 8.58 -2.09
CA SER A 59 -0.69 7.90 -1.57
C SER A 59 -1.12 6.79 -0.62
N ALA A 60 -0.17 5.96 -0.24
CA ALA A 60 -0.39 4.83 0.61
C ALA A 60 0.85 4.53 1.43
N ILE A 61 0.66 4.35 2.70
CA ILE A 61 1.73 4.03 3.62
C ILE A 61 1.51 2.62 4.21
N VAL A 62 2.37 1.69 3.85
CA VAL A 62 2.19 0.30 4.28
C VAL A 62 2.97 0.06 5.55
N THR A 63 2.24 -0.14 6.61
CA THR A 63 2.79 -0.38 7.90
C THR A 63 2.58 -1.84 8.28
N VAL A 64 3.66 -2.56 8.41
CA VAL A 64 3.63 -3.97 8.69
C VAL A 64 4.02 -4.28 10.12
N GLU A 65 3.27 -5.16 10.77
CA GLU A 65 3.59 -5.60 12.12
C GLU A 65 4.13 -7.03 12.08
N CYS A 66 4.20 -7.56 10.87
CA CYS A 66 4.67 -8.93 10.58
C CYS A 66 3.64 -10.00 10.96
N GLY A 67 3.64 -11.09 10.23
CA GLY A 67 2.69 -12.14 10.44
C GLY A 67 3.18 -13.44 9.89
N VAL A 68 2.27 -14.36 9.66
CA VAL A 68 2.61 -15.67 9.15
C VAL A 68 2.47 -15.70 7.63
N GLU A 69 1.50 -14.96 7.12
CA GLU A 69 1.21 -14.89 5.71
C GLU A 69 0.84 -13.47 5.35
N ASN A 70 0.89 -13.16 4.08
CA ASN A 70 0.57 -11.81 3.62
C ASN A 70 -0.92 -11.60 3.66
N GLU A 71 -1.33 -10.63 4.43
CA GLU A 71 -2.72 -10.27 4.54
C GLU A 71 -2.84 -8.79 4.87
N ILE A 72 -3.82 -8.15 4.28
CA ILE A 72 -4.10 -6.76 4.57
C ILE A 72 -5.01 -6.70 5.76
N VAL A 73 -4.57 -6.06 6.81
CA VAL A 73 -5.33 -6.00 8.03
C VAL A 73 -6.45 -4.97 7.92
N SER A 74 -6.08 -3.73 7.72
CA SER A 74 -7.04 -2.64 7.62
C SER A 74 -6.40 -1.47 6.86
N VAL A 75 -7.22 -0.56 6.35
CA VAL A 75 -6.74 0.61 5.63
C VAL A 75 -7.56 1.84 6.05
N LEU A 76 -6.89 2.89 6.46
CA LEU A 76 -7.56 4.11 6.92
C LEU A 76 -6.91 5.38 6.35
N GLU A 77 -7.72 6.34 5.95
CA GLU A 77 -7.18 7.61 5.48
C GLU A 77 -6.97 8.52 6.67
N ALA A 78 -5.73 8.75 7.02
CA ALA A 78 -5.43 9.65 8.13
C ALA A 78 -4.54 10.79 7.67
N GLN A 79 -3.94 10.62 6.52
CA GLN A 79 -3.01 11.58 5.99
C GLN A 79 -3.52 12.15 4.67
N LYS A 80 -2.82 13.17 4.16
CA LYS A 80 -3.16 13.90 2.92
C LYS A 80 -3.39 13.01 1.67
N CYS A 81 -4.62 12.49 1.56
CA CYS A 81 -4.99 11.54 0.48
C CYS A 81 -4.06 10.32 0.55
N GLU A 82 -3.49 10.11 1.73
CA GLU A 82 -2.55 9.07 1.96
C GLU A 82 -3.15 8.07 2.92
N TYR A 83 -3.24 6.87 2.44
CA TYR A 83 -3.92 5.80 3.11
C TYR A 83 -3.00 4.91 3.91
N LEU A 84 -3.37 4.71 5.17
CA LEU A 84 -2.64 3.86 6.08
C LEU A 84 -2.98 2.43 5.76
N ILE A 85 -2.05 1.69 5.27
CA ILE A 85 -2.28 0.31 4.98
C ILE A 85 -1.62 -0.49 6.06
N LYS A 86 -2.37 -1.24 6.75
CA LYS A 86 -1.82 -2.00 7.82
C LYS A 86 -1.77 -3.44 7.35
N MET A 87 -0.61 -4.03 7.38
CA MET A 87 -0.43 -5.39 6.91
C MET A 87 0.45 -6.16 7.83
N LYS A 88 0.56 -7.41 7.55
CA LYS A 88 1.42 -8.28 8.23
C LYS A 88 1.80 -9.41 7.30
N SER A 89 3.04 -9.80 7.36
CA SER A 89 3.59 -10.83 6.51
C SER A 89 4.88 -11.32 7.14
N PRO A 90 5.35 -12.53 6.81
CA PRO A 90 6.63 -13.05 7.33
C PRO A 90 7.81 -12.23 6.81
N ALA A 91 7.62 -11.63 5.64
CA ALA A 91 8.62 -10.81 5.00
C ALA A 91 8.82 -9.50 5.74
N ALA A 92 7.85 -9.14 6.56
CA ALA A 92 7.90 -7.92 7.33
C ALA A 92 8.84 -8.05 8.52
N CYS A 93 9.10 -9.28 8.92
CA CYS A 93 10.05 -9.55 9.99
C CYS A 93 11.49 -9.42 9.51
N SER A 94 11.70 -9.59 8.22
CA SER A 94 13.01 -9.49 7.65
C SER A 94 13.22 -8.10 7.07
N TYR A 1 14.45 -0.22 -11.12
CA TYR A 1 15.63 -1.07 -11.12
C TYR A 1 15.65 -1.83 -9.81
N ARG A 2 15.89 -3.16 -9.87
CA ARG A 2 15.97 -4.01 -8.66
C ARG A 2 14.58 -4.15 -7.96
N ALA A 3 13.54 -3.77 -8.67
CA ALA A 3 12.21 -3.83 -8.11
C ALA A 3 11.51 -5.10 -8.54
N ILE A 4 11.18 -5.93 -7.58
CA ILE A 4 10.47 -7.16 -7.83
C ILE A 4 8.96 -6.91 -7.78
N LYS A 5 8.26 -7.34 -8.80
CA LYS A 5 6.83 -7.11 -8.91
C LYS A 5 6.07 -8.29 -8.35
N GLY A 6 5.26 -8.04 -7.35
CA GLY A 6 4.47 -9.08 -6.81
C GLY A 6 3.00 -8.77 -6.87
N MET A 7 2.29 -9.24 -5.90
CA MET A 7 0.84 -9.08 -5.71
C MET A 7 0.50 -9.85 -4.47
N GLU A 8 1.43 -9.74 -3.53
CA GLU A 8 1.49 -10.53 -2.33
C GLU A 8 0.22 -10.49 -1.50
N THR A 9 -0.32 -9.33 -1.31
CA THR A 9 -1.49 -9.21 -0.49
C THR A 9 -2.63 -8.59 -1.24
N LYS A 10 -3.82 -9.06 -0.97
CA LYS A 10 -4.99 -8.53 -1.56
C LYS A 10 -6.10 -8.57 -0.54
N ARG A 11 -6.92 -7.55 -0.49
CA ARG A 11 -8.03 -7.50 0.45
C ARG A 11 -9.07 -6.55 -0.11
N GLU A 12 -10.31 -6.73 0.22
CA GLU A 12 -11.33 -5.83 -0.22
C GLU A 12 -11.81 -4.90 0.89
N ILE A 13 -11.52 -3.63 0.75
CA ILE A 13 -11.96 -2.66 1.72
C ILE A 13 -13.04 -1.77 1.12
N GLY A 14 -14.23 -1.83 1.70
CA GLY A 14 -15.36 -1.00 1.28
C GLY A 14 -15.81 -1.23 -0.15
N GLY A 15 -15.57 -2.42 -0.67
CA GLY A 15 -15.98 -2.77 -2.01
C GLY A 15 -14.86 -2.62 -3.02
N TYR A 16 -13.83 -1.92 -2.65
CA TYR A 16 -12.70 -1.73 -3.51
C TYR A 16 -11.53 -2.58 -3.09
N THR A 17 -10.97 -3.25 -4.05
CA THR A 17 -9.99 -4.27 -3.82
C THR A 17 -8.59 -3.71 -3.76
N TYR A 18 -8.00 -3.81 -2.62
CA TYR A 18 -6.67 -3.36 -2.37
C TYR A 18 -5.69 -4.44 -2.71
N LYS A 19 -4.76 -4.11 -3.54
CA LYS A 19 -3.73 -5.03 -3.94
C LYS A 19 -2.40 -4.43 -3.55
N VAL A 20 -1.63 -5.15 -2.79
CA VAL A 20 -0.33 -4.69 -2.41
C VAL A 20 0.72 -5.40 -3.24
N VAL A 21 1.27 -4.69 -4.22
CA VAL A 21 2.34 -5.23 -5.05
C VAL A 21 3.66 -5.04 -4.29
N PHE A 22 3.58 -4.17 -3.28
CA PHE A 22 4.61 -3.94 -2.26
C PHE A 22 5.80 -3.12 -2.77
N TYR A 23 6.48 -3.64 -3.76
CA TYR A 23 7.66 -2.96 -4.29
C TYR A 23 7.26 -2.02 -5.41
N GLU A 24 6.05 -2.20 -5.89
CA GLU A 24 5.50 -1.33 -6.92
C GLU A 24 4.60 -0.29 -6.36
N ASN A 25 3.46 -0.73 -5.84
CA ASN A 25 2.41 0.15 -5.40
C ASN A 25 1.24 -0.63 -4.83
N VAL A 26 0.18 0.09 -4.48
CA VAL A 26 -1.05 -0.50 -3.96
C VAL A 26 -2.22 0.13 -4.71
N PHE A 27 -3.15 -0.70 -5.14
CA PHE A 27 -4.30 -0.22 -5.89
C PHE A 27 -5.58 -0.49 -5.11
N GLN A 28 -6.61 0.26 -5.43
CA GLN A 28 -7.96 0.00 -4.97
C GLN A 28 -8.84 -0.17 -6.17
N ASP A 29 -9.12 -1.42 -6.47
CA ASP A 29 -9.89 -1.85 -7.64
C ASP A 29 -9.08 -1.56 -8.90
N SER A 30 -9.20 -0.36 -9.41
CA SER A 30 -8.43 0.05 -10.57
C SER A 30 -7.79 1.43 -10.30
N ILE A 31 -8.14 2.02 -9.17
CA ILE A 31 -7.62 3.32 -8.79
C ILE A 31 -6.31 3.14 -8.02
N LEU A 32 -5.28 3.70 -8.55
CA LEU A 32 -3.97 3.62 -7.96
C LEU A 32 -3.81 4.59 -6.77
N LEU A 33 -3.44 4.05 -5.61
CA LEU A 33 -3.22 4.87 -4.42
C LEU A 33 -1.96 5.70 -4.57
N GLY A 34 -0.84 5.04 -4.52
CA GLY A 34 0.42 5.71 -4.61
C GLY A 34 1.44 4.80 -5.20
N ASN A 35 2.64 5.28 -5.38
CA ASN A 35 3.70 4.47 -6.01
C ASN A 35 4.90 4.43 -5.19
N PHE A 36 5.62 3.36 -5.31
CA PHE A 36 6.83 3.16 -4.49
C PHE A 36 7.78 4.35 -4.62
N ALA A 37 7.94 5.07 -3.53
CA ALA A 37 8.78 6.23 -3.50
C ALA A 37 9.92 6.05 -2.54
N SER A 38 9.59 5.71 -1.32
CA SER A 38 10.56 5.63 -0.25
C SER A 38 10.33 4.37 0.56
N GLN A 39 11.38 3.89 1.20
CA GLN A 39 11.28 2.74 2.04
C GLN A 39 12.16 2.83 3.26
N GLU A 40 11.64 2.37 4.37
CA GLU A 40 12.36 2.37 5.64
C GLU A 40 12.09 1.07 6.35
N GLY A 41 13.02 0.14 6.26
CA GLY A 41 12.86 -1.15 6.88
C GLY A 41 11.77 -1.95 6.19
N ASN A 42 10.65 -2.11 6.86
CA ASN A 42 9.51 -2.80 6.28
C ASN A 42 8.42 -1.83 5.90
N VAL A 43 8.70 -0.56 6.07
CA VAL A 43 7.75 0.46 5.75
C VAL A 43 7.97 0.98 4.35
N LEU A 44 6.96 0.87 3.56
CA LEU A 44 6.96 1.33 2.20
C LEU A 44 6.05 2.54 2.07
N LYS A 45 6.57 3.59 1.50
CA LYS A 45 5.78 4.77 1.26
C LYS A 45 5.53 4.94 -0.24
N TYR A 46 4.25 5.04 -0.59
CA TYR A 46 3.85 5.15 -1.94
C TYR A 46 3.33 6.59 -2.21
N GLU A 47 4.04 7.34 -3.04
CA GLU A 47 3.66 8.73 -3.42
C GLU A 47 3.28 8.79 -4.88
N ASN A 48 2.71 9.92 -5.27
CA ASN A 48 2.37 10.21 -6.68
C ASN A 48 1.50 9.15 -7.31
N GLY A 49 0.43 8.79 -6.65
CA GLY A 49 -0.49 7.83 -7.20
C GLY A 49 -1.44 8.47 -8.19
N GLN A 50 -2.63 7.98 -8.24
CA GLN A 50 -3.63 8.49 -9.13
C GLN A 50 -4.26 9.70 -8.43
N SER A 51 -4.29 10.82 -9.12
CA SER A 51 -4.74 12.13 -8.60
C SER A 51 -5.99 12.06 -7.68
N CYS A 52 -5.86 12.65 -6.50
CA CYS A 52 -6.92 12.68 -5.52
C CYS A 52 -7.68 14.01 -5.60
N ALA A 53 -7.02 15.01 -6.20
CA ALA A 53 -7.55 16.39 -6.38
C ALA A 53 -7.61 17.18 -5.06
N ASN A 54 -7.96 16.49 -3.99
CA ASN A 54 -8.04 17.09 -2.65
C ASN A 54 -6.63 17.34 -2.12
N GLY A 55 -5.83 16.31 -2.09
CA GLY A 55 -4.49 16.44 -1.60
C GLY A 55 -3.54 16.60 -2.72
N PRO A 56 -2.25 16.90 -2.44
CA PRO A 56 -1.23 17.08 -3.48
C PRO A 56 -1.17 15.89 -4.40
N HIS A 57 -0.95 14.76 -3.81
CA HIS A 57 -0.89 13.53 -4.54
C HIS A 57 -1.66 12.52 -3.75
N ARG A 58 -2.12 11.47 -4.37
CA ARG A 58 -2.71 10.40 -3.62
C ARG A 58 -1.57 9.50 -3.19
N SER A 59 -1.68 8.91 -2.04
CA SER A 59 -0.60 8.20 -1.47
C SER A 59 -1.06 7.06 -0.56
N ALA A 60 -0.13 6.21 -0.20
CA ALA A 60 -0.38 5.10 0.67
C ALA A 60 0.87 4.82 1.47
N ILE A 61 0.69 4.48 2.71
CA ILE A 61 1.80 4.16 3.59
C ILE A 61 1.53 2.78 4.19
N VAL A 62 2.49 1.89 4.15
CA VAL A 62 2.25 0.58 4.74
C VAL A 62 2.94 0.47 6.10
N THR A 63 2.19 0.07 7.08
CA THR A 63 2.70 -0.16 8.38
C THR A 63 2.70 -1.68 8.60
N VAL A 64 3.87 -2.27 8.72
CA VAL A 64 3.98 -3.70 8.85
C VAL A 64 4.48 -4.07 10.23
N GLU A 65 3.78 -4.97 10.87
CA GLU A 65 4.17 -5.43 12.21
C GLU A 65 4.73 -6.85 12.17
N CYS A 66 4.82 -7.44 10.96
CA CYS A 66 5.24 -8.84 10.76
C CYS A 66 4.13 -9.82 11.16
N GLY A 67 3.96 -10.84 10.36
CA GLY A 67 2.94 -11.81 10.61
C GLY A 67 3.29 -13.15 10.03
N VAL A 68 2.32 -14.02 9.95
CA VAL A 68 2.51 -15.36 9.42
C VAL A 68 2.27 -15.38 7.91
N GLU A 69 1.31 -14.63 7.49
CA GLU A 69 0.95 -14.57 6.10
C GLU A 69 0.69 -13.13 5.71
N ASN A 70 0.70 -12.86 4.43
CA ASN A 70 0.41 -11.53 3.94
C ASN A 70 -1.07 -11.26 4.06
N GLU A 71 -1.44 -10.36 4.94
CA GLU A 71 -2.82 -10.01 5.10
C GLU A 71 -2.97 -8.54 5.46
N ILE A 72 -3.86 -7.89 4.76
CA ILE A 72 -4.21 -6.51 5.01
C ILE A 72 -5.25 -6.49 6.11
N VAL A 73 -4.94 -5.83 7.19
CA VAL A 73 -5.83 -5.78 8.32
C VAL A 73 -6.84 -4.65 8.17
N SER A 74 -6.34 -3.48 7.80
CA SER A 74 -7.17 -2.31 7.64
C SER A 74 -6.42 -1.27 6.82
N VAL A 75 -7.17 -0.42 6.15
CA VAL A 75 -6.63 0.69 5.39
C VAL A 75 -7.50 1.90 5.67
N LEU A 76 -6.92 2.96 6.15
CA LEU A 76 -7.70 4.12 6.50
C LEU A 76 -7.04 5.40 5.96
N GLU A 77 -7.81 6.23 5.31
CA GLU A 77 -7.30 7.50 4.84
C GLU A 77 -7.46 8.52 5.96
N ALA A 78 -6.36 8.85 6.60
CA ALA A 78 -6.41 9.75 7.74
C ALA A 78 -5.42 10.87 7.58
N GLN A 79 -4.86 10.95 6.41
CA GLN A 79 -3.89 11.95 6.11
C GLN A 79 -4.27 12.52 4.73
N LYS A 80 -3.40 13.33 4.13
CA LYS A 80 -3.60 13.93 2.80
C LYS A 80 -3.72 12.92 1.65
N CYS A 81 -4.92 12.34 1.51
CA CYS A 81 -5.20 11.32 0.48
C CYS A 81 -4.22 10.15 0.61
N GLU A 82 -3.68 10.00 1.80
CA GLU A 82 -2.75 8.96 2.09
C GLU A 82 -3.44 7.90 2.88
N TYR A 83 -3.40 6.73 2.38
CA TYR A 83 -4.05 5.60 2.96
C TYR A 83 -3.11 4.85 3.85
N LEU A 84 -3.47 4.77 5.10
CA LEU A 84 -2.69 4.09 6.10
C LEU A 84 -3.00 2.62 5.98
N ILE A 85 -2.07 1.87 5.48
CA ILE A 85 -2.26 0.45 5.30
C ILE A 85 -1.65 -0.29 6.47
N LYS A 86 -2.46 -1.01 7.18
CA LYS A 86 -2.05 -1.69 8.38
C LYS A 86 -1.95 -3.19 8.04
N MET A 87 -0.73 -3.74 8.08
CA MET A 87 -0.48 -5.09 7.62
C MET A 87 0.52 -5.81 8.48
N LYS A 88 0.70 -7.05 8.12
CA LYS A 88 1.66 -7.90 8.68
C LYS A 88 1.96 -8.98 7.66
N SER A 89 3.20 -9.39 7.58
CA SER A 89 3.61 -10.41 6.65
C SER A 89 4.98 -10.94 7.04
N PRO A 90 5.29 -12.20 6.69
CA PRO A 90 6.61 -12.80 6.95
C PRO A 90 7.67 -12.22 6.00
N ALA A 91 7.21 -11.77 4.84
CA ALA A 91 8.09 -11.23 3.80
C ALA A 91 8.65 -9.87 4.18
N ALA A 92 7.94 -9.17 5.05
CA ALA A 92 8.36 -7.87 5.48
C ALA A 92 8.86 -7.97 6.89
N CYS A 93 8.75 -9.16 7.43
CA CYS A 93 9.22 -9.44 8.76
C CYS A 93 10.74 -9.45 8.74
N SER A 94 11.28 -9.83 7.61
CA SER A 94 12.68 -9.85 7.40
C SER A 94 13.04 -8.56 6.67
N TYR A 1 17.88 -3.50 -11.75
CA TYR A 1 17.51 -2.36 -10.92
C TYR A 1 16.25 -1.71 -11.44
N ARG A 2 15.15 -2.10 -10.85
CA ARG A 2 13.84 -1.61 -11.19
C ARG A 2 12.89 -2.17 -10.16
N ALA A 3 11.64 -1.83 -10.24
CA ALA A 3 10.67 -2.35 -9.32
C ALA A 3 10.43 -3.83 -9.60
N ILE A 4 10.11 -4.55 -8.59
CA ILE A 4 9.89 -5.97 -8.69
C ILE A 4 8.46 -6.29 -8.34
N LYS A 5 7.85 -7.18 -9.07
CA LYS A 5 6.49 -7.57 -8.74
C LYS A 5 6.48 -8.63 -7.68
N GLY A 6 5.86 -8.33 -6.59
CA GLY A 6 5.64 -9.31 -5.59
C GLY A 6 4.23 -9.81 -5.74
N MET A 7 3.30 -8.96 -5.36
CA MET A 7 1.86 -9.17 -5.49
C MET A 7 1.44 -10.45 -4.79
N GLU A 8 1.29 -10.36 -3.51
CA GLU A 8 0.85 -11.49 -2.74
C GLU A 8 -0.46 -11.21 -2.06
N THR A 9 -0.75 -9.96 -1.79
CA THR A 9 -1.91 -9.65 -1.01
C THR A 9 -2.88 -8.73 -1.75
N LYS A 10 -4.16 -9.06 -1.65
CA LYS A 10 -5.23 -8.25 -2.18
C LYS A 10 -6.41 -8.41 -1.24
N ARG A 11 -7.11 -7.34 -0.96
CA ARG A 11 -8.21 -7.42 -0.02
C ARG A 11 -9.09 -6.21 -0.16
N GLU A 12 -10.36 -6.36 0.10
CA GLU A 12 -11.29 -5.29 -0.07
C GLU A 12 -11.50 -4.47 1.20
N ILE A 13 -11.07 -3.23 1.14
CA ILE A 13 -11.29 -2.30 2.23
C ILE A 13 -12.07 -1.11 1.69
N GLY A 14 -13.09 -0.69 2.42
CA GLY A 14 -13.88 0.48 2.06
C GLY A 14 -14.62 0.34 0.73
N GLY A 15 -14.88 -0.88 0.31
CA GLY A 15 -15.63 -1.09 -0.92
C GLY A 15 -14.75 -1.27 -2.13
N TYR A 16 -13.47 -1.11 -1.96
CA TYR A 16 -12.51 -1.26 -3.03
C TYR A 16 -11.40 -2.24 -2.68
N THR A 17 -10.87 -2.89 -3.67
CA THR A 17 -9.92 -3.96 -3.47
C THR A 17 -8.50 -3.43 -3.54
N TYR A 18 -7.82 -3.52 -2.45
CA TYR A 18 -6.48 -3.06 -2.35
C TYR A 18 -5.55 -4.15 -2.78
N LYS A 19 -4.62 -3.80 -3.63
CA LYS A 19 -3.63 -4.74 -4.10
C LYS A 19 -2.28 -4.26 -3.66
N VAL A 20 -1.56 -5.08 -2.98
CA VAL A 20 -0.24 -4.70 -2.57
C VAL A 20 0.78 -5.52 -3.32
N VAL A 21 1.44 -4.86 -4.25
CA VAL A 21 2.42 -5.52 -5.07
C VAL A 21 3.79 -5.51 -4.42
N PHE A 22 4.04 -4.47 -3.58
CA PHE A 22 5.38 -4.22 -2.97
C PHE A 22 6.40 -3.81 -4.02
N TYR A 23 7.06 -2.68 -3.77
CA TYR A 23 8.13 -2.13 -4.65
C TYR A 23 7.58 -1.56 -5.97
N GLU A 24 6.54 -2.16 -6.48
CA GLU A 24 5.81 -1.60 -7.58
C GLU A 24 4.95 -0.43 -7.11
N ASN A 25 3.74 -0.76 -6.63
CA ASN A 25 2.75 0.22 -6.17
C ASN A 25 1.50 -0.46 -5.66
N VAL A 26 0.61 0.32 -5.05
CA VAL A 26 -0.61 -0.23 -4.45
C VAL A 26 -1.83 0.42 -5.10
N PHE A 27 -2.85 -0.38 -5.34
CA PHE A 27 -4.04 0.09 -6.01
C PHE A 27 -5.27 -0.24 -5.18
N GLN A 28 -6.36 0.44 -5.48
CA GLN A 28 -7.67 0.17 -4.92
C GLN A 28 -8.65 0.01 -6.06
N ASP A 29 -9.00 -1.23 -6.35
CA ASP A 29 -9.92 -1.61 -7.45
C ASP A 29 -9.25 -1.36 -8.78
N SER A 30 -9.20 -0.10 -9.13
CA SER A 30 -8.63 0.33 -10.36
C SER A 30 -7.95 1.69 -10.17
N ILE A 31 -8.10 2.27 -8.98
CA ILE A 31 -7.54 3.55 -8.67
C ILE A 31 -6.18 3.39 -8.00
N LEU A 32 -5.21 4.08 -8.51
CA LEU A 32 -3.85 4.04 -8.01
C LEU A 32 -3.66 4.93 -6.78
N LEU A 33 -3.19 4.33 -5.70
CA LEU A 33 -2.87 5.09 -4.50
C LEU A 33 -1.60 5.91 -4.75
N GLY A 34 -0.48 5.24 -4.84
CA GLY A 34 0.78 5.93 -5.04
C GLY A 34 1.82 4.98 -5.60
N ASN A 35 3.00 5.50 -5.90
CA ASN A 35 4.08 4.71 -6.51
C ASN A 35 5.17 4.55 -5.54
N PHE A 36 5.84 3.41 -5.58
CA PHE A 36 6.95 3.19 -4.64
C PHE A 36 8.05 4.21 -4.85
N ALA A 37 8.27 5.01 -3.86
CA ALA A 37 9.28 6.02 -3.94
C ALA A 37 10.45 5.68 -3.04
N SER A 38 10.16 5.41 -1.80
CA SER A 38 11.20 5.11 -0.85
C SER A 38 10.65 4.18 0.24
N GLN A 39 11.51 3.68 1.09
CA GLN A 39 11.12 2.79 2.15
C GLN A 39 11.90 3.10 3.42
N GLU A 40 11.22 3.11 4.53
CA GLU A 40 11.81 3.36 5.82
C GLU A 40 11.78 2.09 6.63
N GLY A 41 12.89 1.39 6.65
CA GLY A 41 12.97 0.15 7.39
C GLY A 41 12.07 -0.91 6.81
N ASN A 42 10.95 -1.16 7.47
CA ASN A 42 10.01 -2.18 7.04
C ASN A 42 8.83 -1.52 6.31
N VAL A 43 8.78 -0.21 6.36
CA VAL A 43 7.66 0.53 5.82
C VAL A 43 7.96 1.07 4.43
N LEU A 44 7.13 0.71 3.48
CA LEU A 44 7.29 1.17 2.11
C LEU A 44 6.35 2.33 1.84
N LYS A 45 6.84 3.36 1.21
CA LYS A 45 6.06 4.56 0.98
C LYS A 45 5.75 4.69 -0.52
N TYR A 46 4.49 4.91 -0.84
CA TYR A 46 4.04 5.08 -2.19
C TYR A 46 3.41 6.47 -2.32
N GLU A 47 3.83 7.29 -3.29
CA GLU A 47 3.27 8.65 -3.45
C GLU A 47 2.92 8.98 -4.88
N ASN A 48 2.26 10.12 -5.07
CA ASN A 48 1.96 10.69 -6.41
C ASN A 48 1.12 9.80 -7.28
N GLY A 49 0.04 9.28 -6.72
CA GLY A 49 -0.85 8.48 -7.51
C GLY A 49 -1.98 9.31 -8.05
N GLN A 50 -3.16 8.76 -7.99
CA GLN A 50 -4.37 9.42 -8.47
C GLN A 50 -4.67 10.65 -7.64
N SER A 51 -5.19 11.64 -8.29
CA SER A 51 -5.49 12.91 -7.66
C SER A 51 -6.52 12.77 -6.53
N CYS A 52 -6.38 13.62 -5.54
CA CYS A 52 -7.23 13.61 -4.35
C CYS A 52 -8.45 14.51 -4.57
N ALA A 53 -8.51 15.10 -5.78
CA ALA A 53 -9.58 15.99 -6.24
C ALA A 53 -9.50 17.34 -5.57
N ASN A 54 -9.09 18.34 -6.36
CA ASN A 54 -8.90 19.74 -5.90
C ASN A 54 -7.65 19.91 -5.02
N GLY A 55 -7.34 18.90 -4.23
CA GLY A 55 -6.21 18.94 -3.35
C GLY A 55 -5.00 18.24 -3.94
N PRO A 56 -4.20 17.55 -3.11
CA PRO A 56 -2.98 16.84 -3.55
C PRO A 56 -3.29 15.53 -4.30
N HIS A 57 -2.39 14.59 -4.20
CA HIS A 57 -2.56 13.30 -4.83
C HIS A 57 -2.56 12.22 -3.79
N ARG A 58 -3.09 11.09 -4.13
CA ARG A 58 -3.11 9.96 -3.25
C ARG A 58 -1.72 9.40 -3.03
N SER A 59 -1.56 8.74 -1.94
CA SER A 59 -0.34 8.10 -1.54
C SER A 59 -0.69 6.94 -0.63
N ALA A 60 0.24 6.08 -0.36
CA ALA A 60 0.02 4.93 0.46
C ALA A 60 1.24 4.66 1.30
N ILE A 61 1.03 4.27 2.51
CA ILE A 61 2.12 3.97 3.39
C ILE A 61 1.93 2.53 3.94
N VAL A 62 2.77 1.62 3.49
CA VAL A 62 2.63 0.22 3.87
C VAL A 62 3.50 -0.11 5.06
N THR A 63 2.85 -0.38 6.15
CA THR A 63 3.49 -0.74 7.37
C THR A 63 3.14 -2.19 7.70
N VAL A 64 4.14 -3.04 7.73
CA VAL A 64 3.90 -4.42 8.00
C VAL A 64 4.29 -4.69 9.45
N GLU A 65 3.44 -5.35 10.19
CA GLU A 65 3.71 -5.64 11.60
C GLU A 65 4.03 -7.13 11.84
N CYS A 66 4.30 -7.83 10.72
CA CYS A 66 4.63 -9.27 10.69
C CYS A 66 3.48 -10.16 11.21
N GLY A 67 3.43 -11.39 10.75
CA GLY A 67 2.32 -12.25 11.12
C GLY A 67 2.50 -13.66 10.62
N VAL A 68 1.42 -14.40 10.52
CA VAL A 68 1.47 -15.81 10.08
C VAL A 68 1.33 -15.92 8.54
N GLU A 69 0.58 -15.02 7.97
CA GLU A 69 0.34 -15.03 6.55
C GLU A 69 0.21 -13.61 6.08
N ASN A 70 0.41 -13.38 4.81
CA ASN A 70 0.29 -12.04 4.27
C ASN A 70 -1.17 -11.66 4.13
N GLU A 71 -1.53 -10.59 4.76
CA GLU A 71 -2.87 -10.10 4.67
C GLU A 71 -2.88 -8.63 4.92
N ILE A 72 -3.79 -7.96 4.30
CA ILE A 72 -3.98 -6.55 4.52
C ILE A 72 -4.89 -6.41 5.71
N VAL A 73 -4.38 -5.88 6.75
CA VAL A 73 -5.11 -5.78 7.99
C VAL A 73 -6.09 -4.61 7.94
N SER A 74 -5.60 -3.46 7.59
CA SER A 74 -6.39 -2.26 7.61
C SER A 74 -5.81 -1.24 6.65
N VAL A 75 -6.67 -0.41 6.10
CA VAL A 75 -6.27 0.69 5.26
C VAL A 75 -7.12 1.88 5.66
N LEU A 76 -6.50 2.89 6.19
CA LEU A 76 -7.23 4.03 6.70
C LEU A 76 -6.82 5.32 6.00
N GLU A 77 -7.80 6.07 5.51
CA GLU A 77 -7.53 7.35 4.89
C GLU A 77 -7.61 8.44 5.98
N ALA A 78 -6.62 8.48 6.83
CA ALA A 78 -6.56 9.46 7.92
C ALA A 78 -5.62 10.57 7.55
N GLN A 79 -4.83 10.32 6.55
CA GLN A 79 -3.89 11.26 6.03
C GLN A 79 -4.46 11.88 4.78
N LYS A 80 -3.80 12.86 4.20
CA LYS A 80 -4.33 13.59 3.05
C LYS A 80 -4.39 12.70 1.77
N CYS A 81 -5.46 11.90 1.68
CA CYS A 81 -5.60 10.92 0.60
C CYS A 81 -4.40 9.96 0.59
N GLU A 82 -3.73 9.87 1.72
CA GLU A 82 -2.63 9.00 1.89
C GLU A 82 -3.11 7.88 2.79
N TYR A 83 -3.04 6.69 2.29
CA TYR A 83 -3.65 5.56 2.91
C TYR A 83 -2.69 4.80 3.79
N LEU A 84 -3.09 4.64 5.04
CA LEU A 84 -2.34 3.88 6.02
C LEU A 84 -2.60 2.43 5.77
N ILE A 85 -1.60 1.70 5.35
CA ILE A 85 -1.81 0.32 5.04
C ILE A 85 -1.13 -0.55 6.08
N LYS A 86 -1.89 -1.41 6.68
CA LYS A 86 -1.38 -2.39 7.61
C LYS A 86 -1.35 -3.72 6.98
N MET A 87 -0.26 -4.38 7.10
CA MET A 87 -0.13 -5.72 6.65
C MET A 87 0.67 -6.50 7.62
N LYS A 88 0.69 -7.75 7.43
CA LYS A 88 1.50 -8.62 8.20
C LYS A 88 1.85 -9.82 7.38
N SER A 89 3.06 -10.29 7.52
CA SER A 89 3.57 -11.43 6.80
C SER A 89 4.72 -12.02 7.62
N PRO A 90 4.91 -13.36 7.61
CA PRO A 90 6.00 -14.00 8.39
C PRO A 90 7.36 -13.59 7.86
N ALA A 91 7.42 -13.30 6.57
CA ALA A 91 8.65 -12.92 5.91
C ALA A 91 9.04 -11.48 6.25
N ALA A 92 8.19 -10.79 6.97
CA ALA A 92 8.45 -9.43 7.33
C ALA A 92 9.17 -9.32 8.67
N CYS A 93 9.18 -10.42 9.42
CA CYS A 93 9.95 -10.49 10.68
C CYS A 93 11.47 -10.52 10.43
N SER A 94 11.86 -10.58 9.17
CA SER A 94 13.25 -10.55 8.80
C SER A 94 13.79 -9.13 9.04
N TYR A 1 10.11 1.50 -17.59
CA TYR A 1 9.83 1.38 -16.16
C TYR A 1 9.08 0.10 -15.88
N ARG A 2 9.79 -0.88 -15.41
CA ARG A 2 9.21 -2.17 -15.14
C ARG A 2 9.61 -2.53 -13.72
N ALA A 3 8.65 -2.63 -12.85
CA ALA A 3 8.89 -2.98 -11.47
C ALA A 3 8.53 -4.44 -11.27
N ILE A 4 9.14 -5.08 -10.33
CA ILE A 4 8.91 -6.50 -10.13
C ILE A 4 7.93 -6.74 -8.96
N LYS A 5 7.00 -7.64 -9.16
CA LYS A 5 6.05 -7.98 -8.13
C LYS A 5 6.68 -8.92 -7.13
N GLY A 6 6.39 -8.69 -5.87
CA GLY A 6 6.91 -9.55 -4.86
C GLY A 6 5.82 -10.29 -4.17
N MET A 7 5.40 -9.80 -3.04
CA MET A 7 4.31 -10.37 -2.33
C MET A 7 3.07 -9.59 -2.65
N GLU A 8 2.43 -9.95 -3.74
CA GLU A 8 1.26 -9.28 -4.19
C GLU A 8 0.07 -9.79 -3.40
N THR A 9 -0.41 -8.97 -2.52
CA THR A 9 -1.49 -9.32 -1.65
C THR A 9 -2.67 -8.40 -1.94
N LYS A 10 -3.88 -8.87 -1.76
CA LYS A 10 -5.03 -8.07 -2.03
C LYS A 10 -6.05 -8.24 -0.95
N ARG A 11 -6.81 -7.22 -0.72
CA ARG A 11 -7.80 -7.22 0.30
C ARG A 11 -8.82 -6.18 -0.08
N GLU A 12 -10.07 -6.48 0.06
CA GLU A 12 -11.05 -5.53 -0.30
C GLU A 12 -11.61 -4.78 0.89
N ILE A 13 -11.41 -3.49 0.87
CA ILE A 13 -11.90 -2.64 1.93
C ILE A 13 -12.95 -1.68 1.37
N GLY A 14 -14.13 -1.72 1.96
CA GLY A 14 -15.22 -0.83 1.59
C GLY A 14 -15.71 -0.99 0.16
N GLY A 15 -15.54 -2.17 -0.40
CA GLY A 15 -16.03 -2.42 -1.75
C GLY A 15 -14.95 -2.26 -2.81
N TYR A 16 -13.85 -1.65 -2.44
CA TYR A 16 -12.75 -1.47 -3.35
C TYR A 16 -11.57 -2.35 -2.99
N THR A 17 -10.99 -2.93 -4.00
CA THR A 17 -9.97 -3.93 -3.82
C THR A 17 -8.60 -3.30 -3.72
N TYR A 18 -8.00 -3.44 -2.58
CA TYR A 18 -6.68 -2.96 -2.38
C TYR A 18 -5.69 -4.00 -2.79
N LYS A 19 -4.76 -3.60 -3.60
CA LYS A 19 -3.74 -4.49 -4.05
C LYS A 19 -2.43 -3.94 -3.57
N VAL A 20 -1.70 -4.71 -2.85
CA VAL A 20 -0.41 -4.30 -2.41
C VAL A 20 0.61 -5.22 -3.02
N VAL A 21 1.32 -4.72 -4.02
CA VAL A 21 2.36 -5.51 -4.62
C VAL A 21 3.62 -5.38 -3.79
N PHE A 22 3.59 -4.35 -2.94
CA PHE A 22 4.63 -4.02 -1.96
C PHE A 22 5.86 -3.42 -2.68
N TYR A 23 6.42 -4.15 -3.60
CA TYR A 23 7.62 -3.72 -4.29
C TYR A 23 7.26 -2.91 -5.55
N GLU A 24 6.00 -2.97 -5.94
CA GLU A 24 5.53 -2.17 -7.06
C GLU A 24 4.75 -0.94 -6.61
N ASN A 25 3.55 -1.17 -6.06
CA ASN A 25 2.65 -0.08 -5.64
C ASN A 25 1.35 -0.63 -5.09
N VAL A 26 0.42 0.27 -4.70
CA VAL A 26 -0.86 -0.14 -4.15
C VAL A 26 -2.03 0.53 -4.89
N PHE A 27 -3.06 -0.25 -5.18
CA PHE A 27 -4.25 0.24 -5.89
C PHE A 27 -5.50 -0.03 -5.08
N GLN A 28 -6.58 0.60 -5.50
CA GLN A 28 -7.92 0.34 -5.04
C GLN A 28 -8.82 0.17 -6.25
N ASP A 29 -9.02 -1.09 -6.61
CA ASP A 29 -9.80 -1.53 -7.78
C ASP A 29 -9.10 -1.14 -9.07
N SER A 30 -9.23 0.11 -9.43
CA SER A 30 -8.65 0.64 -10.61
C SER A 30 -7.88 1.93 -10.28
N ILE A 31 -8.21 2.52 -9.13
CA ILE A 31 -7.60 3.76 -8.73
C ILE A 31 -6.31 3.55 -7.96
N LEU A 32 -5.29 4.23 -8.40
CA LEU A 32 -3.97 4.13 -7.85
C LEU A 32 -3.81 5.02 -6.62
N LEU A 33 -3.41 4.41 -5.52
CA LEU A 33 -3.12 5.16 -4.31
C LEU A 33 -1.77 5.84 -4.46
N GLY A 34 -0.75 5.04 -4.67
CA GLY A 34 0.57 5.57 -4.81
C GLY A 34 1.51 4.52 -5.32
N ASN A 35 2.71 4.92 -5.64
CA ASN A 35 3.72 4.03 -6.20
C ASN A 35 4.85 3.91 -5.31
N PHE A 36 5.49 2.79 -5.38
CA PHE A 36 6.66 2.52 -4.52
C PHE A 36 7.72 3.63 -4.69
N ALA A 37 7.97 4.35 -3.62
CA ALA A 37 8.92 5.44 -3.65
C ALA A 37 10.12 5.15 -2.78
N SER A 38 9.86 4.72 -1.56
CA SER A 38 10.92 4.46 -0.64
C SER A 38 10.63 3.23 0.19
N GLN A 39 11.68 2.58 0.63
CA GLN A 39 11.60 1.45 1.50
C GLN A 39 12.57 1.68 2.63
N GLU A 40 12.06 1.75 3.81
CA GLU A 40 12.87 1.96 4.97
C GLU A 40 12.52 0.90 5.98
N GLY A 41 13.33 -0.13 6.03
CA GLY A 41 13.06 -1.24 6.90
C GLY A 41 11.89 -2.01 6.37
N ASN A 42 10.85 -2.07 7.14
CA ASN A 42 9.65 -2.76 6.71
C ASN A 42 8.56 -1.76 6.35
N VAL A 43 8.90 -0.48 6.42
CA VAL A 43 7.95 0.56 6.11
C VAL A 43 8.23 1.11 4.72
N LEU A 44 7.21 1.11 3.90
CA LEU A 44 7.30 1.55 2.54
C LEU A 44 6.33 2.69 2.29
N LYS A 45 6.73 3.64 1.47
CA LYS A 45 5.89 4.78 1.17
C LYS A 45 5.57 4.75 -0.33
N TYR A 46 4.31 4.93 -0.67
CA TYR A 46 3.86 4.92 -2.04
C TYR A 46 3.24 6.28 -2.42
N GLU A 47 3.84 7.01 -3.34
CA GLU A 47 3.28 8.32 -3.77
C GLU A 47 3.16 8.40 -5.27
N ASN A 48 2.76 9.58 -5.79
CA ASN A 48 2.57 9.80 -7.24
C ASN A 48 1.36 9.05 -7.74
N GLY A 49 0.37 8.89 -6.87
CA GLY A 49 -0.82 8.21 -7.27
C GLY A 49 -1.78 9.15 -7.96
N GLN A 50 -3.01 8.71 -8.09
CA GLN A 50 -4.05 9.51 -8.71
C GLN A 50 -4.22 10.84 -8.03
N SER A 51 -4.54 11.84 -8.79
CA SER A 51 -4.79 13.14 -8.27
C SER A 51 -6.02 13.08 -7.38
N CYS A 52 -5.84 13.42 -6.13
CA CYS A 52 -6.88 13.32 -5.14
C CYS A 52 -7.94 14.39 -5.32
N ALA A 53 -7.59 15.46 -6.07
CA ALA A 53 -8.46 16.62 -6.33
C ALA A 53 -8.65 17.46 -5.06
N ASN A 54 -9.05 16.81 -3.98
CA ASN A 54 -9.19 17.43 -2.67
C ASN A 54 -7.82 17.87 -2.19
N GLY A 55 -6.84 17.07 -2.51
CA GLY A 55 -5.47 17.36 -2.20
C GLY A 55 -4.61 17.17 -3.44
N PRO A 56 -3.31 16.91 -3.30
CA PRO A 56 -2.43 16.67 -4.45
C PRO A 56 -2.53 15.21 -4.93
N HIS A 57 -1.47 14.69 -5.55
CA HIS A 57 -1.43 13.27 -5.91
C HIS A 57 -1.50 12.48 -4.64
N ARG A 58 -2.31 11.47 -4.62
CA ARG A 58 -2.51 10.75 -3.40
C ARG A 58 -1.35 9.80 -3.09
N SER A 59 -1.39 9.21 -1.92
CA SER A 59 -0.30 8.43 -1.42
C SER A 59 -0.81 7.27 -0.54
N ALA A 60 0.08 6.35 -0.24
CA ALA A 60 -0.21 5.22 0.59
C ALA A 60 1.02 4.90 1.43
N ILE A 61 0.81 4.55 2.67
CA ILE A 61 1.90 4.21 3.57
C ILE A 61 1.64 2.83 4.15
N VAL A 62 2.62 1.97 4.17
CA VAL A 62 2.41 0.65 4.70
C VAL A 62 3.05 0.49 6.08
N THR A 63 2.26 0.09 7.03
CA THR A 63 2.71 -0.18 8.35
C THR A 63 2.55 -1.70 8.60
N VAL A 64 3.68 -2.36 8.79
CA VAL A 64 3.71 -3.80 8.93
C VAL A 64 3.96 -4.20 10.38
N GLU A 65 3.20 -5.17 10.87
CA GLU A 65 3.39 -5.68 12.25
C GLU A 65 4.04 -7.07 12.24
N CYS A 66 4.29 -7.61 11.04
CA CYS A 66 4.84 -8.98 10.85
C CYS A 66 3.80 -10.04 11.12
N GLY A 67 3.76 -11.02 10.26
CA GLY A 67 2.84 -12.10 10.41
C GLY A 67 3.41 -13.33 9.79
N VAL A 68 2.67 -14.40 9.82
CA VAL A 68 3.10 -15.65 9.25
C VAL A 68 2.70 -15.71 7.78
N GLU A 69 1.61 -15.03 7.48
CA GLU A 69 1.08 -15.00 6.15
C GLU A 69 0.96 -13.57 5.70
N ASN A 70 0.86 -13.36 4.41
CA ASN A 70 0.67 -12.03 3.87
C ASN A 70 -0.78 -11.67 3.91
N GLU A 71 -1.15 -10.75 4.75
CA GLU A 71 -2.50 -10.31 4.83
C GLU A 71 -2.57 -8.85 5.15
N ILE A 72 -3.41 -8.17 4.43
CA ILE A 72 -3.68 -6.79 4.68
C ILE A 72 -4.76 -6.75 5.76
N VAL A 73 -4.48 -6.04 6.81
CA VAL A 73 -5.39 -6.00 7.93
C VAL A 73 -6.49 -4.97 7.69
N SER A 74 -6.10 -3.73 7.60
CA SER A 74 -7.03 -2.65 7.42
C SER A 74 -6.33 -1.50 6.68
N VAL A 75 -7.12 -0.60 6.13
CA VAL A 75 -6.60 0.58 5.44
C VAL A 75 -7.44 1.78 5.84
N LEU A 76 -6.79 2.84 6.24
CA LEU A 76 -7.52 4.04 6.65
C LEU A 76 -6.88 5.30 6.07
N GLU A 77 -7.64 6.04 5.29
CA GLU A 77 -7.14 7.31 4.80
C GLU A 77 -7.39 8.37 5.85
N ALA A 78 -6.44 8.50 6.75
CA ALA A 78 -6.55 9.46 7.83
C ALA A 78 -5.67 10.66 7.56
N GLN A 79 -4.66 10.46 6.74
CA GLN A 79 -3.77 11.52 6.40
C GLN A 79 -4.13 12.06 5.03
N LYS A 80 -3.57 13.22 4.68
CA LYS A 80 -3.78 13.94 3.40
C LYS A 80 -3.78 13.05 2.15
N CYS A 81 -4.96 12.47 1.84
CA CYS A 81 -5.15 11.56 0.70
C CYS A 81 -4.14 10.43 0.75
N GLU A 82 -3.70 10.13 1.96
CA GLU A 82 -2.71 9.15 2.16
C GLU A 82 -3.30 8.03 2.99
N TYR A 83 -3.22 6.87 2.46
CA TYR A 83 -3.84 5.72 3.04
C TYR A 83 -2.90 4.95 3.92
N LEU A 84 -3.31 4.79 5.16
CA LEU A 84 -2.57 4.03 6.13
C LEU A 84 -2.90 2.58 5.90
N ILE A 85 -1.99 1.84 5.36
CA ILE A 85 -2.19 0.45 5.08
C ILE A 85 -1.55 -0.37 6.18
N LYS A 86 -2.31 -1.20 6.81
CA LYS A 86 -1.78 -2.00 7.87
C LYS A 86 -1.66 -3.44 7.35
N MET A 87 -0.48 -4.02 7.43
CA MET A 87 -0.26 -5.36 6.94
C MET A 87 0.57 -6.15 7.89
N LYS A 88 0.64 -7.40 7.62
CA LYS A 88 1.46 -8.30 8.31
C LYS A 88 1.91 -9.33 7.33
N SER A 89 3.18 -9.67 7.38
CA SER A 89 3.73 -10.62 6.46
C SER A 89 5.11 -11.04 6.92
N PRO A 90 5.53 -12.26 6.60
CA PRO A 90 6.87 -12.75 6.91
C PRO A 90 7.94 -12.03 6.08
N ALA A 91 7.53 -11.53 4.92
CA ALA A 91 8.43 -10.86 4.00
C ALA A 91 8.84 -9.47 4.47
N ALA A 92 8.10 -8.93 5.41
CA ALA A 92 8.40 -7.62 5.92
C ALA A 92 8.76 -7.72 7.38
N CYS A 93 8.70 -8.92 7.88
CA CYS A 93 9.03 -9.19 9.24
C CYS A 93 10.54 -9.07 9.42
N SER A 94 10.95 -8.13 10.21
CA SER A 94 12.34 -7.94 10.49
C SER A 94 12.50 -7.96 12.01
N TYR A 1 13.42 -4.92 -16.46
CA TYR A 1 12.62 -5.08 -15.26
C TYR A 1 12.63 -3.80 -14.46
N ARG A 2 11.46 -3.29 -14.14
CA ARG A 2 11.34 -2.11 -13.31
C ARG A 2 10.78 -2.51 -11.98
N ALA A 3 11.53 -2.26 -10.91
CA ALA A 3 11.14 -2.62 -9.54
C ALA A 3 10.95 -4.14 -9.42
N ILE A 4 10.33 -4.58 -8.38
CA ILE A 4 10.05 -5.97 -8.19
C ILE A 4 8.56 -6.16 -8.21
N LYS A 5 8.07 -6.95 -9.12
CA LYS A 5 6.65 -7.13 -9.22
C LYS A 5 6.25 -8.36 -8.43
N GLY A 6 5.40 -8.19 -7.43
CA GLY A 6 4.99 -9.32 -6.64
C GLY A 6 3.52 -9.64 -6.79
N MET A 7 2.68 -8.73 -6.30
CA MET A 7 1.21 -8.92 -6.19
C MET A 7 0.96 -9.98 -5.17
N GLU A 8 0.98 -9.59 -3.92
CA GLU A 8 0.91 -10.54 -2.85
C GLU A 8 -0.46 -10.65 -2.24
N THR A 9 -0.95 -9.56 -1.71
CA THR A 9 -2.17 -9.61 -0.97
C THR A 9 -3.21 -8.66 -1.59
N LYS A 10 -4.47 -9.00 -1.43
CA LYS A 10 -5.55 -8.18 -1.87
C LYS A 10 -6.69 -8.26 -0.89
N ARG A 11 -7.33 -7.14 -0.65
CA ARG A 11 -8.40 -7.08 0.32
C ARG A 11 -9.35 -6.01 -0.13
N GLU A 12 -10.61 -6.20 0.07
CA GLU A 12 -11.56 -5.23 -0.38
C GLU A 12 -12.06 -4.44 0.80
N ILE A 13 -11.69 -3.20 0.86
CA ILE A 13 -12.17 -2.34 1.91
C ILE A 13 -13.30 -1.50 1.37
N GLY A 14 -14.40 -1.46 2.11
CA GLY A 14 -15.60 -0.80 1.66
C GLY A 14 -16.16 -1.45 0.41
N GLY A 15 -15.74 -0.97 -0.71
CA GLY A 15 -16.20 -1.51 -1.97
C GLY A 15 -15.12 -1.44 -3.00
N TYR A 16 -13.91 -1.23 -2.54
CA TYR A 16 -12.77 -1.10 -3.40
C TYR A 16 -11.66 -2.04 -3.00
N THR A 17 -11.09 -2.68 -3.99
CA THR A 17 -10.16 -3.76 -3.77
C THR A 17 -8.73 -3.26 -3.70
N TYR A 18 -8.14 -3.39 -2.57
CA TYR A 18 -6.79 -3.00 -2.35
C TYR A 18 -5.87 -4.11 -2.76
N LYS A 19 -4.95 -3.80 -3.63
CA LYS A 19 -4.00 -4.77 -4.10
C LYS A 19 -2.63 -4.30 -3.71
N VAL A 20 -1.91 -5.10 -3.00
CA VAL A 20 -0.59 -4.73 -2.62
C VAL A 20 0.42 -5.50 -3.45
N VAL A 21 1.11 -4.79 -4.35
CA VAL A 21 2.12 -5.42 -5.16
C VAL A 21 3.42 -5.50 -4.35
N PHE A 22 3.45 -4.69 -3.30
CA PHE A 22 4.46 -4.70 -2.23
C PHE A 22 5.79 -4.04 -2.62
N TYR A 23 6.21 -4.21 -3.85
CA TYR A 23 7.43 -3.58 -4.28
C TYR A 23 7.18 -2.62 -5.43
N GLU A 24 5.94 -2.60 -5.88
CA GLU A 24 5.53 -1.69 -6.93
C GLU A 24 4.66 -0.58 -6.40
N ASN A 25 3.47 -0.95 -5.95
CA ASN A 25 2.46 -0.01 -5.52
C ASN A 25 1.25 -0.72 -4.96
N VAL A 26 0.26 0.06 -4.58
CA VAL A 26 -0.98 -0.45 -4.06
C VAL A 26 -2.12 0.25 -4.78
N PHE A 27 -3.12 -0.49 -5.18
CA PHE A 27 -4.25 0.07 -5.89
C PHE A 27 -5.52 -0.19 -5.12
N GLN A 28 -6.52 0.61 -5.38
CA GLN A 28 -7.86 0.35 -4.93
C GLN A 28 -8.75 0.17 -6.14
N ASP A 29 -8.89 -1.07 -6.51
CA ASP A 29 -9.63 -1.54 -7.68
C ASP A 29 -8.94 -1.11 -8.94
N SER A 30 -9.14 0.14 -9.31
CA SER A 30 -8.57 0.68 -10.49
C SER A 30 -7.88 2.03 -10.18
N ILE A 31 -7.97 2.49 -8.93
CA ILE A 31 -7.33 3.74 -8.55
C ILE A 31 -5.97 3.49 -7.90
N LEU A 32 -4.96 4.01 -8.51
CA LEU A 32 -3.62 3.94 -8.01
C LEU A 32 -3.42 4.86 -6.80
N LEU A 33 -3.27 4.25 -5.62
CA LEU A 33 -3.03 5.00 -4.38
C LEU A 33 -1.73 5.78 -4.46
N GLY A 34 -0.65 5.07 -4.57
CA GLY A 34 0.64 5.68 -4.63
C GLY A 34 1.62 4.71 -5.19
N ASN A 35 2.86 5.13 -5.34
CA ASN A 35 3.88 4.27 -5.97
C ASN A 35 5.07 4.17 -5.14
N PHE A 36 5.74 3.07 -5.26
CA PHE A 36 6.91 2.78 -4.42
C PHE A 36 7.98 3.83 -4.65
N ALA A 37 8.25 4.58 -3.61
CA ALA A 37 9.25 5.60 -3.68
C ALA A 37 10.38 5.30 -2.73
N SER A 38 10.05 5.06 -1.48
CA SER A 38 11.05 4.83 -0.47
C SER A 38 10.54 3.82 0.55
N GLN A 39 11.42 3.00 1.05
CA GLN A 39 11.08 2.12 2.14
C GLN A 39 11.90 2.51 3.35
N GLU A 40 11.28 2.60 4.48
CA GLU A 40 11.95 3.02 5.67
C GLU A 40 11.51 2.15 6.83
N GLY A 41 12.41 1.32 7.28
CA GLY A 41 12.08 0.36 8.27
C GLY A 41 11.37 -0.78 7.60
N ASN A 42 10.26 -1.18 8.14
CA ASN A 42 9.45 -2.20 7.48
C ASN A 42 8.21 -1.53 6.90
N VAL A 43 8.27 -0.20 6.86
CA VAL A 43 7.21 0.62 6.32
C VAL A 43 7.53 0.98 4.88
N LEU A 44 6.56 0.79 4.02
CA LEU A 44 6.73 1.07 2.63
C LEU A 44 5.91 2.30 2.25
N LYS A 45 6.57 3.30 1.70
CA LYS A 45 5.91 4.51 1.31
C LYS A 45 5.68 4.59 -0.21
N TYR A 46 4.41 4.79 -0.59
CA TYR A 46 4.00 4.90 -1.94
C TYR A 46 3.43 6.30 -2.16
N GLU A 47 3.97 7.03 -3.10
CA GLU A 47 3.48 8.37 -3.43
C GLU A 47 3.42 8.57 -4.93
N ASN A 48 3.01 9.76 -5.36
CA ASN A 48 2.85 10.10 -6.80
C ASN A 48 1.67 9.34 -7.36
N GLY A 49 0.71 9.05 -6.50
CA GLY A 49 -0.45 8.31 -6.87
C GLY A 49 -1.42 9.13 -7.65
N GLN A 50 -2.40 8.46 -8.19
CA GLN A 50 -3.41 9.02 -9.05
C GLN A 50 -4.18 10.10 -8.27
N SER A 51 -4.34 11.27 -8.88
CA SER A 51 -4.97 12.45 -8.28
C SER A 51 -6.25 12.11 -7.49
N CYS A 52 -6.48 12.86 -6.45
CA CYS A 52 -7.56 12.59 -5.54
C CYS A 52 -8.64 13.70 -5.61
N ALA A 53 -8.28 14.80 -6.29
CA ALA A 53 -9.14 16.00 -6.45
C ALA A 53 -9.35 16.71 -5.11
N ASN A 54 -8.54 16.33 -4.13
CA ASN A 54 -8.61 16.90 -2.79
C ASN A 54 -7.59 18.01 -2.68
N GLY A 55 -6.42 17.78 -3.25
CA GLY A 55 -5.37 18.76 -3.20
C GLY A 55 -4.08 18.20 -3.75
N PRO A 56 -3.23 17.56 -2.91
CA PRO A 56 -1.95 16.99 -3.35
C PRO A 56 -2.14 15.66 -4.08
N HIS A 57 -1.04 14.99 -4.35
CA HIS A 57 -1.07 13.72 -5.04
C HIS A 57 -1.32 12.62 -4.03
N ARG A 58 -2.06 11.62 -4.45
CA ARG A 58 -2.49 10.54 -3.58
C ARG A 58 -1.28 9.69 -3.19
N SER A 59 -1.35 9.06 -2.05
CA SER A 59 -0.26 8.26 -1.56
C SER A 59 -0.75 7.15 -0.63
N ALA A 60 0.13 6.24 -0.30
CA ALA A 60 -0.18 5.13 0.56
C ALA A 60 1.04 4.81 1.38
N ILE A 61 0.82 4.52 2.63
CA ILE A 61 1.89 4.18 3.52
C ILE A 61 1.60 2.84 4.18
N VAL A 62 2.33 1.83 3.81
CA VAL A 62 2.07 0.49 4.32
C VAL A 62 2.95 0.21 5.53
N THR A 63 2.32 0.08 6.64
CA THR A 63 2.97 -0.24 7.86
C THR A 63 2.82 -1.73 8.07
N VAL A 64 3.91 -2.43 8.04
CA VAL A 64 3.87 -3.86 8.17
C VAL A 64 4.44 -4.23 9.52
N GLU A 65 3.76 -5.11 10.23
CA GLU A 65 4.21 -5.52 11.55
C GLU A 65 4.79 -6.94 11.51
N CYS A 66 4.71 -7.55 10.33
CA CYS A 66 5.15 -8.92 10.06
C CYS A 66 4.20 -9.94 10.71
N GLY A 67 4.17 -11.12 10.16
CA GLY A 67 3.27 -12.12 10.65
C GLY A 67 3.64 -13.47 10.14
N VAL A 68 2.75 -14.39 10.20
CA VAL A 68 3.00 -15.74 9.73
C VAL A 68 2.39 -15.88 8.34
N GLU A 69 1.45 -15.05 8.07
CA GLU A 69 0.70 -15.04 6.87
C GLU A 69 0.61 -13.61 6.35
N ASN A 70 0.32 -13.45 5.08
CA ASN A 70 0.10 -12.12 4.55
C ASN A 70 -1.38 -11.82 4.48
N GLU A 71 -1.74 -10.69 5.04
CA GLU A 71 -3.11 -10.26 5.05
C GLU A 71 -3.12 -8.76 5.21
N ILE A 72 -4.06 -8.12 4.57
CA ILE A 72 -4.23 -6.71 4.73
C ILE A 72 -5.12 -6.49 5.93
N VAL A 73 -4.53 -5.94 6.96
CA VAL A 73 -5.20 -5.80 8.22
C VAL A 73 -6.17 -4.61 8.18
N SER A 74 -5.66 -3.45 7.87
CA SER A 74 -6.49 -2.26 7.84
C SER A 74 -5.93 -1.23 6.90
N VAL A 75 -6.77 -0.31 6.51
CA VAL A 75 -6.42 0.83 5.67
C VAL A 75 -7.22 2.02 6.18
N LEU A 76 -6.58 3.13 6.39
CA LEU A 76 -7.27 4.30 6.90
C LEU A 76 -6.86 5.56 6.16
N GLU A 77 -7.82 6.31 5.68
CA GLU A 77 -7.55 7.58 5.05
C GLU A 77 -7.64 8.67 6.10
N ALA A 78 -6.56 8.88 6.80
CA ALA A 78 -6.53 9.87 7.88
C ALA A 78 -5.59 11.00 7.51
N GLN A 79 -5.09 10.92 6.31
CA GLN A 79 -4.15 11.88 5.82
C GLN A 79 -4.64 12.41 4.48
N LYS A 80 -3.83 13.24 3.85
CA LYS A 80 -4.17 13.90 2.57
C LYS A 80 -4.28 12.89 1.40
N CYS A 81 -5.33 12.08 1.44
CA CYS A 81 -5.52 11.00 0.48
C CYS A 81 -4.36 10.01 0.56
N GLU A 82 -3.65 10.04 1.70
CA GLU A 82 -2.61 9.11 1.93
C GLU A 82 -3.18 8.02 2.80
N TYR A 83 -3.14 6.83 2.29
CA TYR A 83 -3.77 5.73 2.93
C TYR A 83 -2.83 4.97 3.79
N LEU A 84 -3.17 4.90 5.04
CA LEU A 84 -2.41 4.17 6.03
C LEU A 84 -2.77 2.71 5.84
N ILE A 85 -1.87 1.92 5.37
CA ILE A 85 -2.14 0.54 5.11
C ILE A 85 -1.44 -0.29 6.14
N LYS A 86 -2.10 -1.24 6.68
CA LYS A 86 -1.53 -2.09 7.68
C LYS A 86 -1.51 -3.52 7.18
N MET A 87 -0.35 -4.16 7.24
CA MET A 87 -0.21 -5.53 6.79
C MET A 87 0.75 -6.28 7.65
N LYS A 88 0.86 -7.54 7.36
CA LYS A 88 1.81 -8.39 7.95
C LYS A 88 2.05 -9.54 7.01
N SER A 89 3.24 -10.07 7.03
CA SER A 89 3.63 -11.21 6.25
C SER A 89 4.93 -11.73 6.81
N PRO A 90 5.23 -13.02 6.69
CA PRO A 90 6.48 -13.59 7.19
C PRO A 90 7.68 -13.05 6.41
N ALA A 91 7.45 -12.69 5.16
CA ALA A 91 8.48 -12.16 4.29
C ALA A 91 8.87 -10.75 4.70
N ALA A 92 8.01 -10.11 5.46
CA ALA A 92 8.23 -8.76 5.91
C ALA A 92 9.28 -8.70 7.00
N CYS A 93 9.36 -9.76 7.82
CA CYS A 93 10.40 -9.83 8.85
C CYS A 93 11.77 -9.73 8.23
N SER A 94 12.36 -8.58 8.39
CA SER A 94 13.61 -8.26 7.82
C SER A 94 14.47 -7.48 8.82
N TYR A 1 8.20 2.71 -15.82
CA TYR A 1 7.05 1.94 -16.24
C TYR A 1 7.26 0.49 -15.87
N ARG A 2 6.35 -0.03 -15.05
CA ARG A 2 6.39 -1.39 -14.52
C ARG A 2 7.57 -1.62 -13.59
N ALA A 3 7.30 -1.63 -12.32
CA ALA A 3 8.31 -1.87 -11.33
C ALA A 3 8.43 -3.38 -11.06
N ILE A 4 9.08 -3.74 -9.99
CA ILE A 4 9.26 -5.15 -9.66
C ILE A 4 8.02 -5.66 -8.94
N LYS A 5 7.44 -6.72 -9.46
CA LYS A 5 6.27 -7.30 -8.87
C LYS A 5 6.73 -8.33 -7.84
N GLY A 6 6.34 -8.13 -6.61
CA GLY A 6 6.71 -9.07 -5.60
C GLY A 6 5.61 -10.05 -5.37
N MET A 7 4.67 -9.64 -4.56
CA MET A 7 3.53 -10.44 -4.25
C MET A 7 2.29 -9.67 -4.64
N GLU A 8 1.16 -10.29 -4.51
CA GLU A 8 -0.10 -9.62 -4.76
C GLU A 8 -1.05 -9.94 -3.63
N THR A 9 -1.14 -9.05 -2.68
CA THR A 9 -2.08 -9.23 -1.62
C THR A 9 -3.32 -8.43 -1.96
N LYS A 10 -4.48 -9.01 -1.79
CA LYS A 10 -5.71 -8.38 -2.19
C LYS A 10 -6.65 -8.38 -1.04
N ARG A 11 -7.33 -7.30 -0.85
CA ARG A 11 -8.32 -7.25 0.17
C ARG A 11 -9.34 -6.21 -0.23
N GLU A 12 -10.59 -6.50 -0.08
CA GLU A 12 -11.60 -5.55 -0.46
C GLU A 12 -12.07 -4.76 0.76
N ILE A 13 -11.73 -3.48 0.78
CA ILE A 13 -12.15 -2.59 1.86
C ILE A 13 -13.05 -1.51 1.27
N GLY A 14 -14.16 -1.25 1.92
CA GLY A 14 -15.08 -0.19 1.49
C GLY A 14 -15.67 -0.43 0.12
N GLY A 15 -15.68 -1.67 -0.30
CA GLY A 15 -16.23 -2.01 -1.60
C GLY A 15 -15.19 -2.01 -2.71
N TYR A 16 -14.01 -1.51 -2.41
CA TYR A 16 -12.93 -1.46 -3.38
C TYR A 16 -11.78 -2.38 -3.06
N THR A 17 -11.20 -2.90 -4.08
CA THR A 17 -10.20 -3.92 -4.01
C THR A 17 -8.83 -3.31 -3.85
N TYR A 18 -8.26 -3.47 -2.70
CA TYR A 18 -6.93 -3.02 -2.45
C TYR A 18 -5.94 -4.07 -2.88
N LYS A 19 -5.03 -3.68 -3.72
CA LYS A 19 -4.03 -4.58 -4.21
C LYS A 19 -2.68 -4.07 -3.79
N VAL A 20 -1.94 -4.88 -3.11
CA VAL A 20 -0.62 -4.52 -2.69
C VAL A 20 0.38 -5.39 -3.43
N VAL A 21 1.12 -4.79 -4.35
CA VAL A 21 2.11 -5.53 -5.10
C VAL A 21 3.45 -5.58 -4.32
N PHE A 22 3.49 -4.77 -3.27
CA PHE A 22 4.58 -4.70 -2.28
C PHE A 22 5.84 -3.98 -2.81
N TYR A 23 6.05 -3.99 -4.12
CA TYR A 23 7.21 -3.29 -4.68
C TYR A 23 6.83 -2.41 -5.87
N GLU A 24 5.59 -2.52 -6.29
CA GLU A 24 5.10 -1.69 -7.37
C GLU A 24 4.30 -0.52 -6.84
N ASN A 25 3.11 -0.81 -6.38
CA ASN A 25 2.16 0.16 -5.90
C ASN A 25 0.95 -0.50 -5.31
N VAL A 26 0.01 0.30 -4.84
CA VAL A 26 -1.21 -0.19 -4.25
C VAL A 26 -2.40 0.49 -4.92
N PHE A 27 -3.40 -0.28 -5.27
CA PHE A 27 -4.58 0.25 -5.93
C PHE A 27 -5.80 -0.05 -5.12
N GLN A 28 -6.86 0.65 -5.42
CA GLN A 28 -8.18 0.36 -4.97
C GLN A 28 -9.05 0.25 -6.22
N ASP A 29 -9.08 -0.96 -6.76
CA ASP A 29 -9.69 -1.29 -8.04
C ASP A 29 -9.04 -0.59 -9.21
N SER A 30 -9.54 0.57 -9.56
CA SER A 30 -8.98 1.31 -10.65
C SER A 30 -8.31 2.60 -10.18
N ILE A 31 -8.57 2.97 -8.94
CA ILE A 31 -7.99 4.17 -8.40
C ILE A 31 -6.68 3.83 -7.72
N LEU A 32 -5.65 4.44 -8.19
CA LEU A 32 -4.32 4.25 -7.68
C LEU A 32 -4.08 5.07 -6.41
N LEU A 33 -3.69 4.41 -5.33
CA LEU A 33 -3.40 5.13 -4.10
C LEU A 33 -2.09 5.87 -4.22
N GLY A 34 -1.01 5.14 -4.22
CA GLY A 34 0.28 5.75 -4.29
C GLY A 34 1.23 4.87 -5.01
N ASN A 35 2.46 5.29 -5.13
CA ASN A 35 3.44 4.53 -5.91
C ASN A 35 4.67 4.36 -5.16
N PHE A 36 5.35 3.29 -5.44
CA PHE A 36 6.56 2.93 -4.70
C PHE A 36 7.58 4.05 -4.82
N ALA A 37 7.89 4.66 -3.71
CA ALA A 37 8.81 5.75 -3.68
C ALA A 37 10.05 5.35 -2.96
N SER A 38 9.88 4.83 -1.77
CA SER A 38 10.96 4.36 -0.95
C SER A 38 10.44 3.34 0.02
N GLN A 39 11.33 2.52 0.51
CA GLN A 39 11.01 1.57 1.52
C GLN A 39 12.18 1.62 2.48
N GLU A 40 11.92 2.00 3.70
CA GLU A 40 12.95 2.11 4.71
C GLU A 40 12.46 1.45 5.98
N GLY A 41 13.19 0.44 6.40
CA GLY A 41 12.75 -0.36 7.51
C GLY A 41 11.85 -1.44 6.99
N ASN A 42 10.78 -1.72 7.67
CA ASN A 42 9.80 -2.66 7.15
C ASN A 42 8.52 -1.91 6.74
N VAL A 43 8.63 -0.60 6.68
CA VAL A 43 7.51 0.27 6.34
C VAL A 43 7.64 0.78 4.90
N LEU A 44 6.67 0.47 4.10
CA LEU A 44 6.66 0.84 2.70
C LEU A 44 5.89 2.12 2.49
N LYS A 45 6.47 3.04 1.75
CA LYS A 45 5.81 4.28 1.44
C LYS A 45 5.56 4.45 -0.07
N TYR A 46 4.30 4.66 -0.41
CA TYR A 46 3.85 4.87 -1.75
C TYR A 46 3.24 6.27 -1.85
N GLU A 47 3.71 7.08 -2.77
CA GLU A 47 3.15 8.41 -2.98
C GLU A 47 2.96 8.69 -4.44
N ASN A 48 2.24 9.75 -4.75
CA ASN A 48 2.09 10.26 -6.13
C ASN A 48 1.27 9.33 -6.96
N GLY A 49 0.23 8.79 -6.35
CA GLY A 49 -0.66 7.93 -7.06
C GLY A 49 -1.66 8.73 -7.86
N GLN A 50 -2.90 8.40 -7.70
CA GLN A 50 -3.94 9.06 -8.43
C GLN A 50 -4.25 10.35 -7.67
N SER A 51 -4.60 11.38 -8.40
CA SER A 51 -4.90 12.67 -7.82
C SER A 51 -6.01 12.55 -6.77
N CYS A 52 -5.84 13.26 -5.67
CA CYS A 52 -6.78 13.19 -4.57
C CYS A 52 -8.10 13.83 -4.98
N ALA A 53 -7.99 14.92 -5.73
CA ALA A 53 -9.13 15.62 -6.29
C ALA A 53 -8.60 16.55 -7.34
N ASN A 54 -7.83 17.54 -6.92
CA ASN A 54 -7.12 18.43 -7.83
C ASN A 54 -6.01 19.14 -7.08
N GLY A 55 -4.83 18.63 -7.22
CA GLY A 55 -3.68 19.20 -6.55
C GLY A 55 -3.02 18.17 -5.66
N PRO A 56 -3.59 17.92 -4.45
CA PRO A 56 -3.11 16.89 -3.55
C PRO A 56 -2.99 15.52 -4.23
N HIS A 57 -2.02 14.79 -3.79
CA HIS A 57 -1.65 13.52 -4.36
C HIS A 57 -1.88 12.42 -3.37
N ARG A 58 -2.58 11.39 -3.79
CA ARG A 58 -2.83 10.25 -2.92
C ARG A 58 -1.57 9.48 -2.64
N SER A 59 -1.55 8.85 -1.52
CA SER A 59 -0.43 8.10 -1.05
C SER A 59 -0.91 6.90 -0.23
N ALA A 60 -0.04 5.98 0.01
CA ALA A 60 -0.33 4.80 0.76
C ALA A 60 0.89 4.44 1.57
N ILE A 61 0.70 4.20 2.83
CA ILE A 61 1.79 3.84 3.70
C ILE A 61 1.49 2.50 4.32
N VAL A 62 2.34 1.54 4.11
CA VAL A 62 2.08 0.22 4.59
C VAL A 62 2.85 -0.01 5.88
N THR A 63 2.12 -0.16 6.93
CA THR A 63 2.67 -0.44 8.22
C THR A 63 2.56 -1.95 8.42
N VAL A 64 3.68 -2.59 8.51
CA VAL A 64 3.69 -4.01 8.61
C VAL A 64 4.21 -4.40 9.99
N GLU A 65 3.53 -5.33 10.63
CA GLU A 65 3.90 -5.78 11.98
C GLU A 65 4.53 -7.15 11.92
N CYS A 66 4.62 -7.67 10.70
CA CYS A 66 5.12 -9.01 10.40
C CYS A 66 4.10 -10.09 10.80
N GLY A 67 4.13 -11.19 10.09
CA GLY A 67 3.17 -12.25 10.32
C GLY A 67 3.63 -13.54 9.70
N VAL A 68 2.69 -14.41 9.43
CA VAL A 68 3.00 -15.71 8.86
C VAL A 68 2.88 -15.68 7.33
N GLU A 69 1.95 -14.89 6.85
CA GLU A 69 1.70 -14.74 5.44
C GLU A 69 1.31 -13.31 5.18
N ASN A 70 1.41 -12.87 3.93
CA ASN A 70 1.02 -11.53 3.59
C ASN A 70 -0.50 -11.37 3.59
N GLU A 71 -0.96 -10.39 4.30
CA GLU A 71 -2.37 -10.12 4.41
C GLU A 71 -2.63 -8.66 4.74
N ILE A 72 -3.67 -8.11 4.16
CA ILE A 72 -4.10 -6.76 4.43
C ILE A 72 -5.13 -6.81 5.54
N VAL A 73 -4.86 -6.16 6.63
CA VAL A 73 -5.77 -6.20 7.76
C VAL A 73 -6.77 -5.05 7.67
N SER A 74 -6.26 -3.84 7.59
CA SER A 74 -7.09 -2.67 7.57
C SER A 74 -6.43 -1.56 6.75
N VAL A 75 -7.24 -0.65 6.22
CA VAL A 75 -6.76 0.49 5.46
C VAL A 75 -7.54 1.72 5.91
N LEU A 76 -6.84 2.74 6.36
CA LEU A 76 -7.50 3.94 6.84
C LEU A 76 -6.83 5.19 6.31
N GLU A 77 -7.59 6.07 5.71
CA GLU A 77 -7.04 7.33 5.28
C GLU A 77 -7.13 8.31 6.44
N ALA A 78 -6.10 8.32 7.24
CA ALA A 78 -6.04 9.20 8.40
C ALA A 78 -5.04 10.30 8.17
N GLN A 79 -4.49 10.29 6.99
CA GLN A 79 -3.47 11.24 6.59
C GLN A 79 -3.81 11.86 5.27
N LYS A 80 -3.16 12.96 4.95
CA LYS A 80 -3.38 13.78 3.71
C LYS A 80 -3.46 12.99 2.40
N CYS A 81 -4.67 12.45 2.12
CA CYS A 81 -4.93 11.62 0.94
C CYS A 81 -4.01 10.40 0.97
N GLU A 82 -3.55 10.08 2.18
CA GLU A 82 -2.61 9.05 2.40
C GLU A 82 -3.26 7.96 3.25
N TYR A 83 -3.29 6.79 2.69
CA TYR A 83 -3.95 5.66 3.26
C TYR A 83 -2.99 4.81 4.05
N LEU A 84 -3.34 4.54 5.28
CA LEU A 84 -2.56 3.69 6.15
C LEU A 84 -2.95 2.26 5.83
N ILE A 85 -2.03 1.49 5.36
CA ILE A 85 -2.31 0.12 5.08
C ILE A 85 -1.67 -0.69 6.19
N LYS A 86 -2.46 -1.43 6.89
CA LYS A 86 -2.00 -2.15 8.03
C LYS A 86 -1.93 -3.63 7.61
N MET A 87 -0.73 -4.19 7.58
CA MET A 87 -0.53 -5.53 7.04
C MET A 87 0.45 -6.29 7.87
N LYS A 88 0.63 -7.53 7.51
CA LYS A 88 1.63 -8.35 8.07
C LYS A 88 2.13 -9.36 7.08
N SER A 89 3.41 -9.68 7.18
CA SER A 89 4.08 -10.62 6.31
C SER A 89 5.35 -11.09 7.01
N PRO A 90 5.79 -12.34 6.77
CA PRO A 90 7.01 -12.87 7.41
C PRO A 90 8.26 -12.15 6.94
N ALA A 91 8.19 -11.65 5.71
CA ALA A 91 9.30 -10.93 5.09
C ALA A 91 9.55 -9.59 5.78
N ALA A 92 8.61 -9.17 6.60
CA ALA A 92 8.74 -7.92 7.30
C ALA A 92 9.49 -8.09 8.60
N CYS A 93 9.63 -9.32 9.05
CA CYS A 93 10.45 -9.59 10.23
C CYS A 93 11.92 -9.40 9.95
N SER A 94 12.38 -8.21 10.18
CA SER A 94 13.75 -7.89 10.01
C SER A 94 14.30 -7.56 11.38
N TYR A 1 5.08 -4.06 -16.34
CA TYR A 1 5.94 -5.23 -16.47
C TYR A 1 7.36 -4.82 -16.13
N ARG A 2 8.17 -5.78 -15.70
CA ARG A 2 9.55 -5.55 -15.28
C ARG A 2 9.64 -4.71 -14.03
N ALA A 3 9.63 -5.39 -12.91
CA ALA A 3 9.75 -4.81 -11.59
C ALA A 3 9.77 -5.95 -10.62
N ILE A 4 10.28 -5.73 -9.45
CA ILE A 4 10.27 -6.76 -8.46
C ILE A 4 8.96 -6.73 -7.71
N LYS A 5 8.32 -7.84 -7.64
CA LYS A 5 7.11 -7.89 -6.89
C LYS A 5 7.22 -8.95 -5.84
N GLY A 6 6.55 -8.76 -4.77
CA GLY A 6 6.52 -9.76 -3.76
C GLY A 6 5.38 -10.66 -4.02
N MET A 7 4.22 -10.14 -3.76
CA MET A 7 2.99 -10.80 -3.99
C MET A 7 1.93 -9.76 -3.91
N GLU A 8 1.06 -9.70 -4.88
CA GLU A 8 -0.02 -8.77 -4.79
C GLU A 8 -1.09 -9.26 -3.85
N THR A 9 -1.02 -8.80 -2.62
CA THR A 9 -1.97 -9.14 -1.61
C THR A 9 -3.23 -8.35 -1.91
N LYS A 10 -4.36 -9.00 -1.83
CA LYS A 10 -5.60 -8.35 -2.14
C LYS A 10 -6.53 -8.45 -1.00
N ARG A 11 -7.20 -7.39 -0.73
CA ARG A 11 -8.14 -7.38 0.32
C ARG A 11 -9.14 -6.28 -0.02
N GLU A 12 -10.39 -6.53 0.12
CA GLU A 12 -11.34 -5.54 -0.24
C GLU A 12 -11.89 -4.81 0.97
N ILE A 13 -11.53 -3.55 1.08
CA ILE A 13 -11.98 -2.71 2.15
C ILE A 13 -12.99 -1.70 1.58
N GLY A 14 -14.14 -1.61 2.23
CA GLY A 14 -15.21 -0.69 1.80
C GLY A 14 -15.75 -0.99 0.41
N GLY A 15 -15.58 -2.22 -0.03
CA GLY A 15 -16.08 -2.62 -1.33
C GLY A 15 -15.02 -2.55 -2.41
N TYR A 16 -13.93 -1.87 -2.13
CA TYR A 16 -12.85 -1.72 -3.09
C TYR A 16 -11.64 -2.56 -2.71
N THR A 17 -11.07 -3.14 -3.71
CA THR A 17 -10.04 -4.11 -3.57
C THR A 17 -8.69 -3.47 -3.55
N TYR A 18 -8.05 -3.57 -2.44
CA TYR A 18 -6.75 -3.07 -2.26
C TYR A 18 -5.75 -4.09 -2.69
N LYS A 19 -4.82 -3.66 -3.49
CA LYS A 19 -3.76 -4.50 -3.94
C LYS A 19 -2.48 -3.94 -3.44
N VAL A 20 -1.73 -4.72 -2.73
CA VAL A 20 -0.44 -4.28 -2.27
C VAL A 20 0.58 -5.25 -2.79
N VAL A 21 1.41 -4.78 -3.70
CA VAL A 21 2.42 -5.63 -4.27
C VAL A 21 3.64 -5.72 -3.33
N PHE A 22 3.68 -4.78 -2.37
CA PHE A 22 4.70 -4.68 -1.31
C PHE A 22 6.08 -4.24 -1.88
N TYR A 23 6.15 -4.04 -3.19
CA TYR A 23 7.39 -3.59 -3.84
C TYR A 23 7.08 -2.71 -5.05
N GLU A 24 5.96 -2.98 -5.71
CA GLU A 24 5.54 -2.18 -6.86
C GLU A 24 4.76 -0.93 -6.44
N ASN A 25 3.53 -1.15 -6.03
CA ASN A 25 2.61 -0.07 -5.69
C ASN A 25 1.32 -0.63 -5.10
N VAL A 26 0.37 0.25 -4.79
CA VAL A 26 -0.90 -0.14 -4.20
C VAL A 26 -2.08 0.47 -4.95
N PHE A 27 -3.09 -0.33 -5.19
CA PHE A 27 -4.30 0.11 -5.90
C PHE A 27 -5.53 -0.20 -5.07
N GLN A 28 -6.59 0.47 -5.40
CA GLN A 28 -7.93 0.16 -4.94
C GLN A 28 -8.80 -0.02 -6.16
N ASP A 29 -8.87 -1.27 -6.58
CA ASP A 29 -9.51 -1.66 -7.83
C ASP A 29 -8.90 -1.02 -9.05
N SER A 30 -9.39 0.12 -9.43
CA SER A 30 -8.91 0.77 -10.59
C SER A 30 -8.12 2.05 -10.25
N ILE A 31 -8.23 2.50 -9.00
CA ILE A 31 -7.56 3.73 -8.60
C ILE A 31 -6.23 3.43 -7.91
N LEU A 32 -5.19 4.04 -8.42
CA LEU A 32 -3.86 3.90 -7.87
C LEU A 32 -3.67 4.85 -6.69
N LEU A 33 -3.37 4.28 -5.53
CA LEU A 33 -3.11 5.09 -4.33
C LEU A 33 -1.78 5.80 -4.40
N GLY A 34 -0.76 5.07 -4.80
CA GLY A 34 0.56 5.65 -4.88
C GLY A 34 1.54 4.66 -5.42
N ASN A 35 2.78 5.08 -5.58
CA ASN A 35 3.82 4.23 -6.15
C ASN A 35 4.96 4.17 -5.25
N PHE A 36 5.69 3.09 -5.35
CA PHE A 36 6.85 2.86 -4.49
C PHE A 36 7.79 4.08 -4.54
N ALA A 37 7.92 4.72 -3.40
CA ALA A 37 8.73 5.90 -3.29
C ALA A 37 9.89 5.65 -2.36
N SER A 38 9.60 5.17 -1.19
CA SER A 38 10.60 4.96 -0.20
C SER A 38 10.25 3.79 0.69
N GLN A 39 11.26 3.18 1.25
CA GLN A 39 11.11 2.12 2.20
C GLN A 39 12.00 2.43 3.40
N GLU A 40 11.40 2.57 4.53
CA GLU A 40 12.10 2.91 5.74
C GLU A 40 11.82 1.84 6.76
N GLY A 41 12.80 0.99 6.97
CA GLY A 41 12.63 -0.12 7.84
C GLY A 41 11.73 -1.14 7.19
N ASN A 42 10.64 -1.45 7.84
CA ASN A 42 9.69 -2.38 7.28
C ASN A 42 8.44 -1.61 6.81
N VAL A 43 8.56 -0.29 6.75
CA VAL A 43 7.47 0.56 6.32
C VAL A 43 7.76 1.14 4.94
N LEU A 44 6.85 0.93 4.03
CA LEU A 44 6.99 1.44 2.68
C LEU A 44 5.97 2.52 2.42
N LYS A 45 6.39 3.56 1.75
CA LYS A 45 5.51 4.66 1.44
C LYS A 45 5.36 4.70 -0.08
N TYR A 46 4.14 4.85 -0.52
CA TYR A 46 3.80 4.89 -1.91
C TYR A 46 3.20 6.24 -2.17
N GLU A 47 3.76 6.97 -3.09
CA GLU A 47 3.37 8.33 -3.28
C GLU A 47 2.97 8.58 -4.69
N ASN A 48 2.18 9.63 -4.88
CA ASN A 48 1.93 10.17 -6.21
C ASN A 48 1.08 9.21 -7.05
N GLY A 49 -0.04 8.80 -6.50
CA GLY A 49 -0.95 7.96 -7.22
C GLY A 49 -1.90 8.81 -8.02
N GLN A 50 -3.16 8.50 -7.98
CA GLN A 50 -4.14 9.30 -8.66
C GLN A 50 -4.54 10.48 -7.84
N SER A 51 -4.82 11.57 -8.52
CA SER A 51 -5.17 12.80 -7.87
C SER A 51 -6.39 12.64 -6.96
N CYS A 52 -6.31 13.22 -5.80
CA CYS A 52 -7.37 13.15 -4.82
C CYS A 52 -8.29 14.33 -4.99
N ALA A 53 -7.72 15.37 -5.52
CA ALA A 53 -8.37 16.60 -5.73
C ALA A 53 -7.47 17.37 -6.62
N ASN A 54 -7.75 18.63 -6.81
CA ASN A 54 -6.92 19.48 -7.67
C ASN A 54 -5.62 19.91 -6.92
N GLY A 55 -5.25 19.12 -5.92
CA GLY A 55 -4.09 19.43 -5.13
C GLY A 55 -3.27 18.19 -4.82
N PRO A 56 -3.69 17.37 -3.83
CA PRO A 56 -2.95 16.18 -3.46
C PRO A 56 -3.03 15.07 -4.48
N HIS A 57 -1.96 14.31 -4.54
CA HIS A 57 -1.76 13.29 -5.53
C HIS A 57 -1.98 11.92 -4.96
N ARG A 58 -2.39 11.91 -3.67
CA ARG A 58 -2.77 10.69 -2.94
C ARG A 58 -1.53 9.88 -2.56
N SER A 59 -1.60 9.17 -1.46
CA SER A 59 -0.50 8.36 -1.02
C SER A 59 -0.99 7.15 -0.26
N ALA A 60 -0.15 6.16 -0.18
CA ALA A 60 -0.43 4.94 0.54
C ALA A 60 0.77 4.60 1.37
N ILE A 61 0.57 4.34 2.61
CA ILE A 61 1.65 4.03 3.49
C ILE A 61 1.36 2.69 4.15
N VAL A 62 2.21 1.74 3.94
CA VAL A 62 1.98 0.42 4.43
C VAL A 62 2.81 0.17 5.68
N THR A 63 2.12 -0.07 6.76
CA THR A 63 2.74 -0.36 8.01
C THR A 63 2.75 -1.87 8.19
N VAL A 64 3.92 -2.45 8.20
CA VAL A 64 4.03 -3.89 8.31
C VAL A 64 4.70 -4.26 9.63
N GLU A 65 4.07 -5.13 10.37
CA GLU A 65 4.63 -5.61 11.64
C GLU A 65 5.10 -7.04 11.51
N CYS A 66 5.04 -7.54 10.26
CA CYS A 66 5.38 -8.93 9.92
C CYS A 66 4.30 -9.89 10.47
N GLY A 67 4.19 -11.05 9.89
CA GLY A 67 3.16 -11.97 10.30
C GLY A 67 3.43 -13.36 9.83
N VAL A 68 2.38 -14.16 9.75
CA VAL A 68 2.52 -15.56 9.33
C VAL A 68 2.20 -15.70 7.85
N GLU A 69 1.31 -14.87 7.38
CA GLU A 69 0.90 -14.84 6.01
C GLU A 69 0.79 -13.39 5.61
N ASN A 70 0.83 -13.12 4.33
CA ASN A 70 0.70 -11.75 3.88
C ASN A 70 -0.77 -11.42 3.80
N GLU A 71 -1.19 -10.49 4.60
CA GLU A 71 -2.56 -10.12 4.64
C GLU A 71 -2.72 -8.65 4.93
N ILE A 72 -3.70 -8.07 4.31
CA ILE A 72 -4.06 -6.71 4.56
C ILE A 72 -5.12 -6.75 5.63
N VAL A 73 -4.95 -5.97 6.65
CA VAL A 73 -5.89 -5.96 7.73
C VAL A 73 -6.88 -4.83 7.55
N SER A 74 -6.41 -3.62 7.72
CA SER A 74 -7.24 -2.45 7.63
C SER A 74 -6.52 -1.38 6.83
N VAL A 75 -7.29 -0.47 6.26
CA VAL A 75 -6.75 0.66 5.54
C VAL A 75 -7.56 1.88 5.91
N LEU A 76 -6.91 2.93 6.34
CA LEU A 76 -7.59 4.11 6.78
C LEU A 76 -6.94 5.37 6.22
N GLU A 77 -7.70 6.19 5.56
CA GLU A 77 -7.19 7.46 5.09
C GLU A 77 -7.25 8.46 6.22
N ALA A 78 -6.20 8.52 7.00
CA ALA A 78 -6.16 9.41 8.15
C ALA A 78 -5.43 10.70 7.83
N GLN A 79 -4.54 10.63 6.89
CA GLN A 79 -3.74 11.78 6.51
C GLN A 79 -4.14 12.26 5.15
N LYS A 80 -3.52 13.35 4.69
CA LYS A 80 -3.83 14.07 3.41
C LYS A 80 -4.06 13.17 2.15
N CYS A 81 -5.25 12.56 2.07
CA CYS A 81 -5.58 11.60 1.01
C CYS A 81 -4.57 10.46 1.04
N GLU A 82 -4.04 10.21 2.23
CA GLU A 82 -3.04 9.24 2.43
C GLU A 82 -3.63 8.07 3.20
N TYR A 83 -3.53 6.92 2.61
CA TYR A 83 -4.11 5.72 3.11
C TYR A 83 -3.12 4.91 3.92
N LEU A 84 -3.44 4.73 5.18
CA LEU A 84 -2.64 3.92 6.08
C LEU A 84 -3.02 2.48 5.84
N ILE A 85 -2.11 1.71 5.36
CA ILE A 85 -2.37 0.33 5.09
C ILE A 85 -1.74 -0.49 6.18
N LYS A 86 -2.48 -1.37 6.75
CA LYS A 86 -2.00 -2.19 7.82
C LYS A 86 -1.81 -3.61 7.26
N MET A 87 -0.58 -4.11 7.27
CA MET A 87 -0.29 -5.43 6.76
C MET A 87 0.69 -6.14 7.63
N LYS A 88 0.88 -7.37 7.29
CA LYS A 88 1.82 -8.23 7.90
C LYS A 88 2.11 -9.35 6.94
N SER A 89 3.35 -9.78 6.93
CA SER A 89 3.80 -10.84 6.07
C SER A 89 5.07 -11.44 6.66
N PRO A 90 5.28 -12.77 6.54
CA PRO A 90 6.48 -13.43 7.09
C PRO A 90 7.76 -13.00 6.37
N ALA A 91 7.61 -12.62 5.11
CA ALA A 91 8.73 -12.19 4.30
C ALA A 91 9.25 -10.84 4.75
N ALA A 92 8.44 -10.14 5.53
CA ALA A 92 8.81 -8.83 6.03
C ALA A 92 9.79 -8.93 7.18
N CYS A 93 9.72 -10.04 7.94
CA CYS A 93 10.67 -10.29 9.02
C CYS A 93 12.10 -10.39 8.50
N SER A 94 12.85 -9.35 8.69
CA SER A 94 14.22 -9.31 8.29
C SER A 94 14.98 -8.59 9.38
N TYR A 1 8.38 -4.73 -17.40
CA TYR A 1 8.76 -4.65 -16.00
C TYR A 1 9.84 -3.61 -15.76
N ARG A 2 9.44 -2.51 -15.18
CA ARG A 2 10.38 -1.45 -14.80
C ARG A 2 11.05 -1.84 -13.50
N ALA A 3 10.36 -2.67 -12.76
CA ALA A 3 10.81 -3.19 -11.51
C ALA A 3 10.34 -4.62 -11.43
N ILE A 4 10.40 -5.21 -10.27
CA ILE A 4 9.95 -6.55 -10.09
C ILE A 4 8.75 -6.56 -9.14
N LYS A 5 7.74 -7.33 -9.48
CA LYS A 5 6.59 -7.46 -8.62
C LYS A 5 6.93 -8.44 -7.51
N GLY A 6 6.58 -8.09 -6.30
CA GLY A 6 6.89 -8.95 -5.19
C GLY A 6 5.69 -9.65 -4.67
N MET A 7 5.24 -9.23 -3.53
CA MET A 7 4.10 -9.82 -2.89
C MET A 7 2.87 -9.09 -3.33
N GLU A 8 2.06 -9.74 -4.14
CA GLU A 8 0.85 -9.14 -4.61
C GLU A 8 -0.31 -9.63 -3.75
N THR A 9 -0.64 -8.88 -2.75
CA THR A 9 -1.72 -9.20 -1.87
C THR A 9 -2.88 -8.29 -2.23
N LYS A 10 -4.08 -8.80 -2.20
CA LYS A 10 -5.20 -8.01 -2.58
C LYS A 10 -6.37 -8.38 -1.74
N ARG A 11 -7.10 -7.41 -1.32
CA ARG A 11 -8.18 -7.64 -0.48
C ARG A 11 -9.20 -6.54 -0.64
N GLU A 12 -10.44 -6.89 -0.63
CA GLU A 12 -11.48 -5.95 -0.91
C GLU A 12 -11.98 -5.30 0.34
N ILE A 13 -11.67 -4.05 0.43
CA ILE A 13 -11.97 -3.25 1.58
C ILE A 13 -12.84 -2.07 1.13
N GLY A 14 -13.96 -1.88 1.80
CA GLY A 14 -14.88 -0.79 1.46
C GLY A 14 -15.50 -0.92 0.06
N GLY A 15 -15.47 -2.11 -0.50
CA GLY A 15 -16.05 -2.32 -1.82
C GLY A 15 -15.00 -2.27 -2.94
N TYR A 16 -13.80 -1.91 -2.59
CA TYR A 16 -12.72 -1.84 -3.54
C TYR A 16 -11.56 -2.73 -3.16
N THR A 17 -11.13 -3.52 -4.12
CA THR A 17 -10.05 -4.44 -3.95
C THR A 17 -8.72 -3.71 -3.86
N TYR A 18 -8.13 -3.73 -2.71
CA TYR A 18 -6.86 -3.13 -2.50
C TYR A 18 -5.82 -4.12 -2.89
N LYS A 19 -4.97 -3.75 -3.78
CA LYS A 19 -3.93 -4.59 -4.23
C LYS A 19 -2.63 -3.94 -3.91
N VAL A 20 -1.81 -4.64 -3.21
CA VAL A 20 -0.53 -4.17 -2.83
C VAL A 20 0.48 -5.08 -3.46
N VAL A 21 1.28 -4.54 -4.35
CA VAL A 21 2.32 -5.34 -5.00
C VAL A 21 3.63 -5.17 -4.19
N PHE A 22 3.53 -4.30 -3.20
CA PHE A 22 4.58 -4.00 -2.22
C PHE A 22 5.75 -3.20 -2.85
N TYR A 23 6.41 -3.80 -3.83
CA TYR A 23 7.57 -3.18 -4.47
C TYR A 23 7.16 -2.35 -5.68
N GLU A 24 5.89 -2.39 -6.00
CA GLU A 24 5.37 -1.63 -7.11
C GLU A 24 4.48 -0.49 -6.67
N ASN A 25 3.32 -0.82 -6.14
CA ASN A 25 2.32 0.18 -5.76
C ASN A 25 1.08 -0.46 -5.19
N VAL A 26 0.10 0.39 -4.84
CA VAL A 26 -1.17 -0.06 -4.31
C VAL A 26 -2.31 0.50 -5.14
N PHE A 27 -3.26 -0.35 -5.45
CA PHE A 27 -4.45 0.05 -6.18
C PHE A 27 -5.66 -0.35 -5.39
N GLN A 28 -6.73 0.36 -5.59
CA GLN A 28 -7.99 -0.02 -5.04
C GLN A 28 -8.91 -0.23 -6.21
N ASP A 29 -9.05 -1.47 -6.62
CA ASP A 29 -9.81 -1.90 -7.78
C ASP A 29 -9.13 -1.43 -9.06
N SER A 30 -9.23 -0.17 -9.32
CA SER A 30 -8.60 0.42 -10.45
C SER A 30 -8.05 1.81 -10.08
N ILE A 31 -8.17 2.16 -8.80
CA ILE A 31 -7.71 3.47 -8.32
C ILE A 31 -6.32 3.35 -7.68
N LEU A 32 -5.36 3.97 -8.30
CA LEU A 32 -3.98 3.98 -7.84
C LEU A 32 -3.78 4.90 -6.62
N LEU A 33 -3.43 4.31 -5.49
CA LEU A 33 -3.12 5.09 -4.29
C LEU A 33 -1.80 5.84 -4.40
N GLY A 34 -0.76 5.13 -4.75
CA GLY A 34 0.54 5.76 -4.87
C GLY A 34 1.51 4.79 -5.42
N ASN A 35 2.76 5.20 -5.61
CA ASN A 35 3.76 4.31 -6.23
C ASN A 35 4.96 4.17 -5.41
N PHE A 36 5.58 3.03 -5.53
CA PHE A 36 6.77 2.71 -4.75
C PHE A 36 7.85 3.74 -5.00
N ALA A 37 8.19 4.48 -3.96
CA ALA A 37 9.21 5.48 -4.07
C ALA A 37 10.40 5.13 -3.20
N SER A 38 10.14 4.85 -1.95
CA SER A 38 11.20 4.55 -1.05
C SER A 38 10.74 3.52 -0.03
N GLN A 39 11.65 2.64 0.33
CA GLN A 39 11.43 1.66 1.33
C GLN A 39 12.47 1.83 2.40
N GLU A 40 12.03 1.98 3.62
CA GLU A 40 12.92 2.20 4.71
C GLU A 40 12.67 1.14 5.75
N GLY A 41 13.49 0.12 5.73
CA GLY A 41 13.38 -0.96 6.66
C GLY A 41 12.11 -1.75 6.47
N ASN A 42 11.14 -1.49 7.30
CA ASN A 42 9.88 -2.19 7.27
C ASN A 42 8.77 -1.30 6.68
N VAL A 43 9.08 -0.02 6.50
CA VAL A 43 8.05 0.92 6.06
C VAL A 43 8.30 1.39 4.63
N LEU A 44 7.26 1.36 3.82
CA LEU A 44 7.31 1.77 2.43
C LEU A 44 6.32 2.88 2.18
N LYS A 45 6.72 3.88 1.40
CA LYS A 45 5.80 4.96 1.07
C LYS A 45 5.57 4.99 -0.43
N TYR A 46 4.32 5.12 -0.79
CA TYR A 46 3.92 5.18 -2.16
C TYR A 46 3.53 6.63 -2.51
N GLU A 47 4.26 7.21 -3.43
CA GLU A 47 4.12 8.63 -3.84
C GLU A 47 3.51 8.76 -5.23
N ASN A 48 2.87 9.92 -5.46
CA ASN A 48 2.33 10.29 -6.77
C ASN A 48 1.25 9.38 -7.30
N GLY A 49 0.26 9.12 -6.48
CA GLY A 49 -0.84 8.31 -6.90
C GLY A 49 -1.81 9.05 -7.81
N GLN A 50 -2.97 8.47 -7.98
CA GLN A 50 -4.01 8.98 -8.85
C GLN A 50 -4.66 10.17 -8.14
N SER A 51 -5.07 11.19 -8.91
CA SER A 51 -5.68 12.42 -8.40
C SER A 51 -6.72 12.11 -7.32
N CYS A 52 -6.61 12.81 -6.22
CA CYS A 52 -7.44 12.56 -5.08
C CYS A 52 -8.69 13.40 -5.12
N ALA A 53 -8.67 14.44 -5.96
CA ALA A 53 -9.73 15.43 -6.02
C ALA A 53 -9.85 16.09 -4.66
N ASN A 54 -8.90 16.91 -4.38
CA ASN A 54 -8.74 17.56 -3.08
C ASN A 54 -7.67 18.63 -3.20
N GLY A 55 -6.60 18.29 -3.88
CA GLY A 55 -5.51 19.22 -4.05
C GLY A 55 -4.19 18.52 -4.18
N PRO A 56 -3.63 17.97 -3.07
CA PRO A 56 -2.35 17.27 -3.10
C PRO A 56 -2.45 15.93 -3.83
N HIS A 57 -1.34 15.25 -3.89
CA HIS A 57 -1.29 13.98 -4.57
C HIS A 57 -1.67 12.90 -3.60
N ARG A 58 -2.32 11.89 -4.09
CA ARG A 58 -2.68 10.77 -3.28
C ARG A 58 -1.45 9.92 -3.05
N SER A 59 -1.38 9.33 -1.90
CA SER A 59 -0.26 8.54 -1.52
C SER A 59 -0.68 7.41 -0.58
N ALA A 60 0.21 6.47 -0.36
CA ALA A 60 -0.09 5.33 0.49
C ALA A 60 1.11 5.01 1.36
N ILE A 61 0.87 4.78 2.62
CA ILE A 61 1.93 4.45 3.56
C ILE A 61 1.66 3.06 4.12
N VAL A 62 2.61 2.17 3.99
CA VAL A 62 2.38 0.82 4.47
C VAL A 62 3.08 0.58 5.81
N THR A 63 2.33 0.11 6.74
CA THR A 63 2.83 -0.29 8.00
C THR A 63 2.62 -1.78 8.12
N VAL A 64 3.69 -2.53 8.18
CA VAL A 64 3.57 -3.94 8.26
C VAL A 64 3.86 -4.36 9.68
N GLU A 65 3.01 -5.17 10.26
CA GLU A 65 3.18 -5.59 11.64
C GLU A 65 3.59 -7.05 11.74
N CYS A 66 3.86 -7.64 10.60
CA CYS A 66 4.30 -9.04 10.45
C CYS A 66 3.22 -10.05 10.88
N GLY A 67 3.26 -11.21 10.28
CA GLY A 67 2.28 -12.22 10.53
C GLY A 67 2.77 -13.55 10.10
N VAL A 68 1.87 -14.47 9.87
CA VAL A 68 2.25 -15.81 9.46
C VAL A 68 2.12 -15.94 7.94
N GLU A 69 1.27 -15.13 7.38
CA GLU A 69 1.00 -15.10 5.97
C GLU A 69 0.83 -13.67 5.54
N ASN A 70 1.03 -13.37 4.26
CA ASN A 70 0.83 -12.01 3.77
C ASN A 70 -0.63 -11.71 3.66
N GLU A 71 -1.07 -10.74 4.40
CA GLU A 71 -2.45 -10.36 4.36
C GLU A 71 -2.59 -8.91 4.73
N ILE A 72 -3.55 -8.27 4.12
CA ILE A 72 -3.86 -6.88 4.39
C ILE A 72 -4.77 -6.84 5.61
N VAL A 73 -4.46 -6.01 6.55
CA VAL A 73 -5.21 -5.93 7.79
C VAL A 73 -6.30 -4.87 7.71
N SER A 74 -5.89 -3.63 7.56
CA SER A 74 -6.82 -2.51 7.57
C SER A 74 -6.18 -1.33 6.86
N VAL A 75 -6.99 -0.44 6.32
CA VAL A 75 -6.50 0.77 5.66
C VAL A 75 -7.34 1.97 6.09
N LEU A 76 -6.69 3.04 6.48
CA LEU A 76 -7.40 4.24 6.92
C LEU A 76 -6.78 5.51 6.34
N GLU A 77 -7.62 6.40 5.85
CA GLU A 77 -7.17 7.70 5.39
C GLU A 77 -7.01 8.58 6.63
N ALA A 78 -5.79 8.94 6.97
CA ALA A 78 -5.57 9.72 8.17
C ALA A 78 -4.62 10.84 7.90
N GLN A 79 -4.23 10.96 6.68
CA GLN A 79 -3.32 11.93 6.28
C GLN A 79 -3.71 12.35 4.87
N LYS A 80 -3.23 13.52 4.42
CA LYS A 80 -3.53 14.13 3.10
C LYS A 80 -3.65 13.15 1.92
N CYS A 81 -4.82 12.54 1.76
CA CYS A 81 -5.05 11.55 0.72
C CYS A 81 -4.02 10.41 0.80
N GLU A 82 -3.43 10.25 1.98
CA GLU A 82 -2.45 9.24 2.19
C GLU A 82 -3.06 8.18 3.07
N TYR A 83 -3.11 7.01 2.55
CA TYR A 83 -3.78 5.92 3.18
C TYR A 83 -2.85 5.05 3.99
N LEU A 84 -3.19 4.88 5.25
CA LEU A 84 -2.44 4.05 6.16
C LEU A 84 -2.80 2.62 5.86
N ILE A 85 -1.91 1.90 5.27
CA ILE A 85 -2.16 0.53 4.91
C ILE A 85 -1.45 -0.38 5.86
N LYS A 86 -2.17 -1.26 6.49
CA LYS A 86 -1.58 -2.24 7.35
C LYS A 86 -1.59 -3.59 6.72
N MET A 87 -0.49 -4.25 6.81
CA MET A 87 -0.35 -5.58 6.32
C MET A 87 0.45 -6.36 7.29
N LYS A 88 0.46 -7.62 7.14
CA LYS A 88 1.28 -8.46 7.91
C LYS A 88 1.78 -9.59 7.05
N SER A 89 3.03 -9.94 7.23
CA SER A 89 3.67 -10.98 6.47
C SER A 89 4.81 -11.54 7.29
N PRO A 90 5.16 -12.83 7.16
CA PRO A 90 6.29 -13.43 7.90
C PRO A 90 7.64 -12.84 7.47
N ALA A 91 7.70 -12.39 6.22
CA ALA A 91 8.91 -11.81 5.65
C ALA A 91 9.24 -10.46 6.30
N ALA A 92 8.23 -9.82 6.87
CA ALA A 92 8.40 -8.52 7.48
C ALA A 92 9.13 -8.62 8.80
N CYS A 93 9.00 -9.76 9.47
CA CYS A 93 9.72 -10.00 10.70
C CYS A 93 11.21 -10.04 10.46
N SER A 94 11.87 -9.02 10.91
CA SER A 94 13.29 -8.93 10.84
C SER A 94 13.76 -8.20 12.09
N TYR A 1 6.87 -0.50 -16.24
CA TYR A 1 7.94 -0.41 -15.24
C TYR A 1 8.28 -1.79 -14.72
N ARG A 2 9.46 -2.28 -15.03
CA ARG A 2 9.89 -3.58 -14.54
C ARG A 2 10.51 -3.34 -13.18
N ALA A 3 9.85 -3.79 -12.14
CA ALA A 3 10.30 -3.54 -10.80
C ALA A 3 10.24 -4.84 -9.99
N ILE A 4 10.41 -4.72 -8.68
CA ILE A 4 10.30 -5.84 -7.79
C ILE A 4 8.85 -5.94 -7.38
N LYS A 5 8.26 -7.11 -7.49
CA LYS A 5 6.87 -7.22 -7.16
C LYS A 5 6.61 -8.23 -6.06
N GLY A 6 6.02 -7.76 -5.00
CA GLY A 6 5.59 -8.61 -3.93
C GLY A 6 4.08 -8.54 -3.80
N MET A 7 3.42 -9.02 -4.83
CA MET A 7 1.97 -9.04 -4.89
C MET A 7 1.43 -10.32 -4.37
N GLU A 8 0.85 -10.29 -3.21
CA GLU A 8 0.24 -11.47 -2.69
C GLU A 8 -0.97 -11.13 -1.83
N THR A 9 -1.21 -9.84 -1.58
CA THR A 9 -2.27 -9.50 -0.69
C THR A 9 -3.30 -8.60 -1.35
N LYS A 10 -4.57 -8.94 -1.18
CA LYS A 10 -5.68 -8.15 -1.68
C LYS A 10 -6.77 -8.16 -0.68
N ARG A 11 -7.41 -7.05 -0.49
CA ARG A 11 -8.47 -6.96 0.46
C ARG A 11 -9.41 -5.88 -0.03
N GLU A 12 -10.67 -6.12 0.00
CA GLU A 12 -11.61 -5.16 -0.50
C GLU A 12 -12.15 -4.26 0.62
N ILE A 13 -11.77 -3.01 0.59
CA ILE A 13 -12.27 -2.06 1.56
C ILE A 13 -13.17 -1.04 0.85
N GLY A 14 -14.36 -0.85 1.39
CA GLY A 14 -15.32 0.12 0.88
C GLY A 14 -15.78 -0.14 -0.55
N GLY A 15 -15.69 -1.37 -1.00
CA GLY A 15 -16.15 -1.73 -2.32
C GLY A 15 -15.04 -1.72 -3.35
N TYR A 16 -13.89 -1.25 -2.96
CA TYR A 16 -12.73 -1.22 -3.83
C TYR A 16 -11.64 -2.13 -3.32
N THR A 17 -10.99 -2.79 -4.23
CA THR A 17 -10.06 -3.83 -3.90
C THR A 17 -8.67 -3.28 -3.75
N TYR A 18 -8.15 -3.37 -2.58
CA TYR A 18 -6.82 -2.95 -2.32
C TYR A 18 -5.89 -4.06 -2.64
N LYS A 19 -4.95 -3.80 -3.48
CA LYS A 19 -3.99 -4.76 -3.86
C LYS A 19 -2.65 -4.24 -3.46
N VAL A 20 -1.94 -4.99 -2.66
CA VAL A 20 -0.67 -4.56 -2.21
C VAL A 20 0.43 -5.30 -2.88
N VAL A 21 1.12 -4.60 -3.76
CA VAL A 21 2.26 -5.16 -4.37
C VAL A 21 3.45 -4.50 -3.77
N PHE A 22 4.09 -5.19 -2.86
CA PHE A 22 5.30 -4.69 -2.25
C PHE A 22 6.32 -4.34 -3.30
N TYR A 23 6.90 -3.16 -3.15
CA TYR A 23 7.98 -2.65 -3.99
C TYR A 23 7.50 -2.09 -5.31
N GLU A 24 6.25 -2.35 -5.66
CA GLU A 24 5.67 -1.75 -6.82
C GLU A 24 4.78 -0.60 -6.43
N ASN A 25 3.59 -0.95 -5.94
CA ASN A 25 2.55 0.02 -5.63
C ASN A 25 1.30 -0.66 -5.11
N VAL A 26 0.33 0.13 -4.71
CA VAL A 26 -0.92 -0.36 -4.18
C VAL A 26 -2.06 0.30 -4.92
N PHE A 27 -3.08 -0.47 -5.24
CA PHE A 27 -4.23 0.04 -5.98
C PHE A 27 -5.49 -0.21 -5.22
N GLN A 28 -6.49 0.55 -5.54
CA GLN A 28 -7.84 0.34 -5.10
C GLN A 28 -8.71 0.12 -6.33
N ASP A 29 -8.94 -1.15 -6.60
CA ASP A 29 -9.69 -1.65 -7.75
C ASP A 29 -8.87 -1.44 -9.01
N SER A 30 -8.84 -0.22 -9.48
CA SER A 30 -8.11 0.15 -10.66
C SER A 30 -7.34 1.46 -10.39
N ILE A 31 -7.76 2.18 -9.36
CA ILE A 31 -7.16 3.46 -9.00
C ILE A 31 -5.91 3.27 -8.18
N LEU A 32 -4.84 3.81 -8.67
CA LEU A 32 -3.54 3.72 -8.06
C LEU A 32 -3.42 4.69 -6.88
N LEU A 33 -3.16 4.14 -5.70
CA LEU A 33 -2.94 4.94 -4.50
C LEU A 33 -1.68 5.76 -4.64
N GLY A 34 -0.54 5.09 -4.66
CA GLY A 34 0.71 5.79 -4.73
C GLY A 34 1.73 5.03 -5.53
N ASN A 35 2.93 5.57 -5.61
CA ASN A 35 4.05 4.98 -6.38
C ASN A 35 5.17 4.72 -5.47
N PHE A 36 5.87 3.62 -5.66
CA PHE A 36 6.97 3.26 -4.76
C PHE A 36 8.00 4.37 -4.70
N ALA A 37 8.12 4.97 -3.54
CA ALA A 37 9.01 6.07 -3.34
C ALA A 37 10.07 5.72 -2.34
N SER A 38 9.66 5.25 -1.19
CA SER A 38 10.56 5.02 -0.12
C SER A 38 10.35 3.66 0.54
N GLN A 39 11.40 3.17 1.13
CA GLN A 39 11.44 1.95 1.85
C GLN A 39 12.23 2.21 3.11
N GLU A 40 11.61 2.04 4.25
CA GLU A 40 12.24 2.30 5.51
C GLU A 40 11.99 1.13 6.43
N GLY A 41 12.99 0.31 6.63
CA GLY A 41 12.84 -0.87 7.45
C GLY A 41 11.87 -1.83 6.82
N ASN A 42 10.80 -2.11 7.50
CA ASN A 42 9.78 -2.99 6.95
C ASN A 42 8.54 -2.20 6.53
N VAL A 43 8.68 -0.88 6.48
CA VAL A 43 7.60 0.00 6.06
C VAL A 43 7.89 0.57 4.68
N LEU A 44 6.93 0.45 3.78
CA LEU A 44 7.08 0.93 2.42
C LEU A 44 6.11 2.07 2.14
N LYS A 45 6.59 3.08 1.45
CA LYS A 45 5.81 4.26 1.14
C LYS A 45 5.62 4.45 -0.37
N TYR A 46 4.37 4.63 -0.78
CA TYR A 46 4.01 4.81 -2.14
C TYR A 46 3.35 6.18 -2.26
N GLU A 47 3.88 7.07 -3.06
CA GLU A 47 3.32 8.40 -3.15
C GLU A 47 3.15 8.81 -4.59
N ASN A 48 2.31 9.80 -4.81
CA ASN A 48 2.12 10.42 -6.12
C ASN A 48 1.39 9.53 -7.12
N GLY A 49 0.27 9.01 -6.68
CA GLY A 49 -0.55 8.24 -7.57
C GLY A 49 -1.65 9.10 -8.17
N GLN A 50 -2.83 8.53 -8.29
CA GLN A 50 -4.01 9.19 -8.86
C GLN A 50 -4.44 10.40 -8.07
N SER A 51 -4.97 11.39 -8.74
CA SER A 51 -5.52 12.56 -8.11
C SER A 51 -6.67 12.13 -7.19
N CYS A 52 -6.88 12.85 -6.13
CA CYS A 52 -7.87 12.45 -5.16
C CYS A 52 -8.90 13.55 -4.91
N ALA A 53 -8.73 14.66 -5.62
CA ALA A 53 -9.55 15.85 -5.43
C ALA A 53 -9.42 16.34 -4.00
N ASN A 54 -8.27 16.87 -3.70
CA ASN A 54 -7.94 17.37 -2.38
C ASN A 54 -6.89 18.43 -2.52
N GLY A 55 -5.87 18.12 -3.27
CA GLY A 55 -4.79 19.05 -3.52
C GLY A 55 -3.66 18.33 -4.21
N PRO A 56 -2.82 17.60 -3.46
CA PRO A 56 -1.74 16.82 -4.04
C PRO A 56 -2.23 15.49 -4.60
N HIS A 57 -1.33 14.62 -4.88
CA HIS A 57 -1.67 13.30 -5.39
C HIS A 57 -1.90 12.35 -4.24
N ARG A 58 -2.49 11.23 -4.55
CA ARG A 58 -2.84 10.23 -3.56
C ARG A 58 -1.57 9.47 -3.16
N SER A 59 -1.60 8.83 -2.02
CA SER A 59 -0.46 8.09 -1.52
C SER A 59 -0.90 6.96 -0.59
N ALA A 60 0.00 6.05 -0.34
CA ALA A 60 -0.27 4.92 0.50
C ALA A 60 0.96 4.60 1.29
N ILE A 61 0.76 4.27 2.51
CA ILE A 61 1.84 3.92 3.39
C ILE A 61 1.57 2.54 3.97
N VAL A 62 2.43 1.60 3.68
CA VAL A 62 2.21 0.27 4.14
C VAL A 62 2.96 0.07 5.42
N THR A 63 2.24 -0.04 6.49
CA THR A 63 2.79 -0.23 7.78
C THR A 63 2.69 -1.70 8.09
N VAL A 64 3.81 -2.33 8.21
CA VAL A 64 3.85 -3.74 8.41
C VAL A 64 4.38 -4.05 9.78
N GLU A 65 3.72 -4.96 10.46
CA GLU A 65 4.15 -5.40 11.78
C GLU A 65 4.78 -6.78 11.69
N CYS A 66 4.70 -7.35 10.48
CA CYS A 66 5.19 -8.69 10.18
C CYS A 66 4.31 -9.75 10.87
N GLY A 67 4.28 -10.93 10.32
CA GLY A 67 3.45 -11.95 10.89
C GLY A 67 3.80 -13.31 10.36
N VAL A 68 2.87 -14.21 10.43
CA VAL A 68 3.07 -15.56 9.94
C VAL A 68 2.43 -15.67 8.55
N GLU A 69 1.53 -14.77 8.28
CA GLU A 69 0.79 -14.73 7.06
C GLU A 69 0.67 -13.29 6.60
N ASN A 70 0.37 -13.10 5.34
CA ASN A 70 0.13 -11.76 4.82
C ASN A 70 -1.34 -11.51 4.68
N GLU A 71 -1.77 -10.37 5.13
CA GLU A 71 -3.16 -9.97 5.04
C GLU A 71 -3.28 -8.49 5.33
N ILE A 72 -4.19 -7.83 4.66
CA ILE A 72 -4.46 -6.44 4.89
C ILE A 72 -5.49 -6.35 5.99
N VAL A 73 -5.10 -5.81 7.11
CA VAL A 73 -5.98 -5.72 8.24
C VAL A 73 -6.95 -4.58 8.03
N SER A 74 -6.42 -3.39 7.90
CA SER A 74 -7.25 -2.22 7.72
C SER A 74 -6.52 -1.19 6.88
N VAL A 75 -7.28 -0.31 6.27
CA VAL A 75 -6.76 0.79 5.50
C VAL A 75 -7.51 2.02 5.95
N LEU A 76 -6.82 3.09 6.24
CA LEU A 76 -7.47 4.28 6.73
C LEU A 76 -6.92 5.53 6.04
N GLU A 77 -7.81 6.37 5.55
CA GLU A 77 -7.43 7.64 4.98
C GLU A 77 -7.45 8.66 6.13
N ALA A 78 -6.28 8.94 6.70
CA ALA A 78 -6.24 9.81 7.88
C ALA A 78 -5.29 10.95 7.64
N GLN A 79 -4.77 10.98 6.48
CA GLN A 79 -3.84 11.95 6.05
C GLN A 79 -4.25 12.27 4.62
N LYS A 80 -3.73 13.37 4.05
CA LYS A 80 -4.07 13.86 2.66
C LYS A 80 -4.20 12.79 1.56
N CYS A 81 -5.30 12.05 1.58
CA CYS A 81 -5.54 10.94 0.66
C CYS A 81 -4.42 9.92 0.74
N GLU A 82 -3.76 9.88 1.89
CA GLU A 82 -2.75 8.91 2.12
C GLU A 82 -3.36 7.79 2.92
N TYR A 83 -3.30 6.63 2.37
CA TYR A 83 -3.94 5.50 2.94
C TYR A 83 -2.99 4.71 3.78
N LEU A 84 -3.30 4.67 5.06
CA LEU A 84 -2.54 3.95 6.03
C LEU A 84 -2.91 2.48 5.88
N ILE A 85 -2.00 1.69 5.39
CA ILE A 85 -2.27 0.29 5.18
C ILE A 85 -1.64 -0.49 6.32
N LYS A 86 -2.43 -1.29 6.98
CA LYS A 86 -1.94 -2.06 8.09
C LYS A 86 -1.82 -3.51 7.65
N MET A 87 -0.61 -4.04 7.66
CA MET A 87 -0.38 -5.39 7.20
C MET A 87 0.62 -6.09 8.03
N LYS A 88 0.76 -7.34 7.72
CA LYS A 88 1.71 -8.20 8.28
C LYS A 88 1.97 -9.28 7.27
N SER A 89 3.15 -9.82 7.29
CA SER A 89 3.56 -10.86 6.40
C SER A 89 4.84 -11.47 6.94
N PRO A 90 5.08 -12.78 6.76
CA PRO A 90 6.30 -13.44 7.24
C PRO A 90 7.54 -12.94 6.51
N ALA A 91 7.35 -12.52 5.28
CA ALA A 91 8.43 -12.05 4.43
C ALA A 91 8.85 -10.63 4.77
N ALA A 92 8.06 -9.96 5.60
CA ALA A 92 8.33 -8.59 5.98
C ALA A 92 9.44 -8.52 7.00
N CYS A 93 9.50 -9.52 7.87
CA CYS A 93 10.56 -9.60 8.85
C CYS A 93 11.94 -9.70 8.19
N SER A 94 12.70 -8.65 8.28
CA SER A 94 14.02 -8.63 7.77
C SER A 94 14.90 -7.84 8.70
N TYR A 1 16.18 -0.09 -11.88
CA TYR A 1 15.40 -0.35 -10.67
C TYR A 1 16.18 -1.23 -9.72
N ARG A 2 15.88 -1.12 -8.45
CA ARG A 2 16.34 -2.05 -7.43
C ARG A 2 15.15 -2.47 -6.60
N ALA A 3 14.30 -3.32 -7.16
CA ALA A 3 13.10 -3.78 -6.47
C ALA A 3 12.43 -4.90 -7.22
N ILE A 4 12.42 -6.06 -6.62
CA ILE A 4 11.74 -7.21 -7.17
C ILE A 4 10.28 -7.08 -6.78
N LYS A 5 9.40 -7.01 -7.74
CA LYS A 5 7.99 -6.82 -7.46
C LYS A 5 7.34 -8.12 -7.02
N GLY A 6 6.51 -8.05 -6.00
CA GLY A 6 5.90 -9.25 -5.46
C GLY A 6 4.48 -9.44 -5.94
N MET A 7 3.55 -8.70 -5.34
CA MET A 7 2.11 -8.76 -5.63
C MET A 7 1.57 -10.09 -5.19
N GLU A 8 1.00 -10.11 -4.03
CA GLU A 8 0.48 -11.34 -3.50
C GLU A 8 -0.78 -11.08 -2.69
N THR A 9 -0.84 -9.96 -1.99
CA THR A 9 -1.97 -9.71 -1.15
C THR A 9 -3.01 -8.87 -1.86
N LYS A 10 -4.24 -9.31 -1.77
CA LYS A 10 -5.37 -8.64 -2.38
C LYS A 10 -6.51 -8.78 -1.45
N ARG A 11 -7.27 -7.74 -1.28
CA ARG A 11 -8.40 -7.82 -0.43
C ARG A 11 -9.31 -6.65 -0.68
N GLU A 12 -10.59 -6.85 -0.61
CA GLU A 12 -11.48 -5.80 -0.90
C GLU A 12 -12.05 -5.13 0.32
N ILE A 13 -11.65 -3.91 0.51
CA ILE A 13 -12.13 -3.12 1.60
C ILE A 13 -13.17 -2.13 1.07
N GLY A 14 -14.35 -2.16 1.66
CA GLY A 14 -15.43 -1.28 1.27
C GLY A 14 -15.90 -1.47 -0.18
N GLY A 15 -15.67 -2.66 -0.73
CA GLY A 15 -16.09 -2.96 -2.09
C GLY A 15 -14.98 -2.74 -3.11
N TYR A 16 -13.92 -2.09 -2.69
CA TYR A 16 -12.79 -1.85 -3.57
C TYR A 16 -11.59 -2.69 -3.21
N THR A 17 -11.04 -3.32 -4.21
CA THR A 17 -9.99 -4.30 -4.04
C THR A 17 -8.63 -3.69 -3.94
N TYR A 18 -8.03 -3.87 -2.81
CA TYR A 18 -6.71 -3.42 -2.57
C TYR A 18 -5.75 -4.48 -3.00
N LYS A 19 -4.83 -4.11 -3.85
CA LYS A 19 -3.82 -5.03 -4.30
C LYS A 19 -2.48 -4.49 -3.87
N VAL A 20 -1.74 -5.28 -3.15
CA VAL A 20 -0.46 -4.85 -2.67
C VAL A 20 0.66 -5.56 -3.42
N VAL A 21 1.42 -4.79 -4.19
CA VAL A 21 2.57 -5.34 -4.87
C VAL A 21 3.76 -5.30 -3.91
N PHE A 22 3.64 -4.43 -2.90
CA PHE A 22 4.58 -4.28 -1.77
C PHE A 22 5.89 -3.58 -2.20
N TYR A 23 6.27 -3.73 -3.45
CA TYR A 23 7.48 -3.08 -3.96
C TYR A 23 7.16 -2.15 -5.13
N GLU A 24 5.92 -2.22 -5.62
CA GLU A 24 5.46 -1.31 -6.69
C GLU A 24 4.49 -0.28 -6.19
N ASN A 25 3.29 -0.73 -5.86
CA ASN A 25 2.22 0.15 -5.46
C ASN A 25 1.03 -0.64 -4.94
N VAL A 26 0.02 0.09 -4.51
CA VAL A 26 -1.20 -0.49 -4.00
C VAL A 26 -2.39 0.18 -4.70
N PHE A 27 -3.32 -0.60 -5.16
CA PHE A 27 -4.49 -0.09 -5.85
C PHE A 27 -5.74 -0.37 -5.06
N GLN A 28 -6.81 0.29 -5.43
CA GLN A 28 -8.15 0.03 -4.96
C GLN A 28 -9.10 -0.06 -6.13
N ASP A 29 -9.30 -1.28 -6.58
CA ASP A 29 -10.18 -1.63 -7.70
C ASP A 29 -9.63 -1.16 -9.02
N SER A 30 -9.79 0.10 -9.29
CA SER A 30 -9.34 0.70 -10.49
C SER A 30 -8.52 1.94 -10.17
N ILE A 31 -8.64 2.40 -8.93
CA ILE A 31 -7.99 3.62 -8.52
C ILE A 31 -6.68 3.30 -7.81
N LEU A 32 -5.62 3.90 -8.27
CA LEU A 32 -4.32 3.73 -7.67
C LEU A 32 -4.20 4.62 -6.43
N LEU A 33 -3.66 4.07 -5.36
CA LEU A 33 -3.41 4.88 -4.17
C LEU A 33 -2.16 5.71 -4.36
N GLY A 34 -1.01 5.09 -4.20
CA GLY A 34 0.24 5.79 -4.32
C GLY A 34 1.26 4.91 -4.99
N ASN A 35 2.49 5.36 -5.06
CA ASN A 35 3.54 4.60 -5.75
C ASN A 35 4.73 4.51 -4.94
N PHE A 36 5.39 3.41 -5.04
CA PHE A 36 6.55 3.17 -4.20
C PHE A 36 7.65 4.19 -4.45
N ALA A 37 7.94 4.96 -3.44
CA ALA A 37 8.94 5.99 -3.54
C ALA A 37 10.24 5.51 -2.94
N SER A 38 10.17 5.04 -1.70
CA SER A 38 11.31 4.54 -0.96
C SER A 38 10.79 3.76 0.24
N GLN A 39 11.62 2.89 0.78
CA GLN A 39 11.26 2.13 1.97
C GLN A 39 12.15 2.54 3.10
N GLU A 40 11.59 2.66 4.26
CA GLU A 40 12.35 3.01 5.43
C GLU A 40 12.06 2.04 6.53
N GLY A 41 12.99 1.14 6.74
CA GLY A 41 12.82 0.13 7.73
C GLY A 41 12.01 -1.00 7.17
N ASN A 42 10.94 -1.31 7.82
CA ASN A 42 10.05 -2.38 7.35
C ASN A 42 8.77 -1.73 6.78
N VAL A 43 8.83 -0.43 6.59
CA VAL A 43 7.69 0.33 6.11
C VAL A 43 7.92 0.82 4.67
N LEU A 44 6.88 0.71 3.86
CA LEU A 44 6.90 1.09 2.46
C LEU A 44 6.00 2.30 2.26
N LYS A 45 6.52 3.37 1.64
CA LYS A 45 5.68 4.53 1.38
C LYS A 45 5.36 4.69 -0.09
N TYR A 46 4.10 4.88 -0.37
CA TYR A 46 3.63 5.07 -1.69
C TYR A 46 3.17 6.53 -1.86
N GLU A 47 3.88 7.25 -2.69
CA GLU A 47 3.63 8.66 -2.99
C GLU A 47 3.26 8.84 -4.45
N ASN A 48 2.61 9.96 -4.75
CA ASN A 48 2.30 10.37 -6.14
C ASN A 48 1.47 9.36 -6.90
N GLY A 49 0.39 8.93 -6.31
CA GLY A 49 -0.49 8.02 -7.00
C GLY A 49 -1.50 8.75 -7.86
N GLN A 50 -2.72 8.33 -7.77
CA GLN A 50 -3.81 8.87 -8.56
C GLN A 50 -4.24 10.18 -7.87
N SER A 51 -4.67 11.18 -8.64
CA SER A 51 -5.01 12.48 -8.10
C SER A 51 -6.09 12.40 -6.99
N CYS A 52 -5.91 13.22 -5.98
CA CYS A 52 -6.81 13.21 -4.85
C CYS A 52 -7.94 14.22 -5.08
N ALA A 53 -7.59 15.40 -5.54
CA ALA A 53 -8.56 16.43 -5.84
C ALA A 53 -8.00 17.42 -6.85
N ASN A 54 -7.25 18.39 -6.37
CA ASN A 54 -6.68 19.41 -7.25
C ASN A 54 -5.32 19.85 -6.75
N GLY A 55 -4.80 19.10 -5.81
CA GLY A 55 -3.51 19.40 -5.24
C GLY A 55 -2.64 18.17 -5.26
N PRO A 56 -2.16 17.68 -4.10
CA PRO A 56 -1.36 16.46 -4.03
C PRO A 56 -2.16 15.24 -4.47
N HIS A 57 -1.45 14.16 -4.68
CA HIS A 57 -2.06 12.94 -5.15
C HIS A 57 -2.39 12.08 -3.95
N ARG A 58 -2.87 10.90 -4.20
CA ARG A 58 -3.12 9.98 -3.14
C ARG A 58 -1.83 9.27 -2.76
N SER A 59 -1.75 8.87 -1.53
CA SER A 59 -0.61 8.20 -1.03
C SER A 59 -1.05 7.01 -0.19
N ALA A 60 -0.14 6.11 0.06
CA ALA A 60 -0.44 4.95 0.85
C ALA A 60 0.74 4.63 1.73
N ILE A 61 0.47 4.44 2.99
CA ILE A 61 1.50 4.11 3.95
C ILE A 61 1.26 2.70 4.48
N VAL A 62 2.10 1.77 4.10
CA VAL A 62 1.91 0.42 4.56
C VAL A 62 2.72 0.18 5.79
N THR A 63 2.02 -0.07 6.86
CA THR A 63 2.61 -0.31 8.12
C THR A 63 2.68 -1.81 8.30
N VAL A 64 3.87 -2.33 8.34
CA VAL A 64 4.06 -3.75 8.41
C VAL A 64 4.66 -4.12 9.76
N GLU A 65 4.01 -5.03 10.45
CA GLU A 65 4.48 -5.50 11.75
C GLU A 65 5.06 -6.92 11.65
N CYS A 66 5.02 -7.48 10.45
CA CYS A 66 5.47 -8.86 10.15
C CYS A 66 4.53 -9.91 10.81
N GLY A 67 4.45 -11.08 10.22
CA GLY A 67 3.55 -12.09 10.74
C GLY A 67 3.78 -13.44 10.10
N VAL A 68 2.73 -14.24 10.04
CA VAL A 68 2.81 -15.60 9.49
C VAL A 68 2.44 -15.59 8.00
N GLU A 69 1.48 -14.78 7.64
CA GLU A 69 1.02 -14.68 6.28
C GLU A 69 0.74 -13.22 5.96
N ASN A 70 0.72 -12.88 4.70
CA ASN A 70 0.39 -11.53 4.32
C ASN A 70 -1.08 -11.33 4.10
N GLU A 71 -1.62 -10.31 4.76
CA GLU A 71 -3.02 -9.99 4.70
C GLU A 71 -3.18 -8.50 4.80
N ILE A 72 -4.15 -7.97 4.11
CA ILE A 72 -4.49 -6.58 4.26
C ILE A 72 -5.50 -6.51 5.37
N VAL A 73 -5.10 -5.97 6.49
CA VAL A 73 -5.96 -5.96 7.66
C VAL A 73 -7.00 -4.86 7.58
N SER A 74 -6.53 -3.64 7.50
CA SER A 74 -7.40 -2.48 7.44
C SER A 74 -6.70 -1.35 6.72
N VAL A 75 -7.48 -0.44 6.18
CA VAL A 75 -6.97 0.73 5.49
C VAL A 75 -7.83 1.93 5.90
N LEU A 76 -7.19 2.98 6.37
CA LEU A 76 -7.91 4.17 6.80
C LEU A 76 -7.22 5.43 6.30
N GLU A 77 -7.93 6.26 5.61
CA GLU A 77 -7.38 7.52 5.17
C GLU A 77 -7.52 8.56 6.29
N ALA A 78 -6.51 8.67 7.10
CA ALA A 78 -6.53 9.60 8.21
C ALA A 78 -5.54 10.72 8.01
N GLN A 79 -4.79 10.65 6.93
CA GLN A 79 -3.80 11.65 6.63
C GLN A 79 -4.13 12.33 5.32
N LYS A 80 -3.23 13.18 4.86
CA LYS A 80 -3.36 13.93 3.60
C LYS A 80 -3.49 13.06 2.34
N CYS A 81 -4.70 12.56 2.08
CA CYS A 81 -4.98 11.67 0.93
C CYS A 81 -4.13 10.42 1.01
N GLU A 82 -3.60 10.17 2.19
CA GLU A 82 -2.74 9.05 2.43
C GLU A 82 -3.48 8.02 3.23
N TYR A 83 -3.51 6.85 2.71
CA TYR A 83 -4.23 5.76 3.26
C TYR A 83 -3.33 4.91 4.13
N LEU A 84 -3.73 4.75 5.38
CA LEU A 84 -3.01 3.96 6.35
C LEU A 84 -3.29 2.51 6.07
N ILE A 85 -2.32 1.79 5.60
CA ILE A 85 -2.52 0.39 5.31
C ILE A 85 -1.89 -0.42 6.42
N LYS A 86 -2.66 -1.27 7.02
CA LYS A 86 -2.21 -2.04 8.15
C LYS A 86 -2.02 -3.49 7.64
N MET A 87 -0.78 -3.96 7.64
CA MET A 87 -0.45 -5.29 7.11
C MET A 87 0.65 -5.97 7.89
N LYS A 88 0.93 -7.18 7.47
CA LYS A 88 2.02 -7.96 7.97
C LYS A 88 2.28 -9.11 7.04
N SER A 89 3.48 -9.64 7.10
CA SER A 89 3.90 -10.72 6.22
C SER A 89 5.13 -11.35 6.85
N PRO A 90 5.37 -12.66 6.63
CA PRO A 90 6.59 -13.33 7.11
C PRO A 90 7.83 -12.79 6.37
N ALA A 91 7.58 -12.32 5.15
CA ALA A 91 8.62 -11.79 4.28
C ALA A 91 9.11 -10.44 4.80
N ALA A 92 8.34 -9.86 5.69
CA ALA A 92 8.66 -8.58 6.26
C ALA A 92 9.82 -8.71 7.23
N CYS A 93 9.79 -9.78 8.03
CA CYS A 93 10.87 -10.05 8.95
C CYS A 93 12.13 -10.31 8.17
N SER A 94 13.06 -9.41 8.24
CA SER A 94 14.28 -9.53 7.55
C SER A 94 15.41 -9.57 8.56
N TYR A 1 9.36 -8.04 -16.86
CA TYR A 1 9.23 -6.84 -16.05
C TYR A 1 10.19 -6.90 -14.89
N ARG A 2 11.20 -6.06 -14.90
CA ARG A 2 12.11 -6.06 -13.79
C ARG A 2 11.65 -5.14 -12.69
N ALA A 3 10.78 -5.67 -11.90
CA ALA A 3 10.23 -5.02 -10.75
C ALA A 3 10.01 -6.08 -9.71
N ILE A 4 10.28 -5.76 -8.48
CA ILE A 4 10.18 -6.75 -7.44
C ILE A 4 8.75 -6.87 -6.97
N LYS A 5 8.22 -8.06 -7.02
CA LYS A 5 6.88 -8.32 -6.55
C LYS A 5 6.96 -8.95 -5.18
N GLY A 6 6.34 -8.32 -4.22
CA GLY A 6 6.41 -8.79 -2.86
C GLY A 6 5.13 -9.35 -2.37
N MET A 7 4.56 -10.26 -3.15
CA MET A 7 3.29 -10.94 -2.86
C MET A 7 2.14 -9.96 -3.01
N GLU A 8 1.43 -10.03 -4.13
CA GLU A 8 0.30 -9.16 -4.36
C GLU A 8 -0.84 -9.49 -3.40
N THR A 9 -0.87 -8.77 -2.32
CA THR A 9 -1.86 -8.96 -1.33
C THR A 9 -3.08 -8.14 -1.73
N LYS A 10 -4.21 -8.77 -1.78
CA LYS A 10 -5.41 -8.11 -2.22
C LYS A 10 -6.47 -8.23 -1.18
N ARG A 11 -7.13 -7.15 -0.94
CA ARG A 11 -8.16 -7.12 0.05
C ARG A 11 -9.13 -6.03 -0.28
N GLU A 12 -10.37 -6.29 -0.17
CA GLU A 12 -11.36 -5.33 -0.49
C GLU A 12 -11.79 -4.58 0.75
N ILE A 13 -11.47 -3.31 0.79
CA ILE A 13 -11.90 -2.45 1.88
C ILE A 13 -12.81 -1.35 1.30
N GLY A 14 -13.96 -1.15 1.91
CA GLY A 14 -14.90 -0.11 1.49
C GLY A 14 -15.44 -0.28 0.08
N GLY A 15 -15.46 -1.52 -0.40
CA GLY A 15 -15.98 -1.80 -1.73
C GLY A 15 -14.91 -1.81 -2.81
N TYR A 16 -13.76 -1.26 -2.49
CA TYR A 16 -12.66 -1.20 -3.42
C TYR A 16 -11.54 -2.16 -3.06
N THR A 17 -10.91 -2.70 -4.06
CA THR A 17 -9.92 -3.73 -3.87
C THR A 17 -8.54 -3.14 -3.76
N TYR A 18 -7.96 -3.30 -2.62
CA TYR A 18 -6.63 -2.85 -2.38
C TYR A 18 -5.65 -3.91 -2.81
N LYS A 19 -4.69 -3.52 -3.60
CA LYS A 19 -3.66 -4.42 -4.05
C LYS A 19 -2.35 -3.90 -3.55
N VAL A 20 -1.64 -4.70 -2.82
CA VAL A 20 -0.34 -4.33 -2.34
C VAL A 20 0.69 -5.25 -2.92
N VAL A 21 1.50 -4.73 -3.83
CA VAL A 21 2.57 -5.54 -4.41
C VAL A 21 3.85 -5.33 -3.58
N PHE A 22 3.73 -4.43 -2.62
CA PHE A 22 4.76 -4.09 -1.64
C PHE A 22 5.92 -3.28 -2.28
N TYR A 23 6.57 -3.82 -3.29
CA TYR A 23 7.70 -3.14 -3.91
C TYR A 23 7.29 -2.41 -5.16
N GLU A 24 6.15 -2.75 -5.71
CA GLU A 24 5.66 -2.04 -6.86
C GLU A 24 4.85 -0.83 -6.47
N ASN A 25 3.65 -1.06 -5.95
CA ASN A 25 2.74 0.02 -5.56
C ASN A 25 1.42 -0.53 -5.06
N VAL A 26 0.51 0.34 -4.63
CA VAL A 26 -0.77 -0.09 -4.08
C VAL A 26 -1.94 0.58 -4.79
N PHE A 27 -2.97 -0.20 -5.08
CA PHE A 27 -4.14 0.27 -5.78
C PHE A 27 -5.39 0.03 -4.95
N GLN A 28 -6.46 0.70 -5.34
CA GLN A 28 -7.80 0.47 -4.84
C GLN A 28 -8.76 0.47 -6.02
N ASP A 29 -9.21 -0.71 -6.39
CA ASP A 29 -10.15 -0.92 -7.50
C ASP A 29 -9.47 -0.64 -8.84
N SER A 30 -9.44 0.60 -9.23
CA SER A 30 -8.77 1.02 -10.43
C SER A 30 -8.03 2.33 -10.16
N ILE A 31 -8.02 2.73 -8.90
CA ILE A 31 -7.35 3.93 -8.48
C ILE A 31 -6.04 3.61 -7.81
N LEU A 32 -5.00 4.17 -8.33
CA LEU A 32 -3.71 4.04 -7.77
C LEU A 32 -3.54 4.98 -6.59
N LEU A 33 -3.22 4.42 -5.42
CA LEU A 33 -2.99 5.23 -4.22
C LEU A 33 -1.72 6.03 -4.40
N GLY A 34 -0.63 5.33 -4.42
CA GLY A 34 0.65 5.93 -4.57
C GLY A 34 1.60 4.96 -5.16
N ASN A 35 2.80 5.38 -5.43
CA ASN A 35 3.77 4.51 -6.06
C ASN A 35 4.94 4.37 -5.22
N PHE A 36 5.58 3.25 -5.37
CA PHE A 36 6.75 2.96 -4.54
C PHE A 36 7.83 3.98 -4.79
N ALA A 37 8.13 4.74 -3.77
CA ALA A 37 9.16 5.72 -3.85
C ALA A 37 10.29 5.39 -2.91
N SER A 38 9.93 5.18 -1.66
CA SER A 38 10.92 4.99 -0.64
C SER A 38 10.60 3.77 0.23
N GLN A 39 11.64 3.20 0.78
CA GLN A 39 11.58 2.02 1.62
C GLN A 39 12.48 2.24 2.81
N GLU A 40 11.93 2.19 4.00
CA GLU A 40 12.72 2.38 5.18
C GLU A 40 12.41 1.30 6.20
N GLY A 41 13.26 0.29 6.22
CA GLY A 41 13.14 -0.79 7.14
C GLY A 41 11.93 -1.65 6.85
N ASN A 42 10.95 -1.56 7.69
CA ASN A 42 9.73 -2.36 7.58
C ASN A 42 8.57 -1.46 7.11
N VAL A 43 8.85 -0.18 6.89
CA VAL A 43 7.84 0.74 6.43
C VAL A 43 8.16 1.24 5.01
N LEU A 44 7.25 1.03 4.11
CA LEU A 44 7.39 1.47 2.74
C LEU A 44 6.39 2.56 2.44
N LYS A 45 6.81 3.56 1.69
CA LYS A 45 5.95 4.69 1.43
C LYS A 45 5.70 4.79 -0.10
N TYR A 46 4.44 4.98 -0.47
CA TYR A 46 4.04 5.10 -1.83
C TYR A 46 3.45 6.50 -2.03
N GLU A 47 3.88 7.23 -3.02
CA GLU A 47 3.38 8.61 -3.23
C GLU A 47 3.06 8.90 -4.67
N ASN A 48 2.36 10.01 -4.85
CA ASN A 48 2.05 10.56 -6.17
C ASN A 48 1.28 9.62 -7.07
N GLY A 49 0.22 9.06 -6.54
CA GLY A 49 -0.64 8.23 -7.35
C GLY A 49 -1.71 9.08 -7.98
N GLN A 50 -2.93 8.62 -7.94
CA GLN A 50 -4.06 9.35 -8.49
C GLN A 50 -4.38 10.56 -7.63
N SER A 51 -4.85 11.62 -8.27
CA SER A 51 -5.29 12.79 -7.55
C SER A 51 -6.36 12.42 -6.54
N CYS A 52 -6.26 12.98 -5.38
CA CYS A 52 -7.13 12.68 -4.28
C CYS A 52 -8.45 13.38 -4.48
N ALA A 53 -8.35 14.62 -4.85
CA ALA A 53 -9.48 15.42 -5.13
C ALA A 53 -9.04 16.57 -5.98
N ASN A 54 -9.15 16.39 -7.30
CA ASN A 54 -8.82 17.40 -8.31
C ASN A 54 -7.30 17.71 -8.46
N GLY A 55 -6.64 17.96 -7.35
CA GLY A 55 -5.25 18.38 -7.40
C GLY A 55 -4.28 17.38 -6.82
N PRO A 56 -3.86 17.57 -5.53
CA PRO A 56 -2.86 16.72 -4.87
C PRO A 56 -3.15 15.24 -4.99
N HIS A 57 -2.12 14.46 -4.87
CA HIS A 57 -2.19 13.05 -5.12
C HIS A 57 -2.38 12.28 -3.85
N ARG A 58 -2.87 11.10 -3.99
CA ARG A 58 -2.96 10.17 -2.91
C ARG A 58 -1.59 9.55 -2.66
N SER A 59 -1.44 8.96 -1.53
CA SER A 59 -0.27 8.27 -1.15
C SER A 59 -0.63 7.14 -0.20
N ALA A 60 0.24 6.19 -0.05
CA ALA A 60 -0.02 5.05 0.77
C ALA A 60 1.18 4.73 1.59
N ILE A 61 0.98 4.33 2.80
CA ILE A 61 2.06 3.94 3.66
C ILE A 61 1.79 2.54 4.21
N VAL A 62 2.71 1.64 4.01
CA VAL A 62 2.47 0.29 4.47
C VAL A 62 3.07 0.10 5.85
N THR A 63 2.24 -0.33 6.75
CA THR A 63 2.65 -0.62 8.07
C THR A 63 2.54 -2.12 8.25
N VAL A 64 3.66 -2.76 8.41
CA VAL A 64 3.67 -4.19 8.55
C VAL A 64 4.00 -4.54 9.99
N GLU A 65 3.26 -5.45 10.54
CA GLU A 65 3.42 -5.81 11.94
C GLU A 65 4.09 -7.18 12.06
N CYS A 66 4.39 -7.78 10.90
CA CYS A 66 4.91 -9.15 10.82
C CYS A 66 3.81 -10.18 11.11
N GLY A 67 3.78 -11.20 10.30
CA GLY A 67 2.81 -12.23 10.45
C GLY A 67 3.31 -13.50 9.84
N VAL A 68 2.51 -14.53 9.88
CA VAL A 68 2.87 -15.82 9.31
C VAL A 68 2.48 -15.83 7.83
N GLU A 69 1.49 -15.04 7.52
CA GLU A 69 1.00 -14.89 6.18
C GLU A 69 0.76 -13.42 5.90
N ASN A 70 0.74 -13.06 4.64
CA ASN A 70 0.49 -11.69 4.27
C ASN A 70 -1.01 -11.47 4.20
N GLU A 71 -1.45 -10.36 4.74
CA GLU A 71 -2.85 -10.03 4.70
C GLU A 71 -3.02 -8.57 4.99
N ILE A 72 -3.93 -7.95 4.29
CA ILE A 72 -4.28 -6.60 4.53
C ILE A 72 -5.36 -6.62 5.57
N VAL A 73 -5.04 -6.10 6.72
CA VAL A 73 -5.97 -6.10 7.80
C VAL A 73 -6.99 -5.01 7.59
N SER A 74 -6.50 -3.83 7.26
CA SER A 74 -7.35 -2.70 7.00
C SER A 74 -6.50 -1.59 6.39
N VAL A 75 -7.15 -0.58 5.86
CA VAL A 75 -6.50 0.58 5.30
C VAL A 75 -7.30 1.78 5.77
N LEU A 76 -6.65 2.76 6.33
CA LEU A 76 -7.36 3.90 6.88
C LEU A 76 -6.82 5.22 6.35
N GLU A 77 -7.72 6.06 5.89
CA GLU A 77 -7.37 7.38 5.44
C GLU A 77 -7.35 8.31 6.65
N ALA A 78 -6.30 8.23 7.42
CA ALA A 78 -6.17 9.02 8.63
C ALA A 78 -5.16 10.14 8.44
N GLN A 79 -4.66 10.23 7.25
CA GLN A 79 -3.71 11.26 6.91
C GLN A 79 -4.15 11.94 5.63
N LYS A 80 -3.45 13.00 5.28
CA LYS A 80 -3.72 13.81 4.06
C LYS A 80 -3.73 13.03 2.74
N CYS A 81 -4.84 12.35 2.48
CA CYS A 81 -5.00 11.49 1.31
C CYS A 81 -3.95 10.39 1.30
N GLU A 82 -3.39 10.13 2.46
CA GLU A 82 -2.41 9.13 2.61
C GLU A 82 -3.00 8.00 3.40
N TYR A 83 -3.00 6.86 2.79
CA TYR A 83 -3.68 5.70 3.30
C TYR A 83 -2.76 4.82 4.08
N LEU A 84 -3.12 4.61 5.33
CA LEU A 84 -2.38 3.76 6.22
C LEU A 84 -2.75 2.33 5.92
N ILE A 85 -1.86 1.59 5.37
CA ILE A 85 -2.12 0.22 5.06
C ILE A 85 -1.60 -0.63 6.19
N LYS A 86 -2.46 -1.38 6.79
CA LYS A 86 -2.11 -2.16 7.94
C LYS A 86 -2.02 -3.63 7.49
N MET A 87 -0.82 -4.19 7.54
CA MET A 87 -0.55 -5.52 7.03
C MET A 87 0.39 -6.26 7.90
N LYS A 88 0.61 -7.47 7.51
CA LYS A 88 1.52 -8.34 8.14
C LYS A 88 2.01 -9.31 7.10
N SER A 89 3.24 -9.74 7.21
CA SER A 89 3.81 -10.70 6.31
C SER A 89 5.15 -11.16 6.86
N PRO A 90 5.53 -12.42 6.61
CA PRO A 90 6.86 -12.92 7.00
C PRO A 90 7.97 -12.24 6.17
N ALA A 91 7.56 -11.66 5.04
CA ALA A 91 8.47 -11.05 4.10
C ALA A 91 9.14 -9.81 4.67
N ALA A 92 8.41 -9.04 5.46
CA ALA A 92 8.95 -7.82 6.00
C ALA A 92 9.38 -8.05 7.42
N CYS A 93 9.02 -9.20 7.92
CA CYS A 93 9.32 -9.60 9.27
C CYS A 93 10.78 -10.04 9.39
N SER A 94 11.38 -10.27 8.26
CA SER A 94 12.74 -10.70 8.20
C SER A 94 13.67 -9.50 8.32
N TYR A 1 7.31 -10.51 -16.39
CA TYR A 1 7.13 -9.79 -15.15
C TYR A 1 6.77 -8.36 -15.37
N ARG A 2 5.90 -7.84 -14.54
CA ARG A 2 5.53 -6.45 -14.56
C ARG A 2 6.37 -5.72 -13.55
N ALA A 3 7.48 -5.13 -14.01
CA ALA A 3 8.44 -4.42 -13.16
C ALA A 3 8.96 -5.35 -12.04
N ILE A 4 9.58 -4.79 -11.04
CA ILE A 4 10.00 -5.58 -9.90
C ILE A 4 8.89 -5.55 -8.89
N LYS A 5 8.32 -6.70 -8.62
CA LYS A 5 7.19 -6.78 -7.73
C LYS A 5 7.53 -7.63 -6.53
N GLY A 6 6.84 -7.40 -5.45
CA GLY A 6 7.08 -8.14 -4.26
C GLY A 6 6.00 -9.13 -4.00
N MET A 7 5.50 -9.12 -2.80
CA MET A 7 4.46 -10.05 -2.41
C MET A 7 3.10 -9.44 -2.59
N GLU A 8 2.57 -9.65 -3.76
CA GLU A 8 1.27 -9.16 -4.16
C GLU A 8 0.16 -9.71 -3.26
N THR A 9 -0.42 -8.86 -2.47
CA THR A 9 -1.48 -9.23 -1.59
C THR A 9 -2.73 -8.38 -1.91
N LYS A 10 -3.91 -8.97 -1.78
CA LYS A 10 -5.14 -8.25 -2.04
C LYS A 10 -6.04 -8.34 -0.87
N ARG A 11 -6.80 -7.32 -0.67
CA ARG A 11 -7.75 -7.30 0.39
C ARG A 11 -8.81 -6.30 0.01
N GLU A 12 -10.04 -6.60 0.24
CA GLU A 12 -11.09 -5.69 -0.15
C GLU A 12 -11.52 -4.83 1.03
N ILE A 13 -11.22 -3.55 0.94
CA ILE A 13 -11.62 -2.59 1.96
C ILE A 13 -12.61 -1.60 1.35
N GLY A 14 -13.73 -1.43 2.00
CA GLY A 14 -14.75 -0.49 1.57
C GLY A 14 -15.35 -0.82 0.22
N GLY A 15 -15.29 -2.08 -0.16
CA GLY A 15 -15.85 -2.50 -1.41
C GLY A 15 -14.86 -2.46 -2.56
N TYR A 16 -13.68 -1.95 -2.29
CA TYR A 16 -12.64 -1.89 -3.29
C TYR A 16 -11.43 -2.70 -2.91
N THR A 17 -10.84 -3.30 -3.89
CA THR A 17 -9.81 -4.25 -3.73
C THR A 17 -8.45 -3.58 -3.67
N TYR A 18 -7.86 -3.63 -2.53
CA TYR A 18 -6.55 -3.10 -2.35
C TYR A 18 -5.53 -4.12 -2.71
N LYS A 19 -4.64 -3.73 -3.55
CA LYS A 19 -3.59 -4.57 -3.98
C LYS A 19 -2.30 -3.95 -3.55
N VAL A 20 -1.53 -4.68 -2.84
CA VAL A 20 -0.24 -4.22 -2.42
C VAL A 20 0.80 -5.06 -3.10
N VAL A 21 1.50 -4.47 -4.05
CA VAL A 21 2.52 -5.20 -4.77
C VAL A 21 3.85 -5.09 -4.02
N PHE A 22 3.84 -4.27 -2.97
CA PHE A 22 4.96 -4.05 -2.03
C PHE A 22 6.08 -3.22 -2.67
N TYR A 23 6.54 -3.60 -3.84
CA TYR A 23 7.62 -2.88 -4.51
C TYR A 23 7.16 -2.08 -5.69
N GLU A 24 6.02 -2.41 -6.23
CA GLU A 24 5.48 -1.61 -7.30
C GLU A 24 4.68 -0.45 -6.78
N ASN A 25 3.49 -0.75 -6.32
CA ASN A 25 2.54 0.24 -5.87
C ASN A 25 1.30 -0.41 -5.29
N VAL A 26 0.32 0.41 -4.91
CA VAL A 26 -0.92 -0.07 -4.33
C VAL A 26 -2.09 0.46 -5.15
N PHE A 27 -3.04 -0.40 -5.41
CA PHE A 27 -4.23 -0.04 -6.16
C PHE A 27 -5.47 -0.39 -5.38
N GLN A 28 -6.53 0.30 -5.68
CA GLN A 28 -7.85 -0.04 -5.23
C GLN A 28 -8.68 -0.33 -6.46
N ASP A 29 -8.70 -1.61 -6.81
CA ASP A 29 -9.32 -2.11 -8.04
C ASP A 29 -8.65 -1.58 -9.29
N SER A 30 -8.96 -0.38 -9.66
CA SER A 30 -8.39 0.21 -10.84
C SER A 30 -7.73 1.56 -10.53
N ILE A 31 -8.00 2.10 -9.35
CA ILE A 31 -7.45 3.40 -8.98
C ILE A 31 -6.15 3.25 -8.21
N LEU A 32 -5.16 4.00 -8.63
CA LEU A 32 -3.83 3.95 -8.06
C LEU A 32 -3.69 4.89 -6.86
N LEU A 33 -3.39 4.28 -5.74
CA LEU A 33 -3.07 4.99 -4.50
C LEU A 33 -1.82 5.84 -4.69
N GLY A 34 -0.71 5.18 -4.91
CA GLY A 34 0.54 5.87 -5.07
C GLY A 34 1.56 4.92 -5.61
N ASN A 35 2.78 5.37 -5.80
CA ASN A 35 3.83 4.54 -6.39
C ASN A 35 4.96 4.46 -5.50
N PHE A 36 5.68 3.37 -5.62
CA PHE A 36 6.84 3.13 -4.76
C PHE A 36 7.80 4.29 -4.86
N ALA A 37 7.97 4.99 -3.77
CA ALA A 37 8.84 6.12 -3.74
C ALA A 37 10.12 5.74 -3.06
N SER A 38 9.98 5.18 -1.88
CA SER A 38 11.10 4.71 -1.08
C SER A 38 10.56 3.78 -0.02
N GLN A 39 11.40 2.91 0.49
CA GLN A 39 11.04 2.08 1.60
C GLN A 39 11.81 2.51 2.80
N GLU A 40 11.13 2.78 3.86
CA GLU A 40 11.75 3.24 5.06
C GLU A 40 11.60 2.19 6.12
N GLY A 41 12.65 1.40 6.29
CA GLY A 41 12.60 0.31 7.23
C GLY A 41 11.77 -0.80 6.66
N ASN A 42 10.71 -1.13 7.33
CA ASN A 42 9.81 -2.16 6.87
C ASN A 42 8.52 -1.49 6.37
N VAL A 43 8.58 -0.19 6.24
CA VAL A 43 7.44 0.59 5.82
C VAL A 43 7.63 1.10 4.39
N LEU A 44 6.66 0.85 3.57
CA LEU A 44 6.70 1.25 2.17
C LEU A 44 5.89 2.50 1.97
N LYS A 45 6.43 3.47 1.25
CA LYS A 45 5.71 4.69 1.01
C LYS A 45 5.43 4.81 -0.49
N TYR A 46 4.20 5.07 -0.84
CA TYR A 46 3.79 5.19 -2.20
C TYR A 46 3.26 6.58 -2.41
N GLU A 47 3.77 7.27 -3.38
CA GLU A 47 3.37 8.63 -3.61
C GLU A 47 3.09 8.84 -5.09
N ASN A 48 2.49 9.99 -5.44
CA ASN A 48 2.24 10.36 -6.85
C ASN A 48 1.21 9.46 -7.49
N GLY A 49 0.09 9.26 -6.82
CA GLY A 49 -0.93 8.42 -7.36
C GLY A 49 -2.01 9.24 -8.04
N GLN A 50 -3.19 8.70 -8.08
CA GLN A 50 -4.34 9.35 -8.69
C GLN A 50 -4.76 10.61 -7.96
N SER A 51 -5.26 11.56 -8.71
CA SER A 51 -5.77 12.81 -8.17
C SER A 51 -6.87 12.50 -7.14
N CYS A 52 -6.88 13.25 -6.07
CA CYS A 52 -7.80 13.02 -4.99
C CYS A 52 -8.74 14.21 -4.82
N ALA A 53 -8.22 15.40 -5.13
CA ALA A 53 -8.89 16.66 -4.95
C ALA A 53 -7.85 17.73 -5.26
N ASN A 54 -7.90 18.83 -4.55
CA ASN A 54 -6.87 19.86 -4.65
C ASN A 54 -5.60 19.41 -3.88
N GLY A 55 -5.68 18.25 -3.25
CA GLY A 55 -4.56 17.73 -2.48
C GLY A 55 -3.43 17.23 -3.36
N PRO A 56 -2.32 16.82 -2.78
CA PRO A 56 -1.13 16.34 -3.52
C PRO A 56 -1.28 14.90 -4.02
N HIS A 57 -2.44 14.60 -4.63
CA HIS A 57 -2.77 13.28 -5.15
C HIS A 57 -2.91 12.27 -4.01
N ARG A 58 -3.18 11.04 -4.34
CA ARG A 58 -3.30 10.03 -3.32
C ARG A 58 -1.91 9.52 -2.99
N SER A 59 -1.79 8.96 -1.82
CA SER A 59 -0.56 8.38 -1.38
C SER A 59 -0.88 7.21 -0.45
N ALA A 60 0.04 6.29 -0.30
CA ALA A 60 -0.18 5.11 0.51
C ALA A 60 1.02 4.83 1.37
N ILE A 61 0.79 4.45 2.59
CA ILE A 61 1.85 4.13 3.50
C ILE A 61 1.62 2.71 4.08
N VAL A 62 2.42 1.75 3.67
CA VAL A 62 2.25 0.38 4.11
C VAL A 62 3.16 0.08 5.28
N THR A 63 2.56 -0.13 6.40
CA THR A 63 3.26 -0.44 7.60
C THR A 63 3.04 -1.92 7.90
N VAL A 64 4.11 -2.69 7.92
CA VAL A 64 3.99 -4.10 8.17
C VAL A 64 4.40 -4.39 9.61
N GLU A 65 3.59 -5.18 10.29
CA GLU A 65 3.82 -5.46 11.71
C GLU A 65 4.09 -6.94 12.00
N CYS A 66 4.43 -7.71 10.96
CA CYS A 66 4.76 -9.15 11.09
C CYS A 66 3.57 -10.05 11.44
N GLY A 67 3.54 -11.20 10.83
CA GLY A 67 2.49 -12.15 11.04
C GLY A 67 2.90 -13.51 10.54
N VAL A 68 1.95 -14.39 10.40
CA VAL A 68 2.21 -15.74 9.93
C VAL A 68 1.91 -15.83 8.43
N GLU A 69 1.03 -14.98 8.00
CA GLU A 69 0.54 -14.96 6.65
C GLU A 69 0.59 -13.54 6.12
N ASN A 70 0.52 -13.41 4.81
CA ASN A 70 0.48 -12.09 4.19
C ASN A 70 -0.95 -11.63 4.13
N GLU A 71 -1.32 -10.69 4.95
CA GLU A 71 -2.64 -10.16 4.90
C GLU A 71 -2.61 -8.69 5.13
N ILE A 72 -3.46 -8.01 4.45
CA ILE A 72 -3.66 -6.63 4.65
C ILE A 72 -4.69 -6.49 5.75
N VAL A 73 -4.31 -5.86 6.83
CA VAL A 73 -5.16 -5.76 7.99
C VAL A 73 -6.20 -4.65 7.80
N SER A 74 -5.74 -3.43 7.74
CA SER A 74 -6.63 -2.30 7.61
C SER A 74 -6.04 -1.24 6.70
N VAL A 75 -6.92 -0.44 6.13
CA VAL A 75 -6.54 0.69 5.30
C VAL A 75 -7.37 1.90 5.73
N LEU A 76 -6.72 2.90 6.26
CA LEU A 76 -7.43 4.04 6.78
C LEU A 76 -6.94 5.35 6.17
N GLU A 77 -7.86 6.15 5.67
CA GLU A 77 -7.57 7.48 5.20
C GLU A 77 -7.53 8.40 6.41
N ALA A 78 -6.35 8.66 6.91
CA ALA A 78 -6.19 9.50 8.10
C ALA A 78 -5.39 10.73 7.78
N GLN A 79 -4.60 10.66 6.74
CA GLN A 79 -3.78 11.77 6.33
C GLN A 79 -4.20 12.23 4.97
N LYS A 80 -3.60 13.33 4.50
CA LYS A 80 -3.90 13.99 3.20
C LYS A 80 -4.03 13.05 1.97
N CYS A 81 -5.18 12.39 1.84
CA CYS A 81 -5.41 11.40 0.80
C CYS A 81 -4.33 10.31 0.87
N GLU A 82 -3.77 10.13 2.06
CA GLU A 82 -2.76 9.17 2.29
C GLU A 82 -3.36 8.05 3.09
N TYR A 83 -3.33 6.90 2.53
CA TYR A 83 -3.96 5.75 3.08
C TYR A 83 -3.00 4.92 3.87
N LEU A 84 -3.36 4.69 5.10
CA LEU A 84 -2.57 3.91 6.04
C LEU A 84 -2.86 2.47 5.76
N ILE A 85 -1.87 1.73 5.38
CA ILE A 85 -2.08 0.35 5.05
C ILE A 85 -1.33 -0.52 6.04
N LYS A 86 -2.02 -1.44 6.62
CA LYS A 86 -1.43 -2.39 7.52
C LYS A 86 -1.33 -3.74 6.88
N MET A 87 -0.19 -4.34 7.05
CA MET A 87 0.02 -5.68 6.62
C MET A 87 0.84 -6.38 7.64
N LYS A 88 0.83 -7.64 7.56
CA LYS A 88 1.66 -8.45 8.34
C LYS A 88 2.06 -9.60 7.49
N SER A 89 3.25 -10.10 7.71
CA SER A 89 3.75 -11.20 6.95
C SER A 89 4.98 -11.75 7.63
N PRO A 90 5.27 -13.05 7.47
CA PRO A 90 6.45 -13.67 8.06
C PRO A 90 7.76 -13.20 7.39
N ALA A 91 7.68 -12.86 6.12
CA ALA A 91 8.85 -12.45 5.38
C ALA A 91 9.31 -11.05 5.73
N ALA A 92 8.39 -10.18 6.10
CA ALA A 92 8.74 -8.80 6.38
C ALA A 92 9.01 -8.66 7.85
N CYS A 93 8.83 -9.76 8.55
CA CYS A 93 9.05 -9.83 9.96
C CYS A 93 10.54 -9.75 10.24
N SER A 94 11.32 -10.20 9.28
CA SER A 94 12.74 -10.14 9.36
C SER A 94 13.23 -8.89 8.61
N TYR A 1 18.44 -2.13 -10.98
CA TYR A 1 18.03 -3.14 -11.98
C TYR A 1 17.44 -4.35 -11.30
N ARG A 2 16.50 -4.98 -12.00
CA ARG A 2 15.74 -6.14 -11.54
C ARG A 2 15.02 -5.88 -10.22
N ALA A 3 13.80 -5.47 -10.33
CA ALA A 3 13.01 -5.18 -9.17
C ALA A 3 12.31 -6.45 -8.72
N ILE A 4 12.57 -6.84 -7.49
CA ILE A 4 11.93 -7.99 -6.91
C ILE A 4 10.59 -7.51 -6.41
N LYS A 5 9.54 -8.14 -6.84
CA LYS A 5 8.22 -7.69 -6.53
C LYS A 5 7.57 -8.57 -5.47
N GLY A 6 6.61 -8.01 -4.78
CA GLY A 6 5.92 -8.72 -3.77
C GLY A 6 4.44 -8.69 -4.00
N MET A 7 4.04 -9.17 -5.15
CA MET A 7 2.64 -9.22 -5.52
C MET A 7 2.02 -10.41 -4.84
N GLU A 8 1.68 -10.22 -3.59
CA GLU A 8 1.22 -11.33 -2.78
C GLU A 8 -0.14 -11.05 -2.14
N THR A 9 -0.44 -9.81 -1.80
CA THR A 9 -1.61 -9.57 -1.00
C THR A 9 -2.64 -8.68 -1.68
N LYS A 10 -3.90 -9.05 -1.56
CA LYS A 10 -5.00 -8.26 -2.03
C LYS A 10 -6.16 -8.44 -1.07
N ARG A 11 -6.93 -7.40 -0.85
CA ARG A 11 -8.03 -7.46 0.08
C ARG A 11 -9.07 -6.43 -0.33
N GLU A 12 -10.31 -6.74 -0.16
CA GLU A 12 -11.34 -5.84 -0.53
C GLU A 12 -11.84 -5.05 0.67
N ILE A 13 -11.55 -3.76 0.69
CA ILE A 13 -12.04 -2.91 1.75
C ILE A 13 -13.05 -1.93 1.15
N GLY A 14 -14.23 -1.89 1.72
CA GLY A 14 -15.27 -0.97 1.27
C GLY A 14 -15.71 -1.20 -0.18
N GLY A 15 -15.54 -2.41 -0.67
CA GLY A 15 -15.94 -2.73 -2.03
C GLY A 15 -14.82 -2.56 -3.03
N TYR A 16 -13.78 -1.87 -2.65
CA TYR A 16 -12.65 -1.67 -3.51
C TYR A 16 -11.47 -2.51 -3.10
N THR A 17 -10.90 -3.17 -4.07
CA THR A 17 -9.87 -4.14 -3.83
C THR A 17 -8.52 -3.51 -3.74
N TYR A 18 -7.96 -3.57 -2.57
CA TYR A 18 -6.66 -3.07 -2.32
C TYR A 18 -5.67 -4.14 -2.67
N LYS A 19 -4.76 -3.82 -3.51
CA LYS A 19 -3.75 -4.73 -3.94
C LYS A 19 -2.40 -4.21 -3.57
N VAL A 20 -1.65 -4.99 -2.85
CA VAL A 20 -0.34 -4.59 -2.42
C VAL A 20 0.70 -5.40 -3.15
N VAL A 21 1.47 -4.73 -3.99
CA VAL A 21 2.54 -5.39 -4.70
C VAL A 21 3.86 -5.15 -3.96
N PHE A 22 3.74 -4.46 -2.84
CA PHE A 22 4.80 -4.20 -1.88
C PHE A 22 5.92 -3.29 -2.47
N TYR A 23 6.67 -3.82 -3.40
CA TYR A 23 7.78 -3.09 -3.97
C TYR A 23 7.35 -2.25 -5.16
N GLU A 24 6.17 -2.53 -5.68
CA GLU A 24 5.66 -1.73 -6.77
C GLU A 24 4.77 -0.60 -6.27
N ASN A 25 3.52 -0.94 -5.95
CA ASN A 25 2.53 0.05 -5.52
C ASN A 25 1.24 -0.61 -5.10
N VAL A 26 0.32 0.19 -4.56
CA VAL A 26 -0.95 -0.31 -4.06
C VAL A 26 -2.11 0.36 -4.79
N PHE A 27 -3.08 -0.44 -5.15
CA PHE A 27 -4.24 0.04 -5.88
C PHE A 27 -5.50 -0.31 -5.12
N GLN A 28 -6.58 0.32 -5.50
CA GLN A 28 -7.91 0.02 -5.02
C GLN A 28 -8.86 -0.13 -6.21
N ASP A 29 -9.03 -1.37 -6.64
CA ASP A 29 -9.90 -1.79 -7.77
C ASP A 29 -9.35 -1.27 -9.09
N SER A 30 -9.52 -0.01 -9.32
CA SER A 30 -9.09 0.63 -10.53
C SER A 30 -8.41 1.96 -10.20
N ILE A 31 -8.47 2.37 -8.94
CA ILE A 31 -7.90 3.63 -8.53
C ILE A 31 -6.56 3.39 -7.84
N LEU A 32 -5.55 4.09 -8.27
CA LEU A 32 -4.23 3.99 -7.71
C LEU A 32 -4.10 4.83 -6.42
N LEU A 33 -3.55 4.22 -5.36
CA LEU A 33 -3.27 4.96 -4.13
C LEU A 33 -1.99 5.76 -4.28
N GLY A 34 -0.87 5.07 -4.36
CA GLY A 34 0.42 5.74 -4.44
C GLY A 34 1.44 4.86 -5.12
N ASN A 35 2.68 5.30 -5.17
CA ASN A 35 3.79 4.55 -5.87
C ASN A 35 4.96 4.38 -4.96
N PHE A 36 5.59 3.19 -4.96
CA PHE A 36 6.74 2.97 -4.06
C PHE A 36 7.85 3.97 -4.38
N ALA A 37 8.12 4.84 -3.44
CA ALA A 37 9.13 5.84 -3.59
C ALA A 37 10.24 5.65 -2.59
N SER A 38 9.86 5.51 -1.34
CA SER A 38 10.82 5.37 -0.28
C SER A 38 10.43 4.22 0.63
N GLN A 39 11.41 3.52 1.11
CA GLN A 39 11.21 2.49 2.08
C GLN A 39 11.80 2.98 3.37
N GLU A 40 10.99 3.13 4.36
CA GLU A 40 11.42 3.65 5.62
C GLU A 40 11.40 2.51 6.63
N GLY A 41 12.56 1.93 6.85
CA GLY A 41 12.63 0.75 7.66
C GLY A 41 12.02 -0.39 6.88
N ASN A 42 10.99 -0.98 7.41
CA ASN A 42 10.25 -2.00 6.66
C ASN A 42 8.91 -1.41 6.22
N VAL A 43 8.73 -0.14 6.49
CA VAL A 43 7.50 0.55 6.18
C VAL A 43 7.61 1.16 4.80
N LEU A 44 6.62 0.94 4.00
CA LEU A 44 6.65 1.36 2.62
C LEU A 44 5.83 2.60 2.42
N LYS A 45 6.43 3.59 1.80
CA LYS A 45 5.73 4.80 1.49
C LYS A 45 5.50 4.94 -0.02
N TYR A 46 4.23 5.07 -0.38
CA TYR A 46 3.81 5.21 -1.74
C TYR A 46 3.40 6.67 -2.01
N GLU A 47 4.14 7.32 -2.87
CA GLU A 47 3.99 8.74 -3.24
C GLU A 47 3.47 8.86 -4.67
N ASN A 48 2.85 9.99 -4.98
CA ASN A 48 2.48 10.34 -6.37
C ASN A 48 1.49 9.38 -6.99
N GLY A 49 0.47 9.03 -6.23
CA GLY A 49 -0.56 8.18 -6.77
C GLY A 49 -1.52 8.92 -7.66
N GLN A 50 -2.74 8.47 -7.69
CA GLN A 50 -3.75 9.07 -8.51
C GLN A 50 -4.24 10.31 -7.77
N SER A 51 -4.61 11.34 -8.50
CA SER A 51 -5.08 12.59 -7.92
C SER A 51 -6.21 12.34 -6.91
N CYS A 52 -6.10 13.01 -5.77
CA CYS A 52 -7.05 12.84 -4.70
C CYS A 52 -8.36 13.55 -5.07
N ALA A 53 -8.23 14.71 -5.68
CA ALA A 53 -9.32 15.50 -6.19
C ALA A 53 -8.76 16.47 -7.20
N ASN A 54 -8.01 17.43 -6.70
CA ASN A 54 -7.30 18.42 -7.49
C ASN A 54 -6.31 19.13 -6.61
N GLY A 55 -5.09 18.69 -6.67
CA GLY A 55 -4.02 19.27 -5.89
C GLY A 55 -2.86 18.32 -5.82
N PRO A 56 -2.50 17.83 -4.63
CA PRO A 56 -1.48 16.80 -4.50
C PRO A 56 -2.02 15.44 -4.92
N HIS A 57 -1.21 14.44 -4.79
CA HIS A 57 -1.61 13.12 -5.17
C HIS A 57 -1.98 12.31 -3.95
N ARG A 58 -2.66 11.23 -4.18
CA ARG A 58 -3.03 10.33 -3.13
C ARG A 58 -1.79 9.52 -2.75
N SER A 59 -1.78 8.99 -1.57
CA SER A 59 -0.64 8.29 -1.08
C SER A 59 -1.04 7.10 -0.22
N ALA A 60 -0.11 6.22 0.02
CA ALA A 60 -0.35 5.04 0.82
C ALA A 60 0.88 4.74 1.65
N ILE A 61 0.67 4.37 2.87
CA ILE A 61 1.76 4.02 3.75
C ILE A 61 1.47 2.61 4.32
N VAL A 62 2.36 1.67 4.10
CA VAL A 62 2.12 0.31 4.58
C VAL A 62 2.94 0.02 5.81
N THR A 63 2.25 -0.21 6.90
CA THR A 63 2.86 -0.53 8.14
C THR A 63 2.85 -2.03 8.29
N VAL A 64 4.01 -2.64 8.31
CA VAL A 64 4.13 -4.06 8.43
C VAL A 64 4.78 -4.38 9.75
N GLU A 65 4.18 -5.26 10.51
CA GLU A 65 4.73 -5.65 11.80
C GLU A 65 4.98 -7.14 11.89
N CYS A 66 5.17 -7.76 10.72
CA CYS A 66 5.45 -9.20 10.60
C CYS A 66 4.27 -10.09 11.01
N GLY A 67 4.09 -11.16 10.28
CA GLY A 67 3.04 -12.07 10.55
C GLY A 67 3.38 -13.44 10.04
N VAL A 68 2.49 -14.39 10.22
CA VAL A 68 2.70 -15.76 9.76
C VAL A 68 2.27 -15.87 8.30
N GLU A 69 1.35 -15.03 7.92
CA GLU A 69 0.82 -15.00 6.59
C GLU A 69 0.50 -13.56 6.22
N ASN A 70 0.54 -13.24 4.94
CA ASN A 70 0.28 -11.89 4.52
C ASN A 70 -1.20 -11.67 4.33
N GLU A 71 -1.69 -10.63 4.94
CA GLU A 71 -3.06 -10.27 4.87
C GLU A 71 -3.18 -8.79 5.14
N ILE A 72 -3.99 -8.13 4.37
CA ILE A 72 -4.28 -6.74 4.59
C ILE A 72 -5.30 -6.65 5.70
N VAL A 73 -4.89 -6.08 6.80
CA VAL A 73 -5.71 -6.01 7.97
C VAL A 73 -6.75 -4.89 7.82
N SER A 74 -6.28 -3.68 7.65
CA SER A 74 -7.15 -2.53 7.52
C SER A 74 -6.45 -1.42 6.76
N VAL A 75 -7.24 -0.51 6.21
CA VAL A 75 -6.74 0.64 5.50
C VAL A 75 -7.60 1.84 5.88
N LEU A 76 -6.99 2.87 6.40
CA LEU A 76 -7.73 4.05 6.83
C LEU A 76 -7.02 5.32 6.38
N GLU A 77 -7.76 6.27 5.84
CA GLU A 77 -7.17 7.54 5.49
C GLU A 77 -7.23 8.44 6.71
N ALA A 78 -6.09 8.75 7.27
CA ALA A 78 -6.04 9.56 8.46
C ALA A 78 -5.04 10.66 8.28
N GLN A 79 -4.51 10.74 7.11
CA GLN A 79 -3.53 11.69 6.77
C GLN A 79 -3.79 12.12 5.33
N LYS A 80 -3.22 13.28 4.93
CA LYS A 80 -3.48 13.97 3.62
C LYS A 80 -3.63 13.02 2.39
N CYS A 81 -4.86 12.52 2.19
CA CYS A 81 -5.17 11.59 1.09
C CYS A 81 -4.22 10.38 1.13
N GLU A 82 -3.70 10.11 2.33
CA GLU A 82 -2.78 9.07 2.52
C GLU A 82 -3.42 7.99 3.33
N TYR A 83 -3.41 6.82 2.78
CA TYR A 83 -4.05 5.69 3.37
C TYR A 83 -3.09 4.87 4.18
N LEU A 84 -3.45 4.67 5.42
CA LEU A 84 -2.67 3.88 6.34
C LEU A 84 -3.01 2.44 6.09
N ILE A 85 -2.08 1.69 5.58
CA ILE A 85 -2.30 0.30 5.29
C ILE A 85 -1.66 -0.51 6.41
N LYS A 86 -2.43 -1.35 7.00
CA LYS A 86 -1.97 -2.13 8.11
C LYS A 86 -1.77 -3.57 7.61
N MET A 87 -0.55 -4.06 7.64
CA MET A 87 -0.24 -5.40 7.18
C MET A 87 0.75 -6.09 8.06
N LYS A 88 0.95 -7.34 7.76
CA LYS A 88 1.88 -8.19 8.40
C LYS A 88 2.14 -9.35 7.46
N SER A 89 3.38 -9.75 7.33
CA SER A 89 3.76 -10.78 6.40
C SER A 89 5.11 -11.36 6.80
N PRO A 90 5.32 -12.67 6.62
CA PRO A 90 6.61 -13.31 6.91
C PRO A 90 7.68 -12.81 5.93
N ALA A 91 7.23 -12.45 4.73
CA ALA A 91 8.12 -11.99 3.67
C ALA A 91 8.61 -10.57 3.92
N ALA A 92 8.01 -9.92 4.90
CA ALA A 92 8.39 -8.56 5.24
C ALA A 92 8.95 -8.55 6.64
N CYS A 93 8.94 -9.71 7.24
CA CYS A 93 9.41 -9.88 8.59
C CYS A 93 10.93 -9.81 8.59
N SER A 94 11.52 -10.26 7.50
CA SER A 94 12.94 -10.27 7.34
C SER A 94 13.31 -9.82 5.92
N TYR A 1 10.94 2.45 -15.02
CA TYR A 1 10.81 1.23 -15.83
C TYR A 1 11.00 0.01 -14.94
N ARG A 2 10.64 -1.17 -15.49
CA ARG A 2 10.73 -2.49 -14.81
C ARG A 2 9.80 -2.61 -13.59
N ALA A 3 8.83 -3.47 -13.72
CA ALA A 3 7.87 -3.72 -12.67
C ALA A 3 8.14 -5.08 -12.05
N ILE A 4 8.56 -5.08 -10.80
CA ILE A 4 8.84 -6.33 -10.11
C ILE A 4 7.93 -6.41 -8.90
N LYS A 5 7.06 -7.37 -8.89
CA LYS A 5 6.15 -7.48 -7.78
C LYS A 5 6.74 -8.23 -6.65
N GLY A 6 6.54 -7.71 -5.47
CA GLY A 6 7.01 -8.35 -4.28
C GLY A 6 6.05 -9.41 -3.84
N MET A 7 5.10 -9.03 -3.05
CA MET A 7 4.08 -9.91 -2.57
C MET A 7 2.74 -9.26 -2.77
N GLU A 8 2.05 -9.70 -3.78
CA GLU A 8 0.78 -9.16 -4.13
C GLU A 8 -0.30 -9.72 -3.22
N THR A 9 -0.78 -8.92 -2.32
CA THR A 9 -1.86 -9.32 -1.46
C THR A 9 -3.08 -8.47 -1.82
N LYS A 10 -4.26 -9.05 -1.72
CA LYS A 10 -5.46 -8.36 -2.07
C LYS A 10 -6.46 -8.48 -0.99
N ARG A 11 -7.13 -7.42 -0.70
CA ARG A 11 -8.16 -7.46 0.25
C ARG A 11 -9.22 -6.49 -0.21
N GLU A 12 -10.45 -6.85 -0.09
CA GLU A 12 -11.49 -5.98 -0.50
C GLU A 12 -11.93 -5.13 0.68
N ILE A 13 -11.62 -3.87 0.60
CA ILE A 13 -11.86 -2.96 1.69
C ILE A 13 -12.69 -1.77 1.19
N GLY A 14 -13.80 -1.50 1.86
CA GLY A 14 -14.68 -0.40 1.49
C GLY A 14 -15.30 -0.57 0.11
N GLY A 15 -15.37 -1.78 -0.36
CA GLY A 15 -15.95 -2.05 -1.66
C GLY A 15 -14.93 -2.03 -2.78
N TYR A 16 -13.75 -1.60 -2.48
CA TYR A 16 -12.68 -1.56 -3.46
C TYR A 16 -11.54 -2.50 -3.09
N THR A 17 -10.99 -3.12 -4.08
CA THR A 17 -10.01 -4.14 -3.89
C THR A 17 -8.63 -3.56 -3.74
N TYR A 18 -8.07 -3.68 -2.59
CA TYR A 18 -6.76 -3.19 -2.33
C TYR A 18 -5.75 -4.20 -2.73
N LYS A 19 -4.84 -3.79 -3.55
CA LYS A 19 -3.80 -4.64 -4.00
C LYS A 19 -2.52 -4.03 -3.55
N VAL A 20 -1.76 -4.76 -2.80
CA VAL A 20 -0.49 -4.29 -2.37
C VAL A 20 0.53 -5.12 -3.06
N VAL A 21 1.27 -4.50 -3.93
CA VAL A 21 2.24 -5.21 -4.71
C VAL A 21 3.58 -5.33 -4.00
N PHE A 22 3.88 -4.31 -3.17
CA PHE A 22 5.20 -4.19 -2.53
C PHE A 22 6.26 -3.81 -3.54
N TYR A 23 6.90 -2.66 -3.31
CA TYR A 23 8.01 -2.14 -4.13
C TYR A 23 7.53 -1.56 -5.45
N GLU A 24 6.32 -1.88 -5.79
CA GLU A 24 5.68 -1.31 -6.94
C GLU A 24 4.74 -0.20 -6.54
N ASN A 25 3.58 -0.58 -6.02
CA ASN A 25 2.52 0.34 -5.68
C ASN A 25 1.35 -0.37 -5.06
N VAL A 26 0.30 0.39 -4.77
CA VAL A 26 -0.91 -0.15 -4.19
C VAL A 26 -2.10 0.40 -4.95
N PHE A 27 -3.01 -0.46 -5.32
CA PHE A 27 -4.18 -0.08 -6.06
C PHE A 27 -5.42 -0.40 -5.27
N GLN A 28 -6.49 0.23 -5.65
CA GLN A 28 -7.80 -0.09 -5.16
C GLN A 28 -8.74 -0.26 -6.35
N ASP A 29 -8.98 -1.52 -6.68
CA ASP A 29 -9.77 -1.95 -7.84
C ASP A 29 -9.01 -1.63 -9.13
N SER A 30 -9.03 -0.40 -9.51
CA SER A 30 -8.28 0.06 -10.65
C SER A 30 -7.76 1.47 -10.37
N ILE A 31 -8.08 2.00 -9.21
CA ILE A 31 -7.65 3.33 -8.86
C ILE A 31 -6.35 3.22 -8.07
N LEU A 32 -5.35 3.85 -8.57
CA LEU A 32 -4.04 3.82 -7.98
C LEU A 32 -3.93 4.77 -6.77
N LEU A 33 -3.44 4.24 -5.64
CA LEU A 33 -3.17 5.07 -4.45
C LEU A 33 -1.89 5.86 -4.64
N GLY A 34 -0.77 5.18 -4.64
CA GLY A 34 0.50 5.81 -4.77
C GLY A 34 1.51 4.85 -5.35
N ASN A 35 2.74 5.29 -5.54
CA ASN A 35 3.77 4.49 -6.15
C ASN A 35 4.95 4.48 -5.31
N PHE A 36 5.70 3.44 -5.42
CA PHE A 36 6.89 3.29 -4.57
C PHE A 36 7.82 4.47 -4.74
N ALA A 37 7.96 5.22 -3.69
CA ALA A 37 8.83 6.36 -3.68
C ALA A 37 9.95 6.17 -2.69
N SER A 38 9.58 5.74 -1.49
CA SER A 38 10.51 5.67 -0.41
C SER A 38 10.39 4.34 0.33
N GLN A 39 11.47 3.91 0.92
CA GLN A 39 11.55 2.71 1.70
C GLN A 39 12.18 3.07 3.04
N GLU A 40 11.58 2.64 4.11
CA GLU A 40 12.11 2.91 5.42
C GLU A 40 12.06 1.64 6.25
N GLY A 41 13.19 0.97 6.33
CA GLY A 41 13.25 -0.28 7.04
C GLY A 41 12.41 -1.33 6.37
N ASN A 42 11.33 -1.71 7.01
CA ASN A 42 10.43 -2.70 6.46
C ASN A 42 9.14 -2.02 5.98
N VAL A 43 9.08 -0.71 6.16
CA VAL A 43 7.92 0.10 5.79
C VAL A 43 8.15 0.73 4.42
N LEU A 44 7.12 0.75 3.61
CA LEU A 44 7.22 1.31 2.27
C LEU A 44 6.23 2.45 2.10
N LYS A 45 6.67 3.50 1.43
CA LYS A 45 5.84 4.69 1.23
C LYS A 45 5.55 4.82 -0.26
N TYR A 46 4.29 4.96 -0.59
CA TYR A 46 3.86 5.07 -1.95
C TYR A 46 3.16 6.42 -2.20
N GLU A 47 3.73 7.26 -3.05
CA GLU A 47 3.13 8.55 -3.45
C GLU A 47 3.13 8.71 -4.93
N ASN A 48 2.61 9.84 -5.39
CA ASN A 48 2.56 10.19 -6.81
C ASN A 48 1.68 9.20 -7.54
N GLY A 49 0.51 8.96 -7.00
CA GLY A 49 -0.39 8.04 -7.60
C GLY A 49 -1.42 8.75 -8.43
N GLN A 50 -2.61 8.27 -8.38
CA GLN A 50 -3.70 8.83 -9.12
C GLN A 50 -4.24 10.00 -8.29
N SER A 51 -4.41 11.14 -8.93
CA SER A 51 -4.85 12.38 -8.28
C SER A 51 -6.10 12.20 -7.38
N CYS A 52 -6.05 12.84 -6.21
CA CYS A 52 -7.10 12.74 -5.21
C CYS A 52 -8.14 13.81 -5.45
N ALA A 53 -7.76 14.76 -6.34
CA ALA A 53 -8.54 15.93 -6.70
C ALA A 53 -8.47 16.97 -5.59
N ASN A 54 -7.91 18.13 -5.92
CA ASN A 54 -7.73 19.27 -5.00
C ASN A 54 -6.57 19.06 -4.01
N GLY A 55 -6.41 17.85 -3.53
CA GLY A 55 -5.34 17.56 -2.61
C GLY A 55 -4.16 16.95 -3.32
N PRO A 56 -3.27 16.25 -2.61
CA PRO A 56 -2.11 15.60 -3.23
C PRO A 56 -2.53 14.45 -4.16
N HIS A 57 -1.58 13.80 -4.76
CA HIS A 57 -1.86 12.72 -5.71
C HIS A 57 -1.91 11.38 -4.99
N ARG A 58 -2.33 11.46 -3.73
CA ARG A 58 -2.55 10.34 -2.81
C ARG A 58 -1.25 9.72 -2.35
N SER A 59 -1.35 8.99 -1.30
CA SER A 59 -0.23 8.33 -0.73
C SER A 59 -0.72 7.10 -0.02
N ALA A 60 0.11 6.11 0.03
CA ALA A 60 -0.18 4.89 0.69
C ALA A 60 1.04 4.51 1.49
N ILE A 61 0.87 4.38 2.75
CA ILE A 61 1.95 4.06 3.62
C ILE A 61 1.72 2.66 4.18
N VAL A 62 2.54 1.73 3.78
CA VAL A 62 2.35 0.37 4.19
C VAL A 62 3.16 0.10 5.41
N THR A 63 2.47 -0.07 6.50
CA THR A 63 3.09 -0.35 7.74
C THR A 63 2.87 -1.81 8.04
N VAL A 64 3.94 -2.54 8.09
CA VAL A 64 3.87 -3.93 8.37
C VAL A 64 4.29 -4.21 9.79
N GLU A 65 3.45 -4.93 10.48
CA GLU A 65 3.68 -5.31 11.85
C GLU A 65 4.03 -6.79 11.96
N CYS A 66 4.19 -7.38 10.77
CA CYS A 66 4.60 -8.77 10.55
C CYS A 66 3.61 -9.81 11.09
N GLY A 67 3.58 -10.94 10.42
CA GLY A 67 2.70 -12.00 10.80
C GLY A 67 3.23 -13.31 10.30
N VAL A 68 2.45 -14.35 10.43
CA VAL A 68 2.84 -15.67 9.96
C VAL A 68 2.32 -15.85 8.53
N GLU A 69 1.40 -15.02 8.17
CA GLU A 69 0.75 -15.07 6.89
C GLU A 69 0.68 -13.66 6.31
N ASN A 70 0.50 -13.58 5.01
CA ASN A 70 0.32 -12.28 4.34
C ASN A 70 -1.13 -11.92 4.37
N GLU A 71 -1.45 -10.80 4.96
CA GLU A 71 -2.81 -10.36 5.00
C GLU A 71 -2.86 -8.85 5.19
N ILE A 72 -3.83 -8.25 4.55
CA ILE A 72 -4.09 -6.84 4.69
C ILE A 72 -5.15 -6.69 5.78
N VAL A 73 -4.80 -6.00 6.84
CA VAL A 73 -5.68 -5.87 7.97
C VAL A 73 -6.65 -4.71 7.77
N SER A 74 -6.12 -3.51 7.69
CA SER A 74 -6.94 -2.32 7.58
C SER A 74 -6.26 -1.27 6.74
N VAL A 75 -7.05 -0.38 6.17
CA VAL A 75 -6.55 0.77 5.44
C VAL A 75 -7.40 1.94 5.86
N LEU A 76 -6.77 2.96 6.38
CA LEU A 76 -7.50 4.11 6.89
C LEU A 76 -6.93 5.40 6.33
N GLU A 77 -7.80 6.29 5.88
CA GLU A 77 -7.38 7.58 5.42
C GLU A 77 -7.36 8.52 6.62
N ALA A 78 -6.24 8.58 7.27
CA ALA A 78 -6.11 9.41 8.45
C ALA A 78 -5.38 10.69 8.13
N GLN A 79 -4.69 10.69 7.02
CA GLN A 79 -3.91 11.84 6.64
C GLN A 79 -4.26 12.24 5.22
N LYS A 80 -3.78 13.40 4.81
CA LYS A 80 -4.07 14.07 3.50
C LYS A 80 -4.06 13.13 2.28
N CYS A 81 -5.23 12.50 2.02
CA CYS A 81 -5.36 11.52 0.94
C CYS A 81 -4.32 10.40 1.11
N GLU A 82 -3.84 10.20 2.33
CA GLU A 82 -2.84 9.22 2.60
C GLU A 82 -3.48 8.05 3.28
N TYR A 83 -3.27 6.91 2.72
CA TYR A 83 -3.88 5.71 3.15
C TYR A 83 -2.92 4.89 3.98
N LEU A 84 -3.26 4.76 5.24
CA LEU A 84 -2.47 3.97 6.17
C LEU A 84 -2.80 2.53 5.93
N ILE A 85 -1.84 1.77 5.48
CA ILE A 85 -2.10 0.39 5.18
C ILE A 85 -1.48 -0.48 6.24
N LYS A 86 -2.27 -1.34 6.81
CA LYS A 86 -1.79 -2.30 7.76
C LYS A 86 -1.73 -3.65 7.17
N MET A 87 -0.56 -4.19 7.17
CA MET A 87 -0.34 -5.52 6.72
C MET A 87 0.55 -6.21 7.66
N LYS A 88 0.47 -7.47 7.63
CA LYS A 88 1.32 -8.29 8.37
C LYS A 88 1.63 -9.47 7.51
N SER A 89 2.87 -9.84 7.51
CA SER A 89 3.35 -10.91 6.69
C SER A 89 4.68 -11.37 7.24
N PRO A 90 5.11 -12.61 6.95
CA PRO A 90 6.44 -13.09 7.36
C PRO A 90 7.54 -12.29 6.65
N ALA A 91 7.17 -11.76 5.48
CA ALA A 91 8.07 -10.95 4.66
C ALA A 91 8.27 -9.57 5.29
N ALA A 92 7.56 -9.30 6.37
CA ALA A 92 7.71 -8.07 7.09
C ALA A 92 8.75 -8.23 8.19
N CYS A 93 8.92 -9.46 8.67
CA CYS A 93 9.95 -9.75 9.65
C CYS A 93 11.30 -9.88 8.97
N SER A 94 11.27 -10.32 7.73
CA SER A 94 12.46 -10.48 6.94
C SER A 94 12.39 -9.54 5.74
#